data_2WYL
#
_entry.id   2WYL
#
_cell.length_a   103.610
_cell.length_b   178.560
_cell.length_c   112.420
_cell.angle_alpha   90.00
_cell.angle_beta   103.82
_cell.angle_gamma   90.00
#
_symmetry.space_group_name_H-M   'C 1 2 1'
#
loop_
_entity.id
_entity.type
_entity.pdbx_description
1 polymer 'L-ASCORBATE-6-PHOSPHATE LACTONASE ULAG'
2 non-polymer GLYCEROL
3 non-polymer 'FORMYL GROUP'
4 water water
#
_entity_poly.entity_id   1
_entity_poly.type   'polypeptide(L)'
_entity_poly.pdbx_seq_one_letter_code
;(MSE)SKVKSITRESWILSTFPEWGSWLNEEIEQEQVAPGTFA(MSE)WWLGCTGIWLKSEGGTNVCVDFWCGTGKQSHG
NPL(MSE)KQGHQ(MSE)QR(MSE)AGVKKLQPNLRTTPFVLDPFAIRQIDAVLATHDHNDHIDVNVAAAV(MSE)QNCA
DDVPFIGPKTCVDLWIGWGVPKERCIVVKPGDVVKVKDIEIHALDAFDRTALITLPADQKAAGVLPDG(MSE)DDRAVNY
LFKTPGGSLYHSGDSHYSNYYAKHGNEHQIDVALGSYGENPRGITDK(MSE)TSAD(MSE)LR(MSE)GEALNAKVVIPF
HHDIWSNFQADPQEIRVLWE(MSE)KKDRLKYGFKPFIWQVGGKFTWPLDKDNFEYHYPRGFDDCFTIEPDLPFKSFLHH
HHHH
;
_entity_poly.pdbx_strand_id   A,B,C,D,E,F
#
loop_
_chem_comp.id
_chem_comp.type
_chem_comp.name
_chem_comp.formula
FOR non-polymer 'FORMYL GROUP' 'C H2 O'
GOL non-polymer GLYCEROL 'C3 H8 O3'
#
# COMPACT_ATOMS: atom_id res chain seq x y z
N MSE A 1 -29.92 26.84 47.25
CA MSE A 1 -29.70 25.37 47.12
C MSE A 1 -28.68 25.07 46.02
O MSE A 1 -28.73 25.64 44.93
CB MSE A 1 -31.02 24.66 46.82
CG MSE A 1 -31.05 23.21 47.27
SE MSE A 1 -32.67 22.28 46.70
CE MSE A 1 -32.62 20.75 47.91
N SER A 2 -27.77 24.14 46.32
CA SER A 2 -26.66 23.80 45.42
C SER A 2 -27.11 23.08 44.16
N LYS A 3 -26.32 23.20 43.10
CA LYS A 3 -26.58 22.54 41.81
C LYS A 3 -26.61 21.01 41.95
N VAL A 4 -25.66 20.48 42.72
CA VAL A 4 -25.55 19.05 43.00
C VAL A 4 -26.83 18.48 43.63
N LYS A 5 -27.48 19.27 44.48
CA LYS A 5 -28.66 18.84 45.22
C LYS A 5 -29.95 19.04 44.43
N SER A 6 -29.91 19.88 43.40
CA SER A 6 -31.10 20.25 42.63
C SER A 6 -31.25 19.53 41.28
N ILE A 7 -30.15 19.41 40.54
CA ILE A 7 -30.13 18.77 39.22
C ILE A 7 -30.70 17.34 39.26
N THR A 8 -31.64 17.07 38.36
CA THR A 8 -32.22 15.73 38.21
C THR A 8 -31.79 15.09 36.88
N ARG A 9 -32.14 13.82 36.70
CA ARG A 9 -31.89 13.10 35.45
C ARG A 9 -32.60 13.77 34.28
N GLU A 10 -33.85 14.18 34.51
CA GLU A 10 -34.68 14.82 33.47
C GLU A 10 -34.13 16.17 33.03
N SER A 11 -33.68 16.98 34.00
CA SER A 11 -33.15 18.31 33.71
C SER A 11 -31.86 18.25 32.89
N TRP A 12 -31.06 17.20 33.13
CA TRP A 12 -29.86 16.95 32.35
C TRP A 12 -30.22 16.56 30.91
N ILE A 13 -31.08 15.55 30.77
CA ILE A 13 -31.50 15.07 29.46
C ILE A 13 -32.13 16.18 28.61
N LEU A 14 -33.00 16.97 29.22
CA LEU A 14 -33.74 18.02 28.49
C LEU A 14 -32.89 19.22 28.06
N SER A 15 -31.70 19.34 28.65
CA SER A 15 -30.79 20.44 28.33
C SER A 15 -29.52 19.98 27.60
N THR A 16 -29.50 18.71 27.20
CA THR A 16 -28.34 18.13 26.54
C THR A 16 -28.68 17.57 25.15
N PHE A 17 -29.87 17.01 25.05
CA PHE A 17 -30.31 16.32 23.82
C PHE A 17 -31.40 17.11 23.09
N PRO A 18 -31.46 16.99 21.74
CA PRO A 18 -30.52 16.27 20.86
C PRO A 18 -29.16 16.97 20.81
N GLU A 19 -28.11 16.19 20.60
CA GLU A 19 -26.72 16.66 20.70
C GLU A 19 -26.41 17.95 19.94
N TRP A 20 -26.90 18.03 18.71
CA TRP A 20 -26.60 19.17 17.84
C TRP A 20 -27.59 20.32 18.06
N GLY A 21 -28.62 20.07 18.85
CA GLY A 21 -29.65 21.07 19.12
C GLY A 21 -30.44 21.36 17.85
N SER A 22 -30.45 22.64 17.46
CA SER A 22 -31.09 23.07 16.22
C SER A 22 -30.07 23.66 15.22
N TRP A 23 -28.79 23.36 15.46
CA TRP A 23 -27.70 23.88 14.62
C TRP A 23 -27.89 23.56 13.14
N LEU A 24 -28.21 22.31 12.84
CA LEU A 24 -28.38 21.85 11.45
C LEU A 24 -29.70 22.31 10.86
N ASN A 25 -30.73 22.38 11.71
CA ASN A 25 -32.02 22.95 11.33
C ASN A 25 -31.87 24.36 10.76
N GLU A 26 -31.04 25.17 11.44
CA GLU A 26 -30.76 26.54 11.04
C GLU A 26 -29.89 26.62 9.78
N GLU A 27 -28.88 25.75 9.70
CA GLU A 27 -27.98 25.70 8.55
C GLU A 27 -28.73 25.38 7.26
N ILE A 28 -29.63 24.40 7.32
CA ILE A 28 -30.48 24.00 6.19
C ILE A 28 -31.39 25.15 5.75
N GLU A 29 -32.01 25.82 6.72
CA GLU A 29 -32.89 26.96 6.46
C GLU A 29 -32.14 28.11 5.79
N GLN A 30 -30.94 28.40 6.28
CA GLN A 30 -30.13 29.51 5.77
C GLN A 30 -29.47 29.20 4.43
N GLU A 31 -29.29 27.91 4.12
CA GLU A 31 -28.56 27.49 2.92
C GLU A 31 -29.20 28.00 1.63
N GLN A 32 -28.41 28.76 0.87
CA GLN A 32 -28.82 29.25 -0.45
C GLN A 32 -28.26 28.33 -1.53
N VAL A 33 -29.11 27.44 -2.03
CA VAL A 33 -28.69 26.46 -3.04
C VAL A 33 -28.53 27.16 -4.39
N ALA A 34 -27.29 27.19 -4.88
CA ALA A 34 -26.96 27.82 -6.15
C ALA A 34 -27.63 27.10 -7.33
N PRO A 35 -28.05 27.87 -8.35
CA PRO A 35 -28.62 27.28 -9.57
C PRO A 35 -27.65 26.30 -10.24
N GLY A 36 -28.17 25.17 -10.70
CA GLY A 36 -27.35 24.13 -11.32
C GLY A 36 -26.80 23.12 -10.33
N THR A 37 -27.19 23.26 -9.06
CA THR A 37 -26.72 22.37 -8.00
C THR A 37 -27.86 21.92 -7.09
N PHE A 38 -27.61 20.89 -6.29
CA PHE A 38 -28.47 20.59 -5.14
C PHE A 38 -27.67 20.36 -3.86
N ALA A 39 -28.19 20.87 -2.74
CA ALA A 39 -27.62 20.64 -1.42
C ALA A 39 -28.26 19.39 -0.79
N MSE A 40 -27.55 18.80 0.16
CA MSE A 40 -27.95 17.52 0.73
C MSE A 40 -27.28 17.28 2.08
O MSE A 40 -26.10 17.59 2.25
CB MSE A 40 -27.55 16.41 -0.25
CG MSE A 40 -28.08 15.05 0.07
SE MSE A 40 -27.16 13.78 -1.07
CE MSE A 40 -27.85 12.16 -0.29
N TRP A 41 -28.03 16.72 3.03
CA TRP A 41 -27.52 16.45 4.37
C TRP A 41 -27.81 15.03 4.83
N TRP A 42 -26.78 14.37 5.38
CA TRP A 42 -26.93 13.04 5.95
C TRP A 42 -27.44 13.16 7.37
N LEU A 43 -28.66 12.69 7.60
CA LEU A 43 -29.33 12.85 8.89
C LEU A 43 -29.09 11.67 9.84
N GLY A 44 -28.37 10.67 9.35
CA GLY A 44 -28.10 9.46 10.12
C GLY A 44 -28.78 8.27 9.48
N CYS A 45 -28.16 7.09 9.61
CA CYS A 45 -28.69 5.87 9.01
C CYS A 45 -28.91 6.06 7.50
N THR A 46 -30.16 6.17 7.06
CA THR A 46 -30.46 6.48 5.66
C THR A 46 -31.23 7.79 5.50
N GLY A 47 -31.29 8.55 6.59
CA GLY A 47 -32.00 9.84 6.61
C GLY A 47 -31.28 10.88 5.77
N ILE A 48 -32.00 11.41 4.78
CA ILE A 48 -31.45 12.41 3.87
C ILE A 48 -32.36 13.63 3.79
N TRP A 49 -31.78 14.81 4.01
CA TRP A 49 -32.47 16.05 3.71
C TRP A 49 -31.93 16.58 2.38
N LEU A 50 -32.84 16.91 1.47
CA LEU A 50 -32.50 17.37 0.13
C LEU A 50 -33.14 18.73 -0.16
N LYS A 51 -32.33 19.67 -0.62
CA LYS A 51 -32.80 21.03 -0.93
C LYS A 51 -32.38 21.42 -2.34
N SER A 52 -33.37 21.61 -3.22
CA SER A 52 -33.12 21.98 -4.61
C SER A 52 -32.80 23.47 -4.78
N GLU A 53 -32.49 23.87 -6.00
CA GLU A 53 -32.17 25.27 -6.30
C GLU A 53 -33.35 26.22 -6.13
N GLY A 54 -34.56 25.70 -6.36
CA GLY A 54 -35.79 26.46 -6.18
C GLY A 54 -36.24 26.61 -4.74
N GLY A 55 -35.51 25.98 -3.82
CA GLY A 55 -35.81 26.09 -2.39
C GLY A 55 -36.67 24.96 -1.83
N THR A 56 -36.97 23.97 -2.67
CA THR A 56 -37.78 22.83 -2.28
C THR A 56 -37.04 21.93 -1.30
N ASN A 57 -37.67 21.67 -0.15
CA ASN A 57 -37.11 20.80 0.88
C ASN A 57 -37.79 19.44 0.92
N VAL A 58 -36.97 18.39 0.96
CA VAL A 58 -37.46 17.01 0.94
C VAL A 58 -36.72 16.17 1.98
N CYS A 59 -37.47 15.42 2.78
CA CYS A 59 -36.92 14.63 3.88
C CYS A 59 -37.22 13.15 3.66
N VAL A 60 -36.16 12.34 3.54
CA VAL A 60 -36.29 10.92 3.23
C VAL A 60 -35.70 10.02 4.31
N ASP A 61 -36.46 9.01 4.73
CA ASP A 61 -36.00 7.98 5.67
C ASP A 61 -35.43 8.50 6.99
N PHE A 62 -35.91 9.68 7.40
CA PHE A 62 -35.44 10.33 8.63
C PHE A 62 -35.91 9.55 9.84
N TRP A 63 -34.94 9.12 10.67
CA TRP A 63 -35.22 8.23 11.78
C TRP A 63 -34.65 8.78 13.08
N CYS A 64 -35.49 8.85 14.11
CA CYS A 64 -35.11 9.45 15.39
C CYS A 64 -35.28 8.51 16.58
N GLY A 65 -35.14 7.21 16.32
CA GLY A 65 -35.18 6.22 17.38
C GLY A 65 -33.78 5.84 17.83
N THR A 66 -33.71 4.88 18.74
CA THR A 66 -32.43 4.34 19.21
C THR A 66 -32.45 2.81 19.23
N GLY A 67 -31.34 2.20 19.63
CA GLY A 67 -31.24 0.74 19.71
C GLY A 67 -31.56 0.23 21.09
N LYS A 68 -30.89 -0.87 21.47
CA LYS A 68 -31.07 -1.47 22.79
C LYS A 68 -30.75 -0.44 23.88
N GLN A 69 -31.55 -0.46 24.94
CA GLN A 69 -31.35 0.43 26.08
C GLN A 69 -31.19 -0.34 27.37
N SER A 70 -31.38 -1.65 27.29
CA SER A 70 -31.24 -2.57 28.42
C SER A 70 -31.07 -4.01 27.91
N HIS A 71 -30.69 -4.91 28.81
CA HIS A 71 -30.50 -6.32 28.47
C HIS A 71 -31.77 -7.14 28.61
N GLY A 72 -32.18 -7.40 29.85
CA GLY A 72 -33.39 -8.18 30.14
C GLY A 72 -33.16 -9.65 30.43
N ASN A 73 -32.34 -10.30 29.61
CA ASN A 73 -32.14 -11.76 29.72
C ASN A 73 -30.68 -12.18 29.53
N LYS A 90 -30.81 -14.00 22.40
CA LYS A 90 -31.84 -14.11 21.38
C LYS A 90 -31.78 -12.94 20.39
N LEU A 91 -32.08 -11.74 20.88
CA LEU A 91 -32.07 -10.53 20.06
C LEU A 91 -30.64 -10.08 19.78
N GLN A 92 -30.47 -9.30 18.71
CA GLN A 92 -29.15 -8.76 18.35
C GLN A 92 -28.74 -7.61 19.28
N PRO A 93 -27.42 -7.45 19.51
CA PRO A 93 -26.94 -6.36 20.36
C PRO A 93 -26.72 -5.07 19.56
N ASN A 94 -27.81 -4.49 19.06
CA ASN A 94 -27.73 -3.25 18.29
C ASN A 94 -27.85 -2.00 19.15
N LEU A 95 -26.72 -1.31 19.29
CA LEU A 95 -26.67 -0.02 19.97
C LEU A 95 -26.48 1.07 18.92
N ARG A 96 -27.27 2.15 19.05
CA ARG A 96 -27.15 3.29 18.14
C ARG A 96 -25.84 4.00 18.44
N THR A 97 -25.01 4.14 17.41
CA THR A 97 -23.66 4.71 17.56
C THR A 97 -23.55 6.05 16.86
N THR A 98 -24.69 6.62 16.50
CA THR A 98 -24.74 7.93 15.85
C THR A 98 -25.47 8.92 16.77
N PRO A 99 -24.90 10.13 16.94
CA PRO A 99 -25.60 11.19 17.67
C PRO A 99 -26.82 11.71 16.90
N PHE A 100 -27.54 12.66 17.48
CA PHE A 100 -28.70 13.25 16.84
C PHE A 100 -28.39 14.61 16.23
N VAL A 101 -28.17 14.62 14.93
CA VAL A 101 -27.72 15.82 14.21
C VAL A 101 -28.86 16.80 13.90
N LEU A 102 -30.09 16.32 13.86
CA LEU A 102 -31.24 17.14 13.50
C LEU A 102 -32.40 16.93 14.47
N ASP A 103 -32.95 18.03 14.95
CA ASP A 103 -34.14 18.01 15.81
C ASP A 103 -35.40 18.04 14.94
N PRO A 104 -36.17 16.95 14.93
CA PRO A 104 -37.42 16.86 14.14
C PRO A 104 -38.44 17.94 14.54
N PHE A 105 -38.49 18.27 15.82
CA PHE A 105 -39.44 19.25 16.35
C PHE A 105 -39.04 20.69 16.07
N ALA A 106 -37.88 20.88 15.47
CA ALA A 106 -37.41 22.20 15.03
C ALA A 106 -37.61 22.40 13.52
N ILE A 107 -38.14 21.39 12.85
CA ILE A 107 -38.47 21.47 11.42
C ILE A 107 -39.63 22.44 11.21
N ARG A 108 -39.45 23.37 10.27
CA ARG A 108 -40.49 24.32 9.89
C ARG A 108 -40.72 24.30 8.38
N GLN A 109 -39.69 24.64 7.60
CA GLN A 109 -39.79 24.60 6.15
C GLN A 109 -39.59 23.18 5.61
N ILE A 110 -40.65 22.62 5.05
CA ILE A 110 -40.62 21.29 4.43
C ILE A 110 -41.70 21.17 3.36
N ASP A 111 -41.39 20.47 2.27
CA ASP A 111 -42.34 20.28 1.18
C ASP A 111 -42.86 18.84 1.08
N ALA A 112 -42.05 17.87 1.51
CA ALA A 112 -42.45 16.46 1.49
C ALA A 112 -41.69 15.59 2.49
N VAL A 113 -42.39 14.64 3.07
CA VAL A 113 -41.79 13.59 3.91
C VAL A 113 -41.90 12.27 3.15
N LEU A 114 -40.80 11.53 3.08
CA LEU A 114 -40.79 10.26 2.35
C LEU A 114 -40.22 9.09 3.16
N ALA A 115 -40.65 7.88 2.80
CA ALA A 115 -40.12 6.65 3.37
C ALA A 115 -39.95 5.61 2.27
N THR A 116 -38.84 4.87 2.33
CA THR A 116 -38.55 3.84 1.33
C THR A 116 -39.28 2.53 1.62
N HIS A 117 -39.21 2.07 2.88
CA HIS A 117 -39.98 0.91 3.33
C HIS A 117 -40.42 0.99 4.80
N ASP A 118 -41.24 0.03 5.21
CA ASP A 118 -41.87 0.05 6.53
C ASP A 118 -40.94 -0.31 7.70
N HIS A 119 -39.71 -0.71 7.38
CA HIS A 119 -38.75 -1.13 8.40
C HIS A 119 -38.56 -0.07 9.49
N ASN A 120 -38.32 -0.55 10.71
CA ASN A 120 -38.19 0.31 11.89
C ASN A 120 -37.21 1.48 11.72
N ASP A 121 -36.08 1.21 11.07
CA ASP A 121 -35.00 2.19 10.94
C ASP A 121 -35.26 3.27 9.91
N HIS A 122 -36.37 3.17 9.19
CA HIS A 122 -36.60 4.03 8.01
C HIS A 122 -37.84 4.91 8.12
N ILE A 123 -38.65 4.65 9.13
CA ILE A 123 -39.88 5.42 9.37
C ILE A 123 -40.03 5.70 10.86
N ASP A 124 -40.50 6.91 11.19
CA ASP A 124 -40.47 7.37 12.58
C ASP A 124 -41.73 8.12 13.00
N VAL A 125 -42.36 7.63 14.06
CA VAL A 125 -43.59 8.21 14.61
C VAL A 125 -43.38 9.63 15.16
N ASN A 126 -42.21 9.86 15.76
CA ASN A 126 -41.86 11.16 16.33
C ASN A 126 -41.60 12.23 15.26
N VAL A 127 -41.04 11.81 14.13
CA VAL A 127 -40.84 12.69 12.99
C VAL A 127 -42.20 13.08 12.40
N ALA A 128 -43.07 12.09 12.23
CA ALA A 128 -44.44 12.32 11.75
C ALA A 128 -45.21 13.25 12.69
N ALA A 129 -45.08 13.02 13.99
CA ALA A 129 -45.72 13.86 15.01
C ALA A 129 -45.25 15.30 14.92
N ALA A 130 -43.92 15.49 14.81
CA ALA A 130 -43.31 16.81 14.73
C ALA A 130 -43.80 17.61 13.52
N VAL A 131 -43.89 16.95 12.37
CA VAL A 131 -44.36 17.57 11.13
C VAL A 131 -45.83 17.97 11.23
N MSE A 132 -46.64 17.10 11.83
CA MSE A 132 -48.08 17.35 11.98
C MSE A 132 -48.39 18.54 12.87
O MSE A 132 -49.41 19.21 12.70
CB MSE A 132 -48.80 16.11 12.52
CG MSE A 132 -50.14 15.87 11.87
SE MSE A 132 -49.91 15.37 10.01
CE MSE A 132 -48.87 13.76 10.32
N GLN A 133 -47.51 18.79 13.84
CA GLN A 133 -47.69 19.84 14.83
C GLN A 133 -47.11 21.18 14.37
N ASN A 134 -45.99 21.13 13.64
CA ASN A 134 -45.19 22.33 13.35
C ASN A 134 -45.25 22.84 11.90
N CYS A 135 -45.60 21.96 10.96
CA CYS A 135 -45.49 22.29 9.54
C CYS A 135 -46.83 22.63 8.87
N ALA A 136 -46.80 22.84 7.56
CA ALA A 136 -47.97 23.27 6.80
C ALA A 136 -49.06 22.21 6.70
N ASP A 137 -50.27 22.65 6.34
CA ASP A 137 -51.46 21.80 6.19
C ASP A 137 -51.41 20.85 5.00
N ASP A 138 -50.57 21.14 4.01
CA ASP A 138 -50.59 20.42 2.74
C ASP A 138 -49.32 19.60 2.45
N VAL A 139 -48.47 19.41 3.46
CA VAL A 139 -47.24 18.64 3.31
C VAL A 139 -47.55 17.15 3.22
N PRO A 140 -47.24 16.53 2.06
CA PRO A 140 -47.56 15.13 1.83
C PRO A 140 -46.60 14.12 2.45
N PHE A 141 -47.14 12.95 2.79
CA PHE A 141 -46.37 11.81 3.27
C PHE A 141 -46.32 10.76 2.17
N ILE A 142 -45.19 10.71 1.46
CA ILE A 142 -45.04 9.82 0.31
C ILE A 142 -44.34 8.53 0.72
N GLY A 143 -44.95 7.39 0.36
CA GLY A 143 -44.38 6.08 0.63
C GLY A 143 -45.21 4.96 0.04
N PRO A 144 -44.68 3.72 0.07
CA PRO A 144 -45.45 2.55 -0.36
C PRO A 144 -46.65 2.31 0.56
N LYS A 145 -47.59 1.47 0.10
CA LYS A 145 -48.81 1.15 0.83
C LYS A 145 -48.59 0.93 2.34
N THR A 146 -47.66 0.05 2.68
CA THR A 146 -47.40 -0.34 4.07
C THR A 146 -46.92 0.82 4.96
N CYS A 147 -46.19 1.77 4.38
CA CYS A 147 -45.76 2.97 5.09
C CYS A 147 -46.92 3.92 5.30
N VAL A 148 -47.80 3.99 4.31
CA VAL A 148 -49.02 4.79 4.38
C VAL A 148 -49.95 4.20 5.45
N ASP A 149 -50.10 2.88 5.46
CA ASP A 149 -50.88 2.18 6.49
C ASP A 149 -50.37 2.49 7.88
N LEU A 150 -49.05 2.42 8.05
CA LEU A 150 -48.40 2.73 9.31
C LEU A 150 -48.60 4.19 9.70
N TRP A 151 -48.44 5.09 8.74
CA TRP A 151 -48.68 6.53 8.95
C TRP A 151 -50.13 6.79 9.38
N ILE A 152 -51.07 6.28 8.60
CA ILE A 152 -52.51 6.44 8.89
C ILE A 152 -52.85 6.03 10.32
N GLY A 153 -52.30 4.89 10.75
CA GLY A 153 -52.51 4.39 12.11
C GLY A 153 -51.97 5.31 13.20
N TRP A 154 -50.85 5.97 12.94
CA TRP A 154 -50.25 6.90 13.89
C TRP A 154 -51.05 8.19 14.06
N GLY A 155 -52.01 8.41 13.16
CA GLY A 155 -52.89 9.57 13.24
C GLY A 155 -52.71 10.55 12.10
N VAL A 156 -51.81 10.21 11.17
CA VAL A 156 -51.64 10.98 9.95
C VAL A 156 -52.92 10.81 9.14
N PRO A 157 -53.54 11.92 8.80
CA PRO A 157 -54.73 11.89 7.99
C PRO A 157 -54.37 11.33 6.68
N LYS A 158 -55.29 10.67 6.02
CA LYS A 158 -54.95 9.97 4.82
C LYS A 158 -54.94 10.87 3.64
N GLU A 159 -55.46 12.06 3.79
CA GLU A 159 -55.50 13.01 2.73
C GLU A 159 -54.16 13.65 2.55
N ARG A 160 -53.33 13.48 3.54
CA ARG A 160 -52.01 13.96 3.48
C ARG A 160 -51.04 12.87 3.05
N CYS A 161 -51.56 11.70 2.74
CA CYS A 161 -50.68 10.61 2.31
C CYS A 161 -50.75 10.36 0.80
N ILE A 162 -49.61 10.02 0.21
CA ILE A 162 -49.53 9.61 -1.19
C ILE A 162 -48.89 8.23 -1.29
N VAL A 163 -49.66 7.27 -1.80
CA VAL A 163 -49.16 5.91 -2.01
C VAL A 163 -48.38 5.87 -3.31
N VAL A 164 -47.22 5.24 -3.29
CA VAL A 164 -46.40 5.07 -4.49
C VAL A 164 -45.99 3.62 -4.77
N LYS A 165 -46.13 3.22 -6.03
CA LYS A 165 -45.67 1.94 -6.52
C LYS A 165 -44.50 2.22 -7.48
N PRO A 166 -43.63 1.22 -7.74
CA PRO A 166 -42.62 1.38 -8.77
C PRO A 166 -43.25 1.73 -10.11
N GLY A 167 -42.76 2.81 -10.73
CA GLY A 167 -43.30 3.32 -11.98
C GLY A 167 -43.91 4.72 -11.84
N ASP A 168 -44.39 5.01 -10.63
CA ASP A 168 -45.07 6.28 -10.34
C ASP A 168 -44.11 7.46 -10.29
N VAL A 169 -44.62 8.63 -10.65
CA VAL A 169 -43.88 9.89 -10.57
C VAL A 169 -44.68 10.88 -9.74
N VAL A 170 -44.03 11.54 -8.78
CA VAL A 170 -44.67 12.57 -7.96
C VAL A 170 -43.87 13.87 -8.07
N LYS A 171 -44.53 14.92 -8.56
CA LYS A 171 -43.90 16.22 -8.73
C LYS A 171 -44.15 17.11 -7.51
N VAL A 172 -43.13 17.25 -6.66
CA VAL A 172 -43.21 18.11 -5.49
C VAL A 172 -42.46 19.41 -5.78
N LYS A 173 -43.21 20.49 -5.97
CA LYS A 173 -42.67 21.80 -6.32
C LYS A 173 -41.61 21.74 -7.44
N ASP A 174 -40.35 21.60 -7.04
CA ASP A 174 -39.19 21.68 -7.93
C ASP A 174 -38.57 20.32 -8.20
N ILE A 175 -38.95 19.32 -7.40
CA ILE A 175 -38.34 18.00 -7.43
C ILE A 175 -39.27 16.95 -8.03
N GLU A 176 -38.81 16.32 -9.10
CA GLU A 176 -39.52 15.22 -9.73
C GLU A 176 -39.06 13.93 -9.06
N ILE A 177 -39.94 13.34 -8.24
CA ILE A 177 -39.62 12.13 -7.51
C ILE A 177 -40.11 10.89 -8.26
N HIS A 178 -39.16 10.07 -8.70
CA HIS A 178 -39.47 8.83 -9.39
C HIS A 178 -39.41 7.65 -8.42
N ALA A 179 -40.52 6.92 -8.30
CA ALA A 179 -40.56 5.72 -7.49
C ALA A 179 -40.18 4.52 -8.34
N LEU A 180 -39.14 3.80 -7.91
CA LEU A 180 -38.59 2.69 -8.67
C LEU A 180 -38.59 1.41 -7.85
N ASP A 181 -38.10 0.33 -8.46
CA ASP A 181 -38.10 -0.99 -7.83
C ASP A 181 -37.06 -1.07 -6.70
N ALA A 182 -37.51 -1.57 -5.55
CA ALA A 182 -36.61 -1.91 -4.45
C ALA A 182 -36.38 -3.43 -4.45
N PHE A 183 -35.44 -3.89 -3.62
CA PHE A 183 -34.96 -5.27 -3.71
C PHE A 183 -34.77 -5.95 -2.36
N ASP A 184 -35.16 -7.23 -2.29
CA ASP A 184 -34.92 -8.10 -1.14
C ASP A 184 -34.08 -9.31 -1.57
N ARG A 185 -33.89 -10.25 -0.65
CA ARG A 185 -33.22 -11.51 -0.95
C ARG A 185 -34.17 -12.69 -0.83
N GLY A 204 -47.10 -8.03 -2.91
CA GLY A 204 -45.75 -8.55 -2.66
C GLY A 204 -44.77 -7.44 -2.32
N MSE A 205 -43.75 -7.31 -3.17
CA MSE A 205 -42.68 -6.32 -2.98
C MSE A 205 -43.11 -4.88 -3.26
O MSE A 205 -42.67 -3.94 -2.57
CB MSE A 205 -41.45 -6.68 -3.82
CG MSE A 205 -40.32 -7.32 -3.03
SE MSE A 205 -39.55 -6.14 -1.66
CE MSE A 205 -39.28 -4.54 -2.74
N ASP A 206 -43.95 -4.69 -4.28
CA ASP A 206 -44.42 -3.36 -4.70
C ASP A 206 -45.18 -2.60 -3.62
N ASP A 207 -45.83 -3.35 -2.73
CA ASP A 207 -46.59 -2.76 -1.63
C ASP A 207 -45.75 -2.59 -0.35
N ARG A 208 -44.51 -3.08 -0.39
CA ARG A 208 -43.62 -3.08 0.78
C ARG A 208 -42.49 -2.06 0.73
N ALA A 209 -41.82 -1.93 -0.42
CA ALA A 209 -40.64 -1.07 -0.55
C ALA A 209 -40.46 -0.47 -1.94
N VAL A 210 -39.97 0.77 -1.97
CA VAL A 210 -39.61 1.45 -3.23
C VAL A 210 -38.26 2.14 -3.14
N ASN A 211 -37.61 2.32 -4.29
CA ASN A 211 -36.42 3.15 -4.42
C ASN A 211 -36.78 4.49 -5.02
N TYR A 212 -36.07 5.53 -4.63
CA TYR A 212 -36.36 6.88 -5.12
C TYR A 212 -35.26 7.41 -6.01
N LEU A 213 -35.66 8.03 -7.12
CA LEU A 213 -34.76 8.87 -7.90
C LEU A 213 -35.31 10.29 -7.90
N PHE A 214 -34.59 11.19 -7.24
CA PHE A 214 -34.98 12.58 -7.16
C PHE A 214 -34.33 13.36 -8.28
N LYS A 215 -35.15 13.88 -9.19
CA LYS A 215 -34.67 14.70 -10.28
C LYS A 215 -34.95 16.17 -10.01
N THR A 216 -33.88 16.92 -9.77
CA THR A 216 -33.96 18.36 -9.56
C THR A 216 -33.33 19.06 -10.77
N PRO A 217 -33.58 20.38 -10.94
CA PRO A 217 -32.96 21.08 -12.06
C PRO A 217 -31.44 21.17 -11.93
N GLY A 218 -30.92 20.87 -10.73
CA GLY A 218 -29.49 20.92 -10.47
C GLY A 218 -28.80 19.57 -10.42
N GLY A 219 -29.56 18.50 -10.64
CA GLY A 219 -29.00 17.14 -10.65
C GLY A 219 -29.94 16.09 -10.07
N SER A 220 -29.51 14.84 -10.10
CA SER A 220 -30.36 13.72 -9.67
C SER A 220 -29.76 12.91 -8.51
N LEU A 221 -30.62 12.44 -7.61
CA LEU A 221 -30.20 11.68 -6.45
C LEU A 221 -30.89 10.32 -6.36
N TYR A 222 -30.10 9.26 -6.31
CA TYR A 222 -30.62 7.90 -6.20
C TYR A 222 -30.53 7.39 -4.75
N HIS A 223 -31.69 7.27 -4.12
CA HIS A 223 -31.81 6.74 -2.77
C HIS A 223 -32.37 5.32 -2.88
N SER A 224 -31.57 4.34 -2.48
CA SER A 224 -31.98 2.94 -2.60
C SER A 224 -32.47 2.32 -1.29
N GLY A 225 -32.63 3.15 -0.26
CA GLY A 225 -33.10 2.68 1.05
C GLY A 225 -32.18 1.64 1.64
N ASP A 226 -32.73 0.46 1.92
CA ASP A 226 -31.96 -0.65 2.48
C ASP A 226 -32.07 -1.87 1.54
N SER A 227 -31.97 -1.61 0.24
CA SER A 227 -32.01 -2.68 -0.75
C SER A 227 -30.69 -3.45 -0.77
N HIS A 228 -30.80 -4.78 -0.86
CA HIS A 228 -29.66 -5.65 -1.12
C HIS A 228 -29.30 -5.45 -2.59
N TYR A 229 -28.10 -5.87 -3.01
CA TYR A 229 -27.73 -5.71 -4.41
C TYR A 229 -28.67 -6.50 -5.30
N SER A 230 -29.11 -5.87 -6.38
CA SER A 230 -29.89 -6.54 -7.42
C SER A 230 -29.43 -6.12 -8.81
N ASN A 231 -29.61 -7.03 -9.76
CA ASN A 231 -29.24 -6.79 -11.15
C ASN A 231 -30.03 -5.65 -11.80
N TYR A 232 -31.18 -5.32 -11.21
CA TYR A 232 -32.06 -4.30 -11.74
C TYR A 232 -31.59 -2.86 -11.47
N TYR A 233 -30.43 -2.72 -10.84
CA TYR A 233 -29.74 -1.43 -10.77
C TYR A 233 -29.29 -1.03 -12.17
N ALA A 234 -28.96 -2.02 -12.98
CA ALA A 234 -28.60 -1.82 -14.39
C ALA A 234 -29.79 -1.26 -15.18
N LYS A 235 -30.99 -1.72 -14.83
CA LYS A 235 -32.22 -1.25 -15.47
C LYS A 235 -32.43 0.24 -15.21
N HIS A 236 -32.30 0.64 -13.95
CA HIS A 236 -32.45 2.04 -13.57
C HIS A 236 -31.29 2.88 -14.11
N GLY A 237 -30.12 2.27 -14.28
CA GLY A 237 -28.97 2.93 -14.87
C GLY A 237 -29.12 3.17 -16.36
N ASN A 238 -29.74 2.21 -17.05
CA ASN A 238 -30.05 2.33 -18.47
C ASN A 238 -31.13 3.37 -18.76
N GLU A 239 -32.20 3.34 -17.96
CA GLU A 239 -33.39 4.15 -18.21
C GLU A 239 -33.30 5.58 -17.70
N HIS A 240 -32.43 5.83 -16.72
CA HIS A 240 -32.36 7.15 -16.08
C HIS A 240 -30.93 7.69 -15.97
N GLN A 241 -30.82 9.02 -15.98
CA GLN A 241 -29.54 9.68 -15.70
C GLN A 241 -29.39 9.88 -14.19
N ILE A 242 -28.42 9.18 -13.62
CA ILE A 242 -28.20 9.18 -12.17
C ILE A 242 -26.85 9.82 -11.84
N ASP A 243 -26.87 10.83 -10.97
CA ASP A 243 -25.66 11.55 -10.61
C ASP A 243 -25.04 11.04 -9.30
N VAL A 244 -25.79 11.16 -8.20
CA VAL A 244 -25.33 10.68 -6.90
C VAL A 244 -26.13 9.46 -6.47
N ALA A 245 -25.43 8.39 -6.08
CA ALA A 245 -26.07 7.15 -5.66
C ALA A 245 -25.74 6.80 -4.21
N LEU A 246 -26.78 6.50 -3.43
CA LEU A 246 -26.63 6.10 -2.03
C LEU A 246 -27.00 4.64 -1.84
N GLY A 247 -26.08 3.88 -1.26
CA GLY A 247 -26.32 2.47 -0.99
C GLY A 247 -26.06 2.08 0.46
N SER A 248 -26.93 1.23 1.00
CA SER A 248 -26.81 0.74 2.37
C SER A 248 -25.62 -0.20 2.55
N TYR A 249 -24.57 0.34 3.16
CA TYR A 249 -23.32 -0.38 3.39
C TYR A 249 -23.26 -0.87 4.83
N GLY A 250 -22.46 -1.91 5.07
CA GLY A 250 -22.27 -2.43 6.43
C GLY A 250 -21.52 -3.75 6.52
N GLU A 251 -20.97 -4.02 7.70
CA GLU A 251 -20.27 -5.27 7.96
C GLU A 251 -21.27 -6.28 8.53
N ASN A 252 -21.74 -7.16 7.65
CA ASN A 252 -22.71 -8.19 8.02
C ASN A 252 -22.12 -9.19 9.02
N PRO A 253 -22.85 -9.45 10.13
CA PRO A 253 -22.42 -10.46 11.09
C PRO A 253 -22.49 -11.84 10.47
N ARG A 254 -21.72 -12.78 11.04
CA ARG A 254 -21.69 -14.15 10.56
C ARG A 254 -23.10 -14.75 10.57
N GLY A 255 -23.55 -15.20 9.41
CA GLY A 255 -24.89 -15.80 9.25
C GLY A 255 -25.98 -14.80 8.90
N ILE A 256 -25.59 -13.57 8.58
CA ILE A 256 -26.54 -12.51 8.26
C ILE A 256 -26.18 -11.82 6.94
N THR A 257 -27.19 -11.53 6.12
CA THR A 257 -27.03 -10.70 4.92
C THR A 257 -28.13 -9.64 4.90
N ASP A 258 -27.78 -8.45 5.39
CA ASP A 258 -28.74 -7.38 5.55
C ASP A 258 -28.28 -6.11 4.85
N LYS A 259 -26.96 -5.94 4.75
CA LYS A 259 -26.35 -4.78 4.12
C LYS A 259 -25.48 -5.19 2.94
N MSE A 260 -25.16 -4.24 2.07
CA MSE A 260 -24.29 -4.49 0.93
C MSE A 260 -22.82 -4.44 1.33
O MSE A 260 -22.43 -3.69 2.23
CB MSE A 260 -24.55 -3.48 -0.20
CG MSE A 260 -25.85 -3.73 -0.96
SE MSE A 260 -26.22 -2.34 -2.26
CE MSE A 260 -24.91 -2.79 -3.61
N THR A 261 -22.01 -5.23 0.63
CA THR A 261 -20.56 -5.26 0.85
C THR A 261 -19.88 -4.11 0.11
N SER A 262 -18.57 -3.98 0.29
CA SER A 262 -17.78 -2.94 -0.36
C SER A 262 -17.75 -3.13 -1.88
N ALA A 263 -17.55 -4.38 -2.30
CA ALA A 263 -17.52 -4.75 -3.72
C ALA A 263 -18.88 -4.52 -4.38
N ASP A 264 -19.94 -4.78 -3.61
CA ASP A 264 -21.30 -4.52 -4.05
C ASP A 264 -21.54 -3.04 -4.35
N MSE A 265 -21.00 -2.17 -3.50
CA MSE A 265 -21.16 -0.72 -3.66
C MSE A 265 -20.62 -0.21 -4.98
O MSE A 265 -21.22 0.67 -5.61
CB MSE A 265 -20.48 0.02 -2.49
CG MSE A 265 -21.14 -0.21 -1.14
SE MSE A 265 -22.68 0.94 -0.79
CE MSE A 265 -23.94 0.24 -2.09
N LEU A 266 -19.48 -0.76 -5.41
CA LEU A 266 -18.86 -0.42 -6.68
C LEU A 266 -19.67 -0.95 -7.85
N ARG A 267 -20.23 -2.14 -7.67
CA ARG A 267 -21.06 -2.77 -8.68
C ARG A 267 -22.35 -2.01 -8.89
N MSE A 268 -22.86 -1.42 -7.81
CA MSE A 268 -24.05 -0.57 -7.87
C MSE A 268 -23.77 0.69 -8.67
O MSE A 268 -24.58 1.09 -9.50
CB MSE A 268 -24.53 -0.22 -6.46
CG MSE A 268 -25.88 0.49 -6.45
SE MSE A 268 -26.28 1.48 -4.82
CE MSE A 268 -24.83 2.80 -4.87
N GLY A 269 -22.63 1.33 -8.41
CA GLY A 269 -22.23 2.53 -9.14
C GLY A 269 -22.11 2.31 -10.63
N GLU A 270 -21.54 1.16 -11.00
CA GLU A 270 -21.39 0.76 -12.39
C GLU A 270 -22.75 0.46 -13.02
N ALA A 271 -23.60 -0.23 -12.28
CA ALA A 271 -24.94 -0.58 -12.74
C ALA A 271 -25.82 0.65 -12.90
N LEU A 272 -25.75 1.57 -11.92
CA LEU A 272 -26.55 2.79 -11.96
C LEU A 272 -25.98 3.86 -12.90
N ASN A 273 -24.75 3.65 -13.39
CA ASN A 273 -24.03 4.64 -14.20
C ASN A 273 -23.84 5.98 -13.47
N ALA A 274 -23.69 5.92 -12.15
CA ALA A 274 -23.58 7.11 -11.33
C ALA A 274 -22.21 7.78 -11.49
N LYS A 275 -22.12 9.04 -11.05
CA LYS A 275 -20.87 9.80 -11.06
C LYS A 275 -20.25 9.81 -9.66
N VAL A 276 -21.11 9.70 -8.64
CA VAL A 276 -20.68 9.66 -7.25
C VAL A 276 -21.38 8.49 -6.55
N VAL A 277 -20.63 7.75 -5.74
CA VAL A 277 -21.19 6.65 -4.95
C VAL A 277 -20.88 6.87 -3.47
N ILE A 278 -21.94 7.04 -2.68
CA ILE A 278 -21.81 7.33 -1.25
C ILE A 278 -22.48 6.24 -0.41
N PRO A 279 -21.70 5.59 0.47
CA PRO A 279 -22.30 4.62 1.37
C PRO A 279 -23.01 5.29 2.54
N PHE A 280 -24.11 4.68 3.00
CA PHE A 280 -24.74 5.05 4.26
C PHE A 280 -25.28 3.82 5.00
N HIS A 281 -25.92 4.04 6.15
CA HIS A 281 -26.48 2.96 7.00
C HIS A 281 -25.41 2.26 7.87
N HIS A 282 -24.14 2.37 7.47
CA HIS A 282 -23.03 1.76 8.21
C HIS A 282 -22.73 2.48 9.52
N ASP A 283 -23.20 3.72 9.61
CA ASP A 283 -22.94 4.59 10.76
C ASP A 283 -23.72 4.17 12.01
N ILE A 284 -24.93 3.63 11.79
CA ILE A 284 -25.97 3.61 12.81
C ILE A 284 -25.87 2.49 13.86
N TRP A 285 -25.51 1.29 13.44
CA TRP A 285 -25.54 0.13 14.32
C TRP A 285 -24.17 -0.42 14.69
N SER A 286 -23.93 -0.49 16.00
CA SER A 286 -22.66 -0.96 16.57
C SER A 286 -22.20 -2.29 15.98
N ASN A 287 -23.11 -3.26 15.92
CA ASN A 287 -22.80 -4.60 15.40
C ASN A 287 -22.55 -4.68 13.89
N PHE A 288 -22.90 -3.61 13.17
CA PHE A 288 -22.66 -3.52 11.72
C PHE A 288 -21.52 -2.56 11.35
N GLN A 289 -20.72 -2.20 12.36
CA GLN A 289 -19.55 -1.32 12.20
C GLN A 289 -18.70 -1.70 10.98
N ALA A 290 -18.64 -0.79 10.01
CA ALA A 290 -17.91 -1.04 8.77
C ALA A 290 -16.91 0.08 8.45
N ASP A 291 -15.81 -0.29 7.81
CA ASP A 291 -14.82 0.68 7.35
C ASP A 291 -15.10 1.04 5.88
N PRO A 292 -15.55 2.28 5.63
CA PRO A 292 -15.84 2.76 4.27
C PRO A 292 -14.61 2.78 3.34
N GLN A 293 -13.42 2.91 3.92
CA GLN A 293 -12.17 2.93 3.14
C GLN A 293 -11.98 1.65 2.31
N GLU A 294 -12.63 0.58 2.77
CA GLU A 294 -12.69 -0.68 2.06
C GLU A 294 -13.17 -0.48 0.62
N ILE A 295 -14.15 0.42 0.44
CA ILE A 295 -14.69 0.75 -0.88
C ILE A 295 -13.65 1.47 -1.74
N ARG A 296 -12.97 2.45 -1.14
CA ARG A 296 -11.95 3.24 -1.82
C ARG A 296 -10.80 2.39 -2.36
N VAL A 297 -10.31 1.45 -1.55
CA VAL A 297 -9.18 0.61 -1.93
C VAL A 297 -9.52 -0.28 -3.13
N LEU A 298 -10.67 -0.94 -3.06
CA LEU A 298 -11.14 -1.77 -4.18
C LEU A 298 -11.32 -0.96 -5.45
N TRP A 299 -11.88 0.24 -5.30
CA TRP A 299 -12.07 1.16 -6.42
C TRP A 299 -10.76 1.48 -7.12
N GLU A 300 -9.72 1.77 -6.33
CA GLU A 300 -8.38 2.03 -6.85
C GLU A 300 -7.80 0.83 -7.60
N MSE A 301 -8.17 -0.38 -7.17
CA MSE A 301 -7.70 -1.59 -7.80
C MSE A 301 -8.44 -1.88 -9.10
O MSE A 301 -7.87 -2.46 -10.03
CB MSE A 301 -7.84 -2.79 -6.86
CG MSE A 301 -7.04 -2.70 -5.58
SE MSE A 301 -7.23 -4.33 -4.52
CE MSE A 301 -6.09 -5.53 -5.57
N LYS A 302 -9.71 -1.49 -9.16
CA LYS A 302 -10.61 -1.87 -10.24
C LYS A 302 -10.91 -0.77 -11.26
N LYS A 303 -10.75 0.49 -10.88
CA LYS A 303 -11.26 1.63 -11.67
C LYS A 303 -10.79 1.69 -13.14
N ASP A 304 -9.52 1.45 -13.38
CA ASP A 304 -8.97 1.55 -14.73
C ASP A 304 -9.27 0.32 -15.57
N ARG A 305 -9.10 -0.86 -14.99
CA ARG A 305 -9.40 -2.14 -15.65
C ARG A 305 -10.87 -2.25 -16.10
N LEU A 306 -11.78 -1.80 -15.24
CA LEU A 306 -13.21 -1.88 -15.50
C LEU A 306 -13.79 -0.57 -16.05
N LYS A 307 -12.92 0.43 -16.21
CA LYS A 307 -13.30 1.76 -16.72
C LYS A 307 -14.49 2.38 -15.97
N TYR A 308 -14.41 2.39 -14.64
CA TYR A 308 -15.44 3.01 -13.81
C TYR A 308 -15.65 4.48 -14.15
N GLY A 309 -16.90 4.88 -14.30
CA GLY A 309 -17.25 6.27 -14.59
C GLY A 309 -17.66 7.05 -13.35
N PHE A 310 -17.38 6.49 -12.18
CA PHE A 310 -17.73 7.14 -10.92
C PHE A 310 -16.56 7.22 -9.95
N LYS A 311 -16.70 8.08 -8.94
CA LYS A 311 -15.78 8.12 -7.81
C LYS A 311 -16.57 7.81 -6.54
N PRO A 312 -15.91 7.15 -5.57
CA PRO A 312 -16.53 6.97 -4.26
C PRO A 312 -16.42 8.25 -3.44
N PHE A 313 -17.25 8.37 -2.41
CA PHE A 313 -17.22 9.52 -1.52
C PHE A 313 -17.62 9.08 -0.11
N ILE A 314 -16.74 9.33 0.87
CA ILE A 314 -17.01 8.97 2.26
C ILE A 314 -17.50 10.19 3.03
N TRP A 315 -18.78 10.13 3.42
CA TRP A 315 -19.47 11.23 4.07
C TRP A 315 -19.36 11.09 5.60
N GLN A 316 -19.84 12.10 6.32
CA GLN A 316 -20.01 12.00 7.77
C GLN A 316 -21.38 12.51 8.14
N VAL A 317 -21.99 11.87 9.16
CA VAL A 317 -23.35 12.22 9.59
C VAL A 317 -23.46 13.67 10.06
N GLY A 318 -24.48 14.36 9.55
CA GLY A 318 -24.69 15.77 9.82
C GLY A 318 -24.05 16.64 8.75
N GLY A 319 -23.18 16.03 7.96
CA GLY A 319 -22.43 16.74 6.94
C GLY A 319 -23.23 17.07 5.69
N LYS A 320 -22.85 18.16 5.03
CA LYS A 320 -23.47 18.58 3.78
C LYS A 320 -22.69 18.02 2.59
N PHE A 321 -23.43 17.67 1.54
CA PHE A 321 -22.84 17.39 0.24
C PHE A 321 -23.51 18.29 -0.79
N THR A 322 -22.71 18.79 -1.72
CA THR A 322 -23.22 19.61 -2.81
C THR A 322 -22.78 19.04 -4.16
N TRP A 323 -23.76 18.58 -4.93
CA TRP A 323 -23.53 18.15 -6.31
C TRP A 323 -23.59 19.38 -7.22
N PRO A 324 -22.68 19.47 -8.22
CA PRO A 324 -21.57 18.57 -8.50
C PRO A 324 -20.24 19.04 -7.92
N LEU A 325 -20.28 20.11 -7.11
CA LEU A 325 -19.08 20.76 -6.60
C LEU A 325 -18.15 19.83 -5.82
N ASP A 326 -18.72 18.92 -5.05
CA ASP A 326 -17.96 18.06 -4.14
C ASP A 326 -17.70 16.65 -4.71
N LYS A 327 -18.03 16.45 -5.98
CA LYS A 327 -18.01 15.10 -6.59
C LYS A 327 -16.63 14.45 -6.71
N ASP A 328 -15.58 15.25 -6.55
CA ASP A 328 -14.20 14.78 -6.71
C ASP A 328 -13.43 14.86 -5.39
N ASN A 329 -14.15 15.21 -4.32
CA ASN A 329 -13.55 15.43 -3.00
C ASN A 329 -13.06 14.15 -2.32
N PHE A 330 -13.64 13.01 -2.68
CA PHE A 330 -13.31 11.69 -2.12
C PHE A 330 -13.73 11.47 -0.66
N GLU A 331 -13.37 12.40 0.22
CA GLU A 331 -13.67 12.29 1.64
C GLU A 331 -14.16 13.61 2.23
N TYR A 332 -15.26 13.53 2.96
CA TYR A 332 -15.81 14.68 3.66
C TYR A 332 -15.03 14.99 4.93
N HIS A 333 -14.95 16.27 5.28
CA HIS A 333 -14.54 16.70 6.61
C HIS A 333 -15.46 17.81 7.08
N TYR A 334 -15.85 17.76 8.36
CA TYR A 334 -16.64 18.81 8.98
C TYR A 334 -15.89 20.14 8.95
N PRO A 335 -16.63 21.26 8.82
CA PRO A 335 -16.02 22.59 8.95
C PRO A 335 -15.13 22.71 10.19
N ARG A 336 -13.91 23.16 9.99
CA ARG A 336 -12.90 23.20 11.05
C ARG A 336 -12.84 24.53 11.80
N GLY A 337 -13.16 25.62 11.12
CA GLY A 337 -13.04 26.96 11.69
C GLY A 337 -11.59 27.40 11.74
N PHE A 338 -11.31 28.39 12.61
CA PHE A 338 -9.97 28.95 12.75
C PHE A 338 -9.46 28.82 14.19
N MSE B 1 -27.39 -47.39 -29.59
CA MSE B 1 -26.02 -47.26 -29.00
C MSE B 1 -25.94 -46.10 -28.02
O MSE B 1 -26.43 -45.01 -28.31
CB MSE B 1 -24.96 -47.12 -30.10
CG MSE B 1 -24.61 -48.41 -30.82
SE MSE B 1 -23.38 -49.57 -29.82
CE MSE B 1 -24.64 -50.48 -28.63
N SER B 2 -25.29 -46.34 -26.88
CA SER B 2 -25.11 -45.33 -25.85
C SER B 2 -24.10 -44.27 -26.25
N LYS B 3 -24.28 -43.05 -25.74
CA LYS B 3 -23.37 -41.94 -26.01
C LYS B 3 -22.04 -42.14 -25.27
N VAL B 4 -22.08 -42.91 -24.19
CA VAL B 4 -20.91 -43.23 -23.36
C VAL B 4 -19.90 -44.14 -24.10
N LYS B 5 -20.39 -44.96 -25.02
CA LYS B 5 -19.54 -45.89 -25.75
C LYS B 5 -19.11 -45.35 -27.13
N SER B 6 -19.93 -44.46 -27.70
CA SER B 6 -19.65 -43.87 -29.01
C SER B 6 -18.46 -42.91 -28.98
N ILE B 7 -18.34 -42.15 -27.90
CA ILE B 7 -17.32 -41.11 -27.76
C ILE B 7 -15.91 -41.69 -27.62
N THR B 8 -14.98 -41.14 -28.39
CA THR B 8 -13.56 -41.46 -28.29
C THR B 8 -12.77 -40.24 -27.84
N ARG B 9 -11.50 -40.46 -27.50
CA ARG B 9 -10.57 -39.39 -27.18
C ARG B 9 -10.49 -38.38 -28.34
N GLU B 10 -10.49 -38.91 -29.56
CA GLU B 10 -10.38 -38.12 -30.78
C GLU B 10 -11.60 -37.23 -31.03
N SER B 11 -12.79 -37.73 -30.71
CA SER B 11 -14.03 -36.98 -30.88
C SER B 11 -14.12 -35.79 -29.94
N TRP B 12 -13.68 -35.98 -28.69
CA TRP B 12 -13.57 -34.90 -27.72
C TRP B 12 -12.59 -33.83 -28.19
N ILE B 13 -11.37 -34.25 -28.55
CA ILE B 13 -10.32 -33.32 -28.95
C ILE B 13 -10.70 -32.49 -30.17
N LEU B 14 -11.15 -33.16 -31.23
CA LEU B 14 -11.40 -32.47 -32.50
C LEU B 14 -12.66 -31.59 -32.51
N SER B 15 -13.42 -31.63 -31.42
CA SER B 15 -14.59 -30.76 -31.28
C SER B 15 -14.39 -29.63 -30.27
N THR B 16 -13.39 -29.77 -29.39
CA THR B 16 -13.15 -28.81 -28.32
C THR B 16 -11.99 -27.84 -28.63
N PHE B 17 -11.04 -28.30 -29.43
CA PHE B 17 -9.82 -27.54 -29.69
C PHE B 17 -9.73 -27.06 -31.15
N PRO B 18 -9.10 -25.88 -31.38
CA PRO B 18 -8.56 -24.94 -30.39
C PRO B 18 -9.65 -24.27 -29.55
N GLU B 19 -9.28 -23.87 -28.34
CA GLU B 19 -10.24 -23.34 -27.36
C GLU B 19 -11.14 -22.24 -27.91
N TRP B 20 -10.55 -21.25 -28.57
CA TRP B 20 -11.28 -20.09 -29.06
C TRP B 20 -11.89 -20.32 -30.44
N GLY B 21 -11.53 -21.43 -31.07
CA GLY B 21 -11.98 -21.73 -32.42
C GLY B 21 -11.49 -20.67 -33.39
N SER B 22 -12.44 -20.02 -34.05
CA SER B 22 -12.11 -18.97 -35.02
C SER B 22 -12.70 -17.61 -34.62
N TRP B 23 -12.96 -17.45 -33.32
CA TRP B 23 -13.50 -16.21 -32.76
C TRP B 23 -12.62 -15.01 -33.08
N LEU B 24 -11.33 -15.11 -32.76
CA LEU B 24 -10.39 -14.00 -32.96
C LEU B 24 -10.05 -13.80 -34.43
N ASN B 25 -9.99 -14.88 -35.19
CA ASN B 25 -9.82 -14.82 -36.64
C ASN B 25 -10.84 -13.90 -37.30
N GLU B 26 -12.11 -14.09 -36.93
CA GLU B 26 -13.21 -13.28 -37.43
C GLU B 26 -13.11 -11.83 -36.95
N GLU B 27 -12.83 -11.65 -35.67
CA GLU B 27 -12.70 -10.32 -35.07
C GLU B 27 -11.60 -9.47 -35.74
N ILE B 28 -10.48 -10.11 -36.05
CA ILE B 28 -9.36 -9.44 -36.71
C ILE B 28 -9.74 -8.89 -38.09
N GLU B 29 -10.31 -9.73 -38.95
CA GLU B 29 -10.72 -9.32 -40.30
C GLU B 29 -11.93 -8.37 -40.28
N GLN B 30 -12.70 -8.42 -39.20
CA GLN B 30 -13.85 -7.53 -39.01
C GLN B 30 -13.40 -6.13 -38.60
N GLU B 31 -12.26 -6.05 -37.91
CA GLU B 31 -11.75 -4.82 -37.31
C GLU B 31 -11.53 -3.70 -38.32
N GLN B 32 -12.10 -2.54 -38.04
CA GLN B 32 -11.93 -1.33 -38.84
C GLN B 32 -10.96 -0.40 -38.13
N VAL B 33 -9.69 -0.47 -38.52
CA VAL B 33 -8.65 0.35 -37.90
C VAL B 33 -8.76 1.80 -38.37
N ALA B 34 -8.95 2.70 -37.41
CA ALA B 34 -9.17 4.11 -37.69
C ALA B 34 -7.90 4.83 -38.14
N PRO B 35 -8.04 5.87 -39.00
CA PRO B 35 -6.90 6.71 -39.38
C PRO B 35 -6.22 7.36 -38.17
N GLY B 36 -4.90 7.31 -38.14
CA GLY B 36 -4.12 7.79 -37.01
C GLY B 36 -4.04 6.78 -35.86
N THR B 37 -4.39 5.53 -36.15
CA THR B 37 -4.31 4.46 -35.15
C THR B 37 -3.76 3.17 -35.75
N PHE B 38 -3.30 2.27 -34.87
CA PHE B 38 -3.11 0.87 -35.24
C PHE B 38 -3.68 -0.06 -34.17
N ALA B 39 -4.19 -1.21 -34.61
CA ALA B 39 -4.72 -2.22 -33.71
C ALA B 39 -3.82 -3.45 -33.71
N MSE B 40 -3.78 -4.15 -32.58
CA MSE B 40 -2.99 -5.37 -32.44
C MSE B 40 -3.59 -6.36 -31.45
O MSE B 40 -4.29 -5.97 -30.52
CB MSE B 40 -1.53 -5.06 -32.09
CG MSE B 40 -1.34 -4.35 -30.76
SE MSE B 40 0.53 -4.35 -30.26
CE MSE B 40 0.38 -3.60 -28.47
N TRP B 41 -3.31 -7.65 -31.66
CA TRP B 41 -3.79 -8.70 -30.78
C TRP B 41 -2.65 -9.55 -30.24
N TRP B 42 -2.80 -10.05 -29.02
CA TRP B 42 -1.80 -10.89 -28.39
C TRP B 42 -2.15 -12.35 -28.60
N LEU B 43 -1.29 -13.05 -29.34
CA LEU B 43 -1.55 -14.42 -29.77
C LEU B 43 -0.85 -15.46 -28.90
N GLY B 44 -0.52 -15.07 -27.67
CA GLY B 44 0.21 -15.93 -26.76
C GLY B 44 1.71 -15.86 -26.98
N CYS B 45 2.48 -15.96 -25.90
CA CYS B 45 3.94 -15.96 -25.94
C CYS B 45 4.46 -14.61 -26.46
N THR B 46 5.13 -14.61 -27.61
CA THR B 46 5.54 -13.36 -28.25
C THR B 46 4.77 -13.11 -29.55
N GLY B 47 3.70 -13.88 -29.75
CA GLY B 47 2.90 -13.81 -30.97
C GLY B 47 2.04 -12.56 -31.06
N ILE B 48 2.29 -11.76 -32.09
CA ILE B 48 1.55 -10.51 -32.29
C ILE B 48 0.95 -10.44 -33.69
N TRP B 49 -0.36 -10.21 -33.76
CA TRP B 49 -1.02 -9.84 -35.00
C TRP B 49 -1.21 -8.32 -35.04
N LEU B 50 -0.68 -7.69 -36.10
CA LEU B 50 -0.72 -6.24 -36.26
C LEU B 50 -1.48 -5.85 -37.52
N LYS B 51 -2.41 -4.90 -37.38
CA LYS B 51 -3.27 -4.46 -38.48
C LYS B 51 -3.32 -2.93 -38.61
N SER B 52 -2.83 -2.43 -39.74
CA SER B 52 -2.75 -0.98 -39.98
C SER B 52 -4.10 -0.38 -40.40
N GLU B 53 -4.13 0.95 -40.47
CA GLU B 53 -5.31 1.69 -40.92
C GLU B 53 -5.66 1.41 -42.40
N GLY B 54 -4.66 0.95 -43.16
CA GLY B 54 -4.86 0.58 -44.55
C GLY B 54 -5.34 -0.85 -44.74
N GLY B 55 -5.42 -1.60 -43.64
CA GLY B 55 -5.88 -2.99 -43.68
C GLY B 55 -4.77 -4.02 -43.88
N THR B 56 -3.52 -3.59 -43.72
CA THR B 56 -2.38 -4.48 -43.83
C THR B 56 -2.29 -5.40 -42.61
N ASN B 57 -2.16 -6.71 -42.86
CA ASN B 57 -2.10 -7.70 -41.81
C ASN B 57 -0.71 -8.32 -41.66
N VAL B 58 -0.14 -8.17 -40.47
CA VAL B 58 1.19 -8.71 -40.17
C VAL B 58 1.10 -9.66 -38.97
N CYS B 59 1.87 -10.75 -39.01
CA CYS B 59 1.84 -11.77 -37.96
C CYS B 59 3.25 -12.16 -37.51
N VAL B 60 3.59 -11.79 -36.28
CA VAL B 60 4.95 -11.95 -35.74
C VAL B 60 5.02 -13.06 -34.69
N ASP B 61 5.99 -13.94 -34.85
CA ASP B 61 6.31 -15.01 -33.88
C ASP B 61 5.10 -15.81 -33.39
N PHE B 62 4.18 -16.11 -34.30
CA PHE B 62 3.02 -16.92 -33.99
C PHE B 62 3.42 -18.37 -33.74
N TRP B 63 3.14 -18.85 -32.54
CA TRP B 63 3.52 -20.20 -32.15
C TRP B 63 2.30 -21.00 -31.75
N CYS B 64 2.23 -22.25 -32.21
CA CYS B 64 1.07 -23.09 -31.98
C CYS B 64 1.42 -24.49 -31.47
N GLY B 65 2.57 -24.60 -30.81
CA GLY B 65 2.97 -25.82 -30.14
C GLY B 65 2.58 -25.83 -28.68
N THR B 66 3.14 -26.78 -27.93
CA THR B 66 2.91 -26.89 -26.49
C THR B 66 4.20 -27.34 -25.79
N GLY B 67 4.17 -27.41 -24.47
CA GLY B 67 5.33 -27.84 -23.69
C GLY B 67 5.35 -29.33 -23.45
N LYS B 68 5.62 -29.72 -22.22
CA LYS B 68 5.64 -31.13 -21.83
C LYS B 68 4.25 -31.75 -21.88
N GLN B 69 4.18 -32.98 -22.40
CA GLN B 69 2.93 -33.75 -22.46
C GLN B 69 3.04 -35.07 -21.70
N SER B 70 4.23 -35.38 -21.23
CA SER B 70 4.53 -36.60 -20.49
C SER B 70 5.76 -36.42 -19.60
N HIS B 71 5.79 -37.14 -18.49
CA HIS B 71 6.97 -37.13 -17.60
C HIS B 71 8.14 -37.89 -18.23
N GLY B 72 7.84 -39.06 -18.79
CA GLY B 72 8.86 -39.92 -19.40
C GLY B 72 8.52 -40.31 -20.82
N LEU B 91 15.59 -31.58 -18.79
CA LEU B 91 14.15 -31.80 -18.88
C LEU B 91 13.39 -31.01 -17.81
N GLN B 92 13.32 -29.70 -18.00
CA GLN B 92 12.57 -28.79 -17.12
C GLN B 92 11.06 -29.01 -17.25
N PRO B 93 10.30 -28.68 -16.19
CA PRO B 93 8.84 -28.86 -16.27
C PRO B 93 8.14 -27.65 -16.90
N ASN B 94 8.36 -27.43 -18.20
CA ASN B 94 7.71 -26.34 -18.91
C ASN B 94 6.36 -26.75 -19.50
N LEU B 95 5.28 -26.29 -18.86
CA LEU B 95 3.94 -26.63 -19.28
C LEU B 95 3.22 -25.39 -19.78
N ARG B 96 2.52 -25.54 -20.90
CA ARG B 96 1.81 -24.42 -21.51
C ARG B 96 0.61 -24.02 -20.65
N THR B 97 0.64 -22.79 -20.16
CA THR B 97 -0.41 -22.27 -19.29
C THR B 97 -1.38 -21.34 -20.00
N THR B 98 -1.24 -21.26 -21.32
CA THR B 98 -2.12 -20.41 -22.13
CA THR B 98 -2.07 -20.39 -22.16
C THR B 98 -2.90 -21.22 -23.16
N PRO B 99 -4.22 -20.97 -23.25
CA PRO B 99 -5.02 -21.68 -24.25
C PRO B 99 -4.70 -21.17 -25.65
N PHE B 100 -5.44 -21.64 -26.65
CA PHE B 100 -5.24 -21.19 -28.02
C PHE B 100 -6.31 -20.18 -28.43
N VAL B 101 -5.88 -18.97 -28.77
CA VAL B 101 -6.80 -17.87 -29.08
C VAL B 101 -7.04 -17.71 -30.59
N LEU B 102 -6.07 -18.12 -31.39
CA LEU B 102 -6.15 -18.03 -32.84
C LEU B 102 -5.90 -19.38 -33.48
N ASP B 103 -6.72 -19.72 -34.47
CA ASP B 103 -6.55 -20.94 -35.24
C ASP B 103 -5.82 -20.61 -36.54
N PRO B 104 -4.58 -21.09 -36.69
CA PRO B 104 -3.75 -20.79 -37.87
C PRO B 104 -4.42 -21.20 -39.19
N PHE B 105 -5.22 -22.26 -39.16
CA PHE B 105 -5.86 -22.78 -40.37
C PHE B 105 -7.14 -22.02 -40.74
N ALA B 106 -7.49 -21.02 -39.93
CA ALA B 106 -8.60 -20.12 -40.23
C ALA B 106 -8.10 -18.77 -40.74
N ILE B 107 -6.77 -18.60 -40.76
CA ILE B 107 -6.14 -17.42 -41.35
C ILE B 107 -6.40 -17.37 -42.85
N ARG B 108 -6.95 -16.25 -43.32
CA ARG B 108 -7.18 -16.03 -44.74
C ARG B 108 -6.47 -14.76 -45.22
N GLN B 109 -6.82 -13.62 -44.64
CA GLN B 109 -6.21 -12.34 -44.99
C GLN B 109 -4.90 -12.12 -44.23
N ILE B 110 -3.79 -12.15 -44.96
CA ILE B 110 -2.45 -11.98 -44.39
C ILE B 110 -1.53 -11.32 -45.43
N ASP B 111 -0.67 -10.42 -44.99
CA ASP B 111 0.24 -9.70 -45.89
C ASP B 111 1.71 -10.05 -45.68
N ALA B 112 2.06 -10.52 -44.48
CA ALA B 112 3.42 -10.95 -44.16
C ALA B 112 3.47 -11.86 -42.95
N VAL B 113 4.41 -12.79 -42.96
CA VAL B 113 4.68 -13.67 -41.82
C VAL B 113 6.08 -13.38 -41.32
N LEU B 114 6.21 -13.09 -40.03
CA LEU B 114 7.52 -12.74 -39.46
C LEU B 114 7.91 -13.59 -38.26
N ALA B 115 9.22 -13.79 -38.12
CA ALA B 115 9.81 -14.48 -36.97
C ALA B 115 11.05 -13.72 -36.54
N THR B 116 11.29 -13.65 -35.24
CA THR B 116 12.43 -12.91 -34.70
C THR B 116 13.69 -13.77 -34.60
N HIS B 117 13.52 -15.05 -34.31
CA HIS B 117 14.63 -16.01 -34.21
C HIS B 117 14.15 -17.46 -34.30
N ASP B 118 15.10 -18.38 -34.38
CA ASP B 118 14.81 -19.79 -34.71
C ASP B 118 14.51 -20.71 -33.52
N HIS B 119 14.35 -20.13 -32.33
CA HIS B 119 13.99 -20.91 -31.13
C HIS B 119 12.61 -21.55 -31.29
N ASN B 120 12.41 -22.69 -30.65
CA ASN B 120 11.17 -23.46 -30.76
C ASN B 120 9.89 -22.64 -30.53
N ASP B 121 9.93 -21.76 -29.53
CA ASP B 121 8.75 -21.00 -29.08
C ASP B 121 8.34 -19.85 -30.01
N HIS B 122 9.08 -19.63 -31.09
CA HIS B 122 8.88 -18.45 -31.93
C HIS B 122 8.62 -18.76 -33.42
N ILE B 123 8.73 -20.03 -33.78
CA ILE B 123 8.51 -20.46 -35.17
C ILE B 123 7.72 -21.79 -35.20
N ASP B 124 6.84 -21.92 -36.18
CA ASP B 124 5.93 -23.08 -36.23
C ASP B 124 5.69 -23.57 -37.65
N VAL B 125 5.79 -24.89 -37.82
CA VAL B 125 5.56 -25.54 -39.12
C VAL B 125 4.09 -25.43 -39.53
N ASN B 126 3.21 -25.69 -38.56
CA ASN B 126 1.77 -25.70 -38.78
C ASN B 126 1.23 -24.33 -39.20
N VAL B 127 1.81 -23.26 -38.66
CA VAL B 127 1.45 -21.89 -39.04
C VAL B 127 1.93 -21.61 -40.47
N ALA B 128 3.16 -22.04 -40.78
CA ALA B 128 3.70 -21.93 -42.13
C ALA B 128 2.83 -22.71 -43.11
N ALA B 129 2.54 -23.96 -42.76
CA ALA B 129 1.70 -24.85 -43.56
C ALA B 129 0.30 -24.28 -43.81
N ALA B 130 -0.29 -23.69 -42.77
CA ALA B 130 -1.63 -23.12 -42.86
C ALA B 130 -1.69 -21.94 -43.82
N VAL B 131 -0.66 -21.09 -43.77
CA VAL B 131 -0.57 -19.91 -44.64
C VAL B 131 -0.31 -20.35 -46.09
N MSE B 132 0.59 -21.31 -46.25
CA MSE B 132 0.90 -21.88 -47.57
C MSE B 132 -0.34 -22.44 -48.27
O MSE B 132 -0.52 -22.24 -49.46
CB MSE B 132 1.97 -22.96 -47.44
CG MSE B 132 3.38 -22.45 -47.21
SE MSE B 132 4.02 -21.27 -48.63
CE MSE B 132 3.74 -22.44 -50.18
N GLN B 133 -1.16 -23.15 -47.51
CA GLN B 133 -2.34 -23.83 -48.05
C GLN B 133 -3.53 -22.91 -48.31
N ASN B 134 -3.77 -21.98 -47.39
CA ASN B 134 -5.02 -21.20 -47.39
C ASN B 134 -4.90 -19.74 -47.82
N CYS B 135 -3.67 -19.25 -47.98
CA CYS B 135 -3.45 -17.83 -48.24
C CYS B 135 -2.78 -17.58 -49.59
N ALA B 136 -2.75 -16.31 -50.00
CA ALA B 136 -2.17 -15.88 -51.28
C ALA B 136 -0.74 -16.37 -51.47
N ASP B 137 -0.36 -16.59 -52.74
CA ASP B 137 0.94 -17.16 -53.09
C ASP B 137 2.06 -16.12 -53.22
N ASP B 138 1.82 -14.90 -52.75
CA ASP B 138 2.82 -13.84 -52.77
C ASP B 138 3.13 -13.26 -51.38
N VAL B 139 2.60 -13.91 -50.34
CA VAL B 139 2.81 -13.48 -48.96
C VAL B 139 4.19 -13.93 -48.48
N PRO B 140 5.08 -12.97 -48.20
CA PRO B 140 6.46 -13.29 -47.86
C PRO B 140 6.66 -13.84 -46.46
N PHE B 141 7.73 -14.60 -46.27
CA PHE B 141 8.13 -15.09 -44.96
C PHE B 141 9.42 -14.38 -44.57
N ILE B 142 9.34 -13.52 -43.56
CA ILE B 142 10.44 -12.61 -43.20
C ILE B 142 11.09 -12.99 -41.86
N GLY B 143 12.41 -13.07 -41.88
CA GLY B 143 13.20 -13.41 -40.69
C GLY B 143 14.68 -13.56 -41.01
N PRO B 144 15.52 -13.67 -39.97
CA PRO B 144 16.95 -13.95 -40.16
C PRO B 144 17.16 -15.26 -40.92
N LYS B 145 18.35 -15.44 -41.50
CA LYS B 145 18.60 -16.57 -42.39
C LYS B 145 18.38 -17.95 -41.76
N THR B 146 18.59 -18.03 -40.45
CA THR B 146 18.34 -19.27 -39.70
C THR B 146 16.86 -19.66 -39.71
N CYS B 147 15.99 -18.68 -39.92
CA CYS B 147 14.54 -18.91 -39.95
C CYS B 147 14.03 -19.28 -41.33
N VAL B 148 14.67 -18.73 -42.37
CA VAL B 148 14.31 -19.09 -43.75
C VAL B 148 14.85 -20.48 -44.09
N ASP B 149 16.03 -20.81 -43.56
CA ASP B 149 16.61 -22.14 -43.71
C ASP B 149 15.64 -23.20 -43.17
N LEU B 150 14.93 -22.83 -42.11
CA LEU B 150 13.93 -23.69 -41.49
C LEU B 150 12.66 -23.73 -42.34
N TRP B 151 12.25 -22.57 -42.85
CA TRP B 151 11.07 -22.46 -43.73
C TRP B 151 11.24 -23.20 -45.06
N ILE B 152 12.39 -23.03 -45.70
CA ILE B 152 12.73 -23.75 -46.92
C ILE B 152 12.79 -25.26 -46.63
N GLY B 153 13.43 -25.60 -45.51
CA GLY B 153 13.54 -26.99 -45.05
C GLY B 153 12.19 -27.66 -44.79
N TRP B 154 11.18 -26.86 -44.44
CA TRP B 154 9.82 -27.37 -44.23
C TRP B 154 9.00 -27.39 -45.52
N GLY B 155 9.48 -26.72 -46.56
CA GLY B 155 8.84 -26.77 -47.86
C GLY B 155 8.42 -25.45 -48.50
N VAL B 156 8.57 -24.36 -47.76
CA VAL B 156 8.26 -23.02 -48.29
C VAL B 156 9.27 -22.67 -49.39
N PRO B 157 8.77 -22.30 -50.60
CA PRO B 157 9.66 -21.89 -51.68
C PRO B 157 10.61 -20.78 -51.25
N LYS B 158 11.89 -20.98 -51.54
CA LYS B 158 12.94 -20.00 -51.23
C LYS B 158 12.63 -18.61 -51.79
N GLU B 159 11.83 -18.58 -52.85
CA GLU B 159 11.48 -17.35 -53.55
C GLU B 159 10.53 -16.46 -52.73
N ARG B 160 9.69 -17.08 -51.91
CA ARG B 160 8.74 -16.36 -51.05
C ARG B 160 9.32 -15.98 -49.68
N CYS B 161 10.63 -16.15 -49.53
CA CYS B 161 11.30 -15.87 -48.26
C CYS B 161 12.22 -14.66 -48.35
N ILE B 162 12.08 -13.75 -47.39
CA ILE B 162 12.94 -12.58 -47.29
C ILE B 162 13.85 -12.70 -46.07
N VAL B 163 15.16 -12.81 -46.32
CA VAL B 163 16.16 -12.81 -45.27
C VAL B 163 16.40 -11.37 -44.82
N VAL B 164 16.43 -11.16 -43.51
CA VAL B 164 16.75 -9.84 -42.96
C VAL B 164 17.94 -9.85 -42.00
N LYS B 165 18.59 -8.70 -41.92
CA LYS B 165 19.66 -8.44 -40.96
C LYS B 165 19.38 -7.05 -40.35
N PRO B 166 20.00 -6.74 -39.19
CA PRO B 166 19.86 -5.38 -38.67
C PRO B 166 20.29 -4.33 -39.70
N GLY B 167 19.41 -3.38 -39.98
CA GLY B 167 19.66 -2.35 -40.98
C GLY B 167 18.69 -2.43 -42.15
N ASP B 168 18.28 -3.64 -42.50
CA ASP B 168 17.33 -3.87 -43.59
C ASP B 168 15.95 -3.28 -43.29
N VAL B 169 15.35 -2.70 -44.32
CA VAL B 169 13.97 -2.23 -44.24
C VAL B 169 13.14 -2.89 -45.33
N VAL B 170 12.03 -3.49 -44.92
CA VAL B 170 11.11 -4.17 -45.84
C VAL B 170 9.76 -3.47 -45.75
N LYS B 171 9.25 -3.03 -46.90
CA LYS B 171 7.95 -2.37 -46.91
C LYS B 171 6.84 -3.34 -47.33
N VAL B 172 5.82 -3.44 -46.48
CA VAL B 172 4.65 -4.26 -46.75
C VAL B 172 3.43 -3.35 -46.68
N LYS B 173 2.90 -2.99 -47.85
CA LYS B 173 1.88 -1.94 -47.99
C LYS B 173 2.30 -0.69 -47.22
N ASP B 174 1.45 -0.20 -46.32
CA ASP B 174 1.74 1.00 -45.54
C ASP B 174 2.51 0.73 -44.24
N ILE B 175 2.86 -0.53 -44.00
CA ILE B 175 3.68 -0.89 -42.84
C ILE B 175 5.16 -1.01 -43.20
N GLU B 176 5.95 -0.06 -42.71
CA GLU B 176 7.40 -0.05 -42.92
C GLU B 176 8.05 -0.85 -41.79
N ILE B 177 8.57 -2.03 -42.15
CA ILE B 177 9.18 -2.94 -41.17
C ILE B 177 10.69 -2.74 -41.09
N HIS B 178 11.16 -2.32 -39.93
CA HIS B 178 12.58 -2.14 -39.68
C HIS B 178 13.15 -3.33 -38.91
N ALA B 179 14.20 -3.92 -39.47
CA ALA B 179 14.93 -4.97 -38.79
C ALA B 179 16.08 -4.37 -37.99
N LEU B 180 16.11 -4.67 -36.70
CA LEU B 180 17.10 -4.10 -35.78
C LEU B 180 17.85 -5.20 -35.03
N ASP B 181 18.88 -4.81 -34.27
CA ASP B 181 19.71 -5.75 -33.52
C ASP B 181 18.94 -6.43 -32.40
N ALA B 182 19.04 -7.75 -32.34
CA ALA B 182 18.51 -8.52 -31.21
C ALA B 182 19.62 -8.74 -30.19
N PHE B 183 19.26 -9.18 -28.99
CA PHE B 183 20.21 -9.22 -27.90
C PHE B 183 20.26 -10.53 -27.11
N ASP B 184 21.37 -11.24 -27.27
CA ASP B 184 21.67 -12.47 -26.53
C ASP B 184 22.78 -12.20 -25.51
N ARG B 185 22.85 -13.02 -24.47
CA ARG B 185 23.90 -12.87 -23.46
C ARG B 185 25.14 -13.68 -23.82
N THR B 186 25.39 -14.76 -23.09
CA THR B 186 26.57 -15.61 -23.29
C THR B 186 26.25 -17.10 -23.09
N GLY B 204 27.92 -11.96 -36.46
CA GLY B 204 28.04 -13.03 -35.48
C GLY B 204 26.70 -13.61 -35.06
N MSE B 205 25.84 -12.75 -34.53
CA MSE B 205 24.50 -13.15 -34.09
C MSE B 205 23.42 -12.68 -35.08
O MSE B 205 22.26 -13.07 -34.97
CB MSE B 205 24.21 -12.63 -32.68
CG MSE B 205 23.10 -13.39 -31.94
SE MSE B 205 21.89 -12.22 -30.94
CE MSE B 205 21.30 -11.07 -32.41
N ASP B 206 23.81 -11.85 -36.03
CA ASP B 206 22.88 -11.29 -37.02
C ASP B 206 22.28 -12.35 -37.96
N ASP B 207 22.86 -13.54 -37.95
CA ASP B 207 22.33 -14.68 -38.70
C ASP B 207 21.14 -15.31 -37.98
N ARG B 208 21.09 -15.14 -36.66
CA ARG B 208 20.15 -15.88 -35.81
C ARG B 208 18.94 -15.10 -35.34
N ALA B 209 19.12 -13.82 -35.00
CA ALA B 209 18.04 -13.04 -34.38
C ALA B 209 18.01 -11.57 -34.76
N VAL B 210 16.80 -11.03 -34.90
CA VAL B 210 16.58 -9.60 -35.11
C VAL B 210 15.44 -9.08 -34.23
N ASN B 211 15.43 -7.77 -34.01
CA ASN B 211 14.28 -7.10 -33.40
C ASN B 211 13.53 -6.31 -34.46
N TYR B 212 12.21 -6.27 -34.35
CA TYR B 212 11.39 -5.58 -35.34
C TYR B 212 10.76 -4.29 -34.82
N LEU B 213 10.90 -3.23 -35.61
CA LEU B 213 10.19 -1.99 -35.36
C LEU B 213 9.21 -1.77 -36.52
N PHE B 214 7.92 -1.78 -36.19
CA PHE B 214 6.86 -1.68 -37.19
C PHE B 214 6.32 -0.27 -37.30
N LYS B 215 6.74 0.45 -38.33
CA LYS B 215 6.27 1.81 -38.57
C LYS B 215 5.03 1.82 -39.46
N THR B 216 3.90 2.16 -38.87
CA THR B 216 2.65 2.35 -39.62
C THR B 216 2.31 3.84 -39.63
N PRO B 217 1.43 4.28 -40.56
CA PRO B 217 1.05 5.70 -40.60
C PRO B 217 0.37 6.17 -39.31
N GLY B 218 -0.22 5.24 -38.57
CA GLY B 218 -0.91 5.56 -37.32
C GLY B 218 -0.07 5.40 -36.06
N GLY B 219 1.14 4.86 -36.22
CA GLY B 219 2.04 4.65 -35.08
C GLY B 219 3.01 3.49 -35.25
N SER B 220 3.97 3.39 -34.33
CA SER B 220 5.02 2.37 -34.40
C SER B 220 4.93 1.34 -33.27
N LEU B 221 5.49 0.15 -33.52
CA LEU B 221 5.51 -0.93 -32.53
C LEU B 221 6.86 -1.63 -32.49
N TYR B 222 7.52 -1.55 -31.33
CA TYR B 222 8.79 -2.23 -31.12
C TYR B 222 8.57 -3.64 -30.55
N HIS B 223 9.00 -4.64 -31.30
CA HIS B 223 8.87 -6.03 -30.89
C HIS B 223 10.26 -6.62 -30.68
N SER B 224 10.61 -6.87 -29.43
CA SER B 224 11.98 -7.28 -29.07
C SER B 224 12.20 -8.80 -29.12
N GLY B 225 11.13 -9.56 -29.35
CA GLY B 225 11.23 -11.02 -29.43
C GLY B 225 11.55 -11.64 -28.07
N ASP B 226 12.63 -12.40 -28.03
CA ASP B 226 13.08 -13.04 -26.78
C ASP B 226 14.42 -12.47 -26.33
N SER B 227 14.70 -11.22 -26.76
CA SER B 227 15.93 -10.53 -26.38
C SER B 227 16.05 -10.33 -24.88
N HIS B 228 17.28 -10.43 -24.37
CA HIS B 228 17.60 -10.02 -23.01
C HIS B 228 17.68 -8.49 -22.97
N TYR B 229 17.95 -7.92 -21.80
CA TYR B 229 18.16 -6.47 -21.73
C TYR B 229 19.48 -6.11 -22.40
N SER B 230 19.51 -4.93 -23.02
CA SER B 230 20.74 -4.42 -23.63
C SER B 230 20.78 -2.90 -23.58
N ASN B 231 22.00 -2.36 -23.58
CA ASN B 231 22.20 -0.92 -23.63
C ASN B 231 21.82 -0.32 -24.98
N TYR B 232 21.85 -1.15 -26.02
CA TYR B 232 21.56 -0.69 -27.37
C TYR B 232 20.07 -0.44 -27.64
N TYR B 233 19.24 -0.63 -26.62
CA TYR B 233 17.85 -0.17 -26.65
C TYR B 233 17.84 1.36 -26.70
N ALA B 234 18.86 1.97 -26.10
CA ALA B 234 19.02 3.42 -26.10
C ALA B 234 19.41 3.94 -27.48
N LYS B 235 20.19 3.15 -28.21
CA LYS B 235 20.53 3.46 -29.60
C LYS B 235 19.27 3.50 -30.46
N HIS B 236 18.41 2.49 -30.30
CA HIS B 236 17.15 2.43 -31.02
C HIS B 236 16.20 3.57 -30.63
N GLY B 237 16.28 3.98 -29.36
CA GLY B 237 15.46 5.06 -28.83
C GLY B 237 15.80 6.43 -29.41
N ASN B 238 17.08 6.67 -29.62
CA ASN B 238 17.55 7.94 -30.17
C ASN B 238 17.31 8.07 -31.67
N GLU B 239 17.47 6.97 -32.38
CA GLU B 239 17.36 6.94 -33.85
C GLU B 239 15.92 6.90 -34.35
N HIS B 240 15.06 6.19 -33.63
CA HIS B 240 13.68 5.97 -34.07
C HIS B 240 12.65 6.53 -33.08
N GLN B 241 11.45 6.78 -33.59
CA GLN B 241 10.33 7.24 -32.78
C GLN B 241 9.44 6.05 -32.42
N ILE B 242 9.53 5.60 -31.17
CA ILE B 242 8.86 4.37 -30.73
C ILE B 242 7.66 4.66 -29.84
N ASP B 243 6.50 4.13 -30.23
CA ASP B 243 5.26 4.34 -29.49
C ASP B 243 4.98 3.25 -28.45
N VAL B 244 4.79 2.03 -28.94
CA VAL B 244 4.52 0.87 -28.07
C VAL B 244 5.70 -0.06 -28.07
N ALA B 245 6.09 -0.53 -26.88
CA ALA B 245 7.23 -1.43 -26.73
C ALA B 245 6.80 -2.75 -26.11
N LEU B 246 7.32 -3.84 -26.66
CA LEU B 246 7.03 -5.18 -26.17
C LEU B 246 8.30 -5.87 -25.69
N GLY B 247 8.27 -6.39 -24.47
CA GLY B 247 9.43 -7.05 -23.87
C GLY B 247 9.09 -8.40 -23.26
N SER B 248 10.02 -9.34 -23.41
CA SER B 248 9.85 -10.68 -22.87
C SER B 248 10.03 -10.69 -21.35
N TYR B 249 8.91 -10.84 -20.67
CA TYR B 249 8.87 -10.81 -19.21
C TYR B 249 8.71 -12.24 -18.68
N GLY B 250 8.94 -12.44 -17.39
CA GLY B 250 8.79 -13.74 -16.77
C GLY B 250 9.64 -13.91 -15.52
N GLU B 251 9.31 -14.92 -14.73
CA GLU B 251 10.05 -15.22 -13.51
C GLU B 251 11.16 -16.22 -13.80
N ASN B 252 12.40 -15.75 -13.67
CA ASN B 252 13.57 -16.59 -13.85
C ASN B 252 13.72 -17.57 -12.69
N PRO B 253 13.76 -18.89 -13.00
CA PRO B 253 14.09 -19.91 -12.01
C PRO B 253 15.49 -19.70 -11.44
N ARG B 254 15.76 -20.34 -10.30
CA ARG B 254 17.06 -20.24 -9.66
C ARG B 254 18.17 -20.70 -10.59
N GLY B 255 19.11 -19.79 -10.88
CA GLY B 255 20.27 -20.10 -11.71
C GLY B 255 20.03 -20.03 -13.21
N ILE B 256 18.96 -19.34 -13.60
CA ILE B 256 18.62 -19.19 -15.02
C ILE B 256 18.34 -17.71 -15.33
N THR B 257 18.90 -17.24 -16.44
CA THR B 257 18.60 -15.90 -16.96
C THR B 257 18.14 -16.00 -18.42
N ASP B 258 16.83 -16.01 -18.60
CA ASP B 258 16.22 -16.17 -19.93
C ASP B 258 15.16 -15.11 -20.20
N LYS B 259 14.64 -14.50 -19.14
CA LYS B 259 13.61 -13.47 -19.25
C LYS B 259 14.00 -12.20 -18.52
N MSE B 260 13.44 -11.07 -18.97
CA MSE B 260 13.69 -9.78 -18.35
C MSE B 260 12.94 -9.60 -17.04
O MSE B 260 11.78 -10.01 -16.92
CB MSE B 260 13.33 -8.65 -19.31
CG MSE B 260 14.53 -8.01 -19.98
SE MSE B 260 14.08 -6.80 -21.43
CE MSE B 260 12.89 -5.57 -20.54
N THR B 261 13.60 -8.98 -16.07
CA THR B 261 13.00 -8.67 -14.78
C THR B 261 12.03 -7.49 -14.89
N SER B 262 11.22 -7.31 -13.85
CA SER B 262 10.28 -6.19 -13.76
C SER B 262 11.00 -4.84 -13.86
N ALA B 263 12.13 -4.72 -13.15
CA ALA B 263 12.96 -3.53 -13.19
C ALA B 263 13.52 -3.28 -14.59
N ASP B 264 13.90 -4.35 -15.27
CA ASP B 264 14.42 -4.27 -16.63
C ASP B 264 13.38 -3.76 -17.63
N MSE B 265 12.14 -4.20 -17.45
CA MSE B 265 11.02 -3.75 -18.29
C MSE B 265 10.89 -2.24 -18.33
O MSE B 265 10.63 -1.65 -19.38
CB MSE B 265 9.70 -4.38 -17.80
CG MSE B 265 9.54 -5.87 -18.11
SE MSE B 265 9.50 -6.31 -20.01
CE MSE B 265 8.04 -5.15 -20.59
N LEU B 266 11.11 -1.60 -17.18
CA LEU B 266 11.04 -0.15 -17.06
C LEU B 266 12.25 0.52 -17.71
N ARG B 267 13.42 -0.08 -17.55
CA ARG B 267 14.67 0.43 -18.12
C ARG B 267 14.60 0.45 -19.64
N MSE B 268 13.99 -0.61 -20.21
CA MSE B 268 13.80 -0.73 -21.65
C MSE B 268 12.89 0.37 -22.20
O MSE B 268 13.16 0.92 -23.26
CB MSE B 268 13.22 -2.10 -21.99
CG MSE B 268 13.10 -2.35 -23.48
SE MSE B 268 11.78 -3.70 -23.90
CE MSE B 268 10.17 -2.79 -23.25
N GLY B 269 11.84 0.68 -21.45
CA GLY B 269 10.93 1.77 -21.82
C GLY B 269 11.63 3.11 -21.86
N GLU B 270 12.51 3.34 -20.89
CA GLU B 270 13.27 4.57 -20.82
C GLU B 270 14.28 4.67 -21.96
N ALA B 271 14.96 3.58 -22.23
CA ALA B 271 15.96 3.51 -23.30
C ALA B 271 15.34 3.65 -24.68
N LEU B 272 14.20 3.01 -24.91
CA LEU B 272 13.51 3.07 -26.21
C LEU B 272 12.72 4.37 -26.42
N ASN B 273 12.66 5.20 -25.37
CA ASN B 273 11.86 6.42 -25.35
C ASN B 273 10.38 6.19 -25.69
N ALA B 274 9.93 4.96 -25.42
CA ALA B 274 8.56 4.52 -25.68
C ALA B 274 7.53 5.32 -24.88
N LYS B 275 6.26 5.15 -25.24
CA LYS B 275 5.16 5.81 -24.54
C LYS B 275 4.31 4.77 -23.81
N VAL B 276 4.28 3.56 -24.34
CA VAL B 276 3.62 2.42 -23.68
C VAL B 276 4.58 1.24 -23.64
N VAL B 277 4.70 0.63 -22.46
CA VAL B 277 5.52 -0.56 -22.27
C VAL B 277 4.62 -1.74 -21.92
N ILE B 278 4.67 -2.79 -22.74
CA ILE B 278 3.85 -3.98 -22.54
C ILE B 278 4.70 -5.25 -22.40
N PRO B 279 4.55 -5.96 -21.26
CA PRO B 279 5.20 -7.26 -21.11
C PRO B 279 4.46 -8.38 -21.84
N PHE B 280 5.22 -9.26 -22.48
CA PHE B 280 4.69 -10.55 -22.96
C PHE B 280 5.65 -11.69 -22.66
N HIS B 281 5.29 -12.90 -23.11
CA HIS B 281 6.08 -14.14 -22.89
C HIS B 281 5.87 -14.77 -21.49
N HIS B 282 5.63 -13.94 -20.49
CA HIS B 282 5.42 -14.40 -19.11
C HIS B 282 4.19 -15.32 -18.96
N ASP B 283 3.34 -15.32 -19.98
CA ASP B 283 2.08 -16.07 -20.00
C ASP B 283 2.24 -17.57 -20.27
N ILE B 284 3.21 -17.93 -21.11
CA ILE B 284 3.23 -19.24 -21.76
C ILE B 284 3.69 -20.42 -20.90
N TRP B 285 4.75 -20.24 -20.11
CA TRP B 285 5.35 -21.35 -19.36
C TRP B 285 5.02 -21.33 -17.87
N SER B 286 4.62 -22.49 -17.36
CA SER B 286 4.28 -22.65 -15.95
C SER B 286 5.44 -22.29 -15.03
N ASN B 287 6.63 -22.76 -15.36
CA ASN B 287 7.83 -22.48 -14.57
C ASN B 287 8.28 -21.02 -14.56
N PHE B 288 7.86 -20.25 -15.57
CA PHE B 288 8.20 -18.83 -15.67
C PHE B 288 7.06 -17.89 -15.21
N GLN B 289 6.06 -18.46 -14.53
CA GLN B 289 4.92 -17.70 -14.00
C GLN B 289 5.37 -16.45 -13.25
N ALA B 290 4.94 -15.28 -13.73
CA ALA B 290 5.32 -14.01 -13.11
C ALA B 290 4.11 -13.10 -12.89
N ASP B 291 4.29 -12.09 -12.04
CA ASP B 291 3.26 -11.11 -11.79
C ASP B 291 3.64 -9.79 -12.46
N PRO B 292 2.87 -9.38 -13.50
CA PRO B 292 3.13 -8.13 -14.22
C PRO B 292 2.92 -6.88 -13.35
N GLN B 293 2.17 -7.02 -12.25
CA GLN B 293 1.90 -5.90 -11.34
C GLN B 293 3.18 -5.32 -10.71
N GLU B 294 4.25 -6.12 -10.70
CA GLU B 294 5.56 -5.68 -10.22
C GLU B 294 6.08 -4.50 -11.02
N ILE B 295 5.86 -4.56 -12.34
CA ILE B 295 6.25 -3.50 -13.27
C ILE B 295 5.49 -2.22 -12.95
N ARG B 296 4.21 -2.37 -12.59
CA ARG B 296 3.38 -1.22 -12.22
C ARG B 296 3.83 -0.58 -10.92
N VAL B 297 4.00 -1.40 -9.87
CA VAL B 297 4.39 -0.92 -8.55
C VAL B 297 5.75 -0.20 -8.60
N LEU B 298 6.73 -0.84 -9.24
CA LEU B 298 8.05 -0.22 -9.42
C LEU B 298 7.95 1.10 -10.21
N TRP B 299 7.10 1.11 -11.23
CA TRP B 299 6.83 2.31 -12.02
C TRP B 299 6.24 3.43 -11.15
N GLU B 300 5.32 3.07 -10.25
CA GLU B 300 4.70 4.04 -9.34
C GLU B 300 5.71 4.66 -8.38
N MSE B 301 6.76 3.91 -8.05
CA MSE B 301 7.82 4.39 -7.16
C MSE B 301 8.84 5.26 -7.90
O MSE B 301 9.38 6.21 -7.32
CB MSE B 301 8.53 3.21 -6.48
CG MSE B 301 7.64 2.35 -5.59
SE MSE B 301 8.54 0.72 -4.97
CE MSE B 301 9.66 1.51 -3.57
N LYS B 302 9.11 4.93 -9.16
CA LYS B 302 10.18 5.54 -9.94
C LYS B 302 9.75 6.68 -10.87
N LYS B 303 8.50 6.66 -11.33
CA LYS B 303 8.03 7.53 -12.42
C LYS B 303 8.41 9.01 -12.28
N ASP B 304 8.19 9.56 -11.08
CA ASP B 304 8.42 10.97 -10.82
C ASP B 304 9.90 11.31 -10.66
N ARG B 305 10.63 10.46 -9.95
CA ARG B 305 12.05 10.63 -9.70
C ARG B 305 12.87 10.57 -10.99
N LEU B 306 12.47 9.65 -11.87
CA LEU B 306 13.23 9.38 -13.10
C LEU B 306 12.66 10.04 -14.36
N LYS B 307 11.53 10.75 -14.20
CA LYS B 307 10.86 11.45 -15.29
C LYS B 307 10.50 10.51 -16.45
N TYR B 308 9.86 9.40 -16.10
CA TYR B 308 9.42 8.41 -17.08
C TYR B 308 8.37 9.00 -18.01
N GLY B 309 8.62 8.92 -19.31
CA GLY B 309 7.70 9.45 -20.32
C GLY B 309 6.72 8.41 -20.85
N PHE B 310 6.79 7.21 -20.28
CA PHE B 310 5.89 6.12 -20.65
C PHE B 310 5.05 5.68 -19.45
N LYS B 311 4.09 4.80 -19.71
CA LYS B 311 3.38 4.08 -18.65
C LYS B 311 3.18 2.62 -19.02
N PRO B 312 3.08 1.72 -18.02
CA PRO B 312 2.93 0.31 -18.33
C PRO B 312 1.51 -0.07 -18.73
N PHE B 313 1.38 -1.19 -19.44
CA PHE B 313 0.08 -1.73 -19.80
C PHE B 313 0.09 -3.25 -19.61
N ILE B 314 -0.83 -3.74 -18.79
CA ILE B 314 -0.98 -5.18 -18.59
C ILE B 314 -2.03 -5.72 -19.56
N TRP B 315 -1.57 -6.56 -20.48
CA TRP B 315 -2.43 -7.14 -21.49
C TRP B 315 -2.92 -8.51 -21.01
N GLN B 316 -3.92 -9.04 -21.70
CA GLN B 316 -4.30 -10.44 -21.55
C GLN B 316 -4.27 -11.10 -22.93
N VAL B 317 -3.98 -12.40 -22.97
CA VAL B 317 -3.85 -13.12 -24.23
C VAL B 317 -5.18 -13.20 -24.97
N GLY B 318 -5.16 -12.91 -26.27
CA GLY B 318 -6.37 -12.84 -27.08
C GLY B 318 -6.93 -11.43 -27.15
N GLY B 319 -6.46 -10.57 -26.26
CA GLY B 319 -6.94 -9.20 -26.17
C GLY B 319 -6.49 -8.32 -27.31
N LYS B 320 -7.16 -7.17 -27.45
CA LYS B 320 -6.86 -6.18 -28.48
C LYS B 320 -6.22 -4.94 -27.86
N PHE B 321 -5.33 -4.29 -28.60
CA PHE B 321 -4.77 -3.01 -28.21
C PHE B 321 -4.81 -2.00 -29.37
N THR B 322 -5.41 -0.84 -29.10
CA THR B 322 -5.49 0.22 -30.10
C THR B 322 -4.65 1.41 -29.66
N TRP B 323 -3.60 1.69 -30.44
CA TRP B 323 -2.79 2.88 -30.23
C TRP B 323 -3.37 4.02 -31.07
N PRO B 324 -3.49 5.24 -30.49
CA PRO B 324 -3.13 5.60 -29.13
C PRO B 324 -4.28 5.57 -28.12
N LEU B 325 -5.43 5.03 -28.53
CA LEU B 325 -6.63 5.06 -27.69
C LEU B 325 -6.46 4.46 -26.29
N ASP B 326 -5.72 3.37 -26.21
CA ASP B 326 -5.59 2.60 -24.97
C ASP B 326 -4.29 2.85 -24.20
N LYS B 327 -3.58 3.92 -24.54
CA LYS B 327 -2.26 4.21 -23.97
C LYS B 327 -2.26 4.50 -22.46
N ASP B 328 -3.42 4.88 -21.92
CA ASP B 328 -3.55 5.30 -20.53
C ASP B 328 -4.37 4.34 -19.68
N ASN B 329 -4.72 3.19 -20.25
CA ASN B 329 -5.61 2.23 -19.58
C ASN B 329 -5.01 1.43 -18.43
N PHE B 330 -3.67 1.31 -18.42
CA PHE B 330 -2.93 0.54 -17.39
C PHE B 330 -3.15 -0.97 -17.41
N GLU B 331 -4.42 -1.39 -17.45
CA GLU B 331 -4.78 -2.80 -17.41
C GLU B 331 -5.89 -3.11 -18.41
N TYR B 332 -5.73 -4.24 -19.12
CA TYR B 332 -6.74 -4.71 -20.06
C TYR B 332 -7.74 -5.63 -19.35
N HIS B 333 -9.00 -5.57 -19.79
CA HIS B 333 -10.01 -6.55 -19.43
C HIS B 333 -10.75 -7.02 -20.69
N TYR B 334 -11.03 -8.32 -20.76
CA TYR B 334 -11.80 -8.91 -21.86
C TYR B 334 -13.21 -8.29 -21.92
N PRO B 335 -13.73 -8.07 -23.14
CA PRO B 335 -15.12 -7.66 -23.32
C PRO B 335 -16.06 -8.45 -22.41
N ARG B 336 -16.95 -7.74 -21.73
CA ARG B 336 -17.82 -8.33 -20.72
C ARG B 336 -19.23 -8.60 -21.25
N GLY B 337 -19.58 -7.97 -22.36
CA GLY B 337 -20.86 -8.19 -23.05
C GLY B 337 -22.01 -7.45 -22.40
N MSE C 1 45.54 37.71 16.22
CA MSE C 1 44.80 37.48 14.99
C MSE C 1 43.35 37.06 15.23
O MSE C 1 43.08 36.19 16.06
CB MSE C 1 45.48 36.43 14.12
CG MSE C 1 46.60 36.95 13.25
SE MSE C 1 46.89 35.77 11.73
CE MSE C 1 48.58 36.52 11.08
N SER C 2 42.42 37.70 14.52
CA SER C 2 41.02 37.29 14.53
C SER C 2 40.86 36.01 13.72
N LYS C 3 39.90 35.19 14.10
CA LYS C 3 39.66 33.90 13.45
C LYS C 3 39.26 33.98 11.98
N VAL C 4 38.72 35.12 11.56
CA VAL C 4 38.41 35.35 10.14
C VAL C 4 39.66 35.57 9.29
N LYS C 5 40.79 35.81 9.95
CA LYS C 5 42.06 36.03 9.27
C LYS C 5 43.05 34.86 9.45
N SER C 6 42.96 34.18 10.58
CA SER C 6 43.87 33.07 10.90
C SER C 6 43.46 31.78 10.20
N ILE C 7 42.15 31.53 10.14
CA ILE C 7 41.61 30.35 9.47
C ILE C 7 41.83 30.42 7.96
N THR C 8 42.36 29.35 7.40
CA THR C 8 42.49 29.19 5.95
C THR C 8 41.70 27.98 5.48
N ARG C 9 41.60 27.80 4.16
CA ARG C 9 40.96 26.62 3.57
C ARG C 9 41.58 25.33 4.13
N GLU C 10 42.91 25.30 4.17
CA GLU C 10 43.66 24.09 4.53
C GLU C 10 43.54 23.71 6.01
N SER C 11 43.52 24.71 6.89
CA SER C 11 43.36 24.45 8.32
C SER C 11 41.95 23.97 8.64
N TRP C 12 40.95 24.55 7.96
CA TRP C 12 39.55 24.13 8.08
C TRP C 12 39.40 22.66 7.69
N ILE C 13 40.05 22.26 6.60
CA ILE C 13 39.99 20.88 6.10
C ILE C 13 40.64 19.91 7.09
N LEU C 14 41.85 20.25 7.55
CA LEU C 14 42.57 19.42 8.51
C LEU C 14 41.88 19.34 9.88
N SER C 15 40.94 20.25 10.13
CA SER C 15 40.17 20.26 11.37
C SER C 15 38.85 19.50 11.28
N THR C 16 38.35 19.30 10.05
CA THR C 16 36.99 18.81 9.84
C THR C 16 36.94 17.41 9.21
N PHE C 17 38.01 17.01 8.52
CA PHE C 17 37.99 15.79 7.73
C PHE C 17 39.03 14.76 8.17
N PRO C 18 38.68 13.45 8.14
CA PRO C 18 37.37 12.89 7.76
C PRO C 18 36.27 13.29 8.76
N GLU C 19 35.02 13.28 8.31
CA GLU C 19 33.89 13.76 9.11
C GLU C 19 33.72 13.04 10.46
N TRP C 20 33.89 11.72 10.45
CA TRP C 20 33.69 10.91 11.64
C TRP C 20 34.95 10.83 12.52
N GLY C 21 36.06 11.38 12.02
CA GLY C 21 37.34 11.34 12.72
C GLY C 21 37.80 9.90 12.94
N SER C 22 38.03 9.55 14.20
CA SER C 22 38.46 8.20 14.56
C SER C 22 37.40 7.45 15.38
N TRP C 23 36.19 8.02 15.44
CA TRP C 23 35.07 7.47 16.20
C TRP C 23 34.81 5.99 15.87
N LEU C 24 34.76 5.67 14.58
CA LEU C 24 34.49 4.31 14.14
C LEU C 24 35.69 3.38 14.33
N ASN C 25 36.90 3.91 14.14
CA ASN C 25 38.13 3.18 14.50
C ASN C 25 38.08 2.70 15.94
N GLU C 26 37.67 3.60 16.84
CA GLU C 26 37.58 3.31 18.28
C GLU C 26 36.50 2.27 18.61
N GLU C 27 35.35 2.38 17.94
CA GLU C 27 34.23 1.46 18.17
C GLU C 27 34.57 0.05 17.70
N ILE C 28 35.21 -0.06 16.54
CA ILE C 28 35.67 -1.32 15.96
C ILE C 28 36.72 -2.00 16.86
N GLU C 29 37.56 -1.18 17.50
CA GLU C 29 38.58 -1.65 18.42
C GLU C 29 37.97 -2.18 19.72
N GLN C 30 36.93 -1.49 20.20
CA GLN C 30 36.28 -1.82 21.47
C GLN C 30 35.25 -2.93 21.34
N GLU C 31 34.92 -3.32 20.11
CA GLU C 31 33.88 -4.30 19.88
C GLU C 31 34.31 -5.71 20.28
N GLN C 32 33.56 -6.28 21.22
CA GLN C 32 33.78 -7.65 21.68
C GLN C 32 32.78 -8.57 21.00
N VAL C 33 33.20 -9.15 19.88
CA VAL C 33 32.34 -10.02 19.08
C VAL C 33 32.06 -11.33 19.83
N ALA C 34 30.78 -11.58 20.11
CA ALA C 34 30.34 -12.74 20.88
C ALA C 34 30.42 -14.03 20.06
N PRO C 35 30.71 -15.17 20.75
CA PRO C 35 30.79 -16.46 20.07
C PRO C 35 29.51 -16.82 19.31
N GLY C 36 29.67 -17.41 18.13
CA GLY C 36 28.55 -17.78 17.28
C GLY C 36 28.04 -16.64 16.42
N THR C 37 28.69 -15.48 16.51
CA THR C 37 28.30 -14.29 15.76
C THR C 37 29.49 -13.64 15.04
N PHE C 38 29.20 -12.83 14.02
CA PHE C 38 30.21 -11.94 13.45
C PHE C 38 29.70 -10.50 13.34
N ALA C 39 30.62 -9.56 13.48
CA ALA C 39 30.30 -8.14 13.35
C ALA C 39 30.95 -7.57 12.10
N MSE C 40 30.27 -6.61 11.47
CA MSE C 40 30.82 -5.93 10.31
C MSE C 40 30.31 -4.50 10.21
O MSE C 40 29.24 -4.16 10.73
CB MSE C 40 30.50 -6.69 9.01
CG MSE C 40 29.04 -6.85 8.69
SE MSE C 40 28.75 -7.42 6.85
CE MSE C 40 26.81 -7.48 6.85
N TRP C 41 31.10 -3.65 9.57
CA TRP C 41 30.78 -2.25 9.37
C TRP C 41 30.86 -1.88 7.90
N TRP C 42 29.94 -1.05 7.45
CA TRP C 42 29.92 -0.56 6.08
C TRP C 42 30.77 0.70 6.02
N LEU C 43 31.83 0.66 5.22
CA LEU C 43 32.81 1.75 5.17
C LEU C 43 32.56 2.74 4.05
N GLY C 44 31.44 2.55 3.33
CA GLY C 44 31.15 3.34 2.14
C GLY C 44 31.44 2.54 0.90
N CYS C 45 30.64 2.75 -0.15
CA CYS C 45 30.75 2.02 -1.41
C CYS C 45 30.62 0.50 -1.19
N THR C 46 31.67 -0.26 -1.52
CA THR C 46 31.68 -1.70 -1.23
C THR C 46 32.67 -2.03 -0.10
N GLY C 47 33.08 -0.97 0.62
CA GLY C 47 34.01 -1.12 1.73
C GLY C 47 33.38 -1.80 2.93
N ILE C 48 33.98 -2.92 3.34
CA ILE C 48 33.51 -3.66 4.50
C ILE C 48 34.66 -3.95 5.45
N TRP C 49 34.47 -3.64 6.74
CA TRP C 49 35.35 -4.11 7.80
C TRP C 49 34.66 -5.25 8.53
N LEU C 50 35.36 -6.38 8.66
CA LEU C 50 34.82 -7.58 9.29
C LEU C 50 35.65 -8.02 10.50
N LYS C 51 34.95 -8.31 11.60
CA LYS C 51 35.58 -8.77 12.84
C LYS C 51 34.89 -10.02 13.36
N SER C 52 35.64 -11.12 13.45
CA SER C 52 35.09 -12.40 13.91
C SER C 52 35.16 -12.52 15.44
N GLU C 53 34.62 -13.63 15.95
CA GLU C 53 34.63 -13.90 17.40
C GLU C 53 36.05 -13.98 17.97
N GLY C 54 37.00 -14.40 17.15
CA GLY C 54 38.39 -14.50 17.57
C GLY C 54 39.17 -13.20 17.53
N GLY C 55 38.48 -12.11 17.23
CA GLY C 55 39.10 -10.78 17.17
C GLY C 55 39.84 -10.50 15.87
N THR C 56 39.68 -11.38 14.88
CA THR C 56 40.33 -11.24 13.58
C THR C 56 39.69 -10.10 12.77
N ASN C 57 40.51 -9.11 12.42
CA ASN C 57 40.05 -7.95 11.66
C ASN C 57 40.41 -8.06 10.17
N VAL C 58 39.44 -7.75 9.31
CA VAL C 58 39.62 -7.84 7.85
C VAL C 58 38.94 -6.67 7.13
N CYS C 59 39.66 -6.09 6.16
CA CYS C 59 39.21 -4.91 5.44
C CYS C 59 39.13 -5.18 3.93
N VAL C 60 37.91 -5.10 3.40
CA VAL C 60 37.66 -5.39 1.99
C VAL C 60 37.18 -4.15 1.23
N ASP C 61 37.84 -3.86 0.11
CA ASP C 61 37.46 -2.77 -0.81
C ASP C 61 37.38 -1.38 -0.20
N PHE C 62 38.18 -1.14 0.84
CA PHE C 62 38.19 0.15 1.53
C PHE C 62 38.75 1.25 0.63
N TRP C 63 37.86 2.09 0.12
CA TRP C 63 38.22 3.14 -0.83
C TRP C 63 38.08 4.52 -0.19
N CYS C 64 39.11 5.33 -0.33
CA CYS C 64 39.15 6.63 0.33
C CYS C 64 39.33 7.82 -0.63
N GLY C 65 39.04 7.58 -1.90
CA GLY C 65 39.06 8.65 -2.90
C GLY C 65 37.73 9.38 -2.96
N THR C 66 37.56 10.18 -4.00
CA THR C 66 36.32 10.93 -4.20
C THR C 66 35.96 10.97 -5.69
N GLY C 67 34.79 11.53 -6.00
CA GLY C 67 34.38 11.72 -7.39
C GLY C 67 34.98 12.98 -7.99
N LYS C 68 34.18 13.66 -8.82
CA LYS C 68 34.63 14.87 -9.48
C LYS C 68 34.71 16.03 -8.49
N GLN C 69 35.69 16.89 -8.70
CA GLN C 69 35.91 18.05 -7.83
C GLN C 69 35.83 19.37 -8.59
N SER C 70 35.68 19.29 -9.91
CA SER C 70 35.51 20.45 -10.78
C SER C 70 34.91 20.08 -12.13
N HIS C 71 34.45 21.08 -12.88
CA HIS C 71 33.93 20.87 -14.24
C HIS C 71 35.08 20.79 -15.26
N GLY C 72 36.22 21.38 -14.92
CA GLY C 72 37.39 21.41 -15.80
C GLY C 72 38.07 20.06 -15.94
N GLN C 92 31.04 11.97 -17.30
CA GLN C 92 30.18 11.40 -16.25
C GLN C 92 30.20 12.27 -15.00
N PRO C 93 29.03 12.85 -14.63
CA PRO C 93 28.93 13.68 -13.43
C PRO C 93 28.81 12.82 -12.15
N ASN C 94 29.87 12.11 -11.80
CA ASN C 94 29.88 11.29 -10.60
C ASN C 94 30.43 12.03 -9.39
N LEU C 95 29.52 12.36 -8.47
CA LEU C 95 29.90 13.05 -7.24
C LEU C 95 29.69 12.14 -6.04
N ARG C 96 30.68 12.14 -5.14
CA ARG C 96 30.62 11.30 -3.96
C ARG C 96 29.55 11.84 -3.01
N THR C 97 28.58 10.99 -2.70
CA THR C 97 27.43 11.40 -1.87
C THR C 97 27.49 10.78 -0.47
N THR C 98 28.63 10.16 -0.15
CA THR C 98 28.85 9.50 1.13
C THR C 98 30.01 10.16 1.89
N PRO C 99 29.79 10.50 3.18
CA PRO C 99 30.88 11.05 4.00
C PRO C 99 31.90 9.98 4.37
N PHE C 100 33.02 10.39 4.97
CA PHE C 100 34.07 9.44 5.33
C PHE C 100 33.92 8.99 6.78
N VAL C 101 33.48 7.75 6.95
CA VAL C 101 33.15 7.23 8.28
C VAL C 101 34.35 6.62 9.02
N LEU C 102 35.41 6.33 8.28
CA LEU C 102 36.60 5.71 8.85
C LEU C 102 37.87 6.46 8.44
N ASP C 103 38.78 6.66 9.39
CA ASP C 103 40.08 7.22 9.12
C ASP C 103 41.08 6.08 8.92
N PRO C 104 41.57 5.89 7.67
CA PRO C 104 42.50 4.82 7.35
C PRO C 104 43.81 4.93 8.12
N PHE C 105 44.25 6.16 8.37
CA PHE C 105 45.51 6.42 9.08
C PHE C 105 45.39 6.19 10.59
N ALA C 106 44.19 5.90 11.05
CA ALA C 106 43.94 5.57 12.45
C ALA C 106 43.92 4.07 12.70
N ILE C 107 43.88 3.29 11.62
CA ILE C 107 43.91 1.82 11.71
C ILE C 107 45.16 1.34 12.42
N ARG C 108 44.98 0.46 13.41
CA ARG C 108 46.10 -0.15 14.13
C ARG C 108 46.05 -1.68 14.08
N GLN C 109 44.94 -2.26 14.56
CA GLN C 109 44.73 -3.71 14.52
C GLN C 109 44.11 -4.11 13.19
N ILE C 110 44.82 -4.94 12.44
CA ILE C 110 44.34 -5.48 11.16
C ILE C 110 45.11 -6.76 10.83
N ASP C 111 44.39 -7.75 10.31
CA ASP C 111 45.01 -9.04 9.98
C ASP C 111 45.12 -9.32 8.48
N ALA C 112 44.33 -8.61 7.68
CA ALA C 112 44.38 -8.74 6.21
C ALA C 112 43.66 -7.61 5.48
N VAL C 113 44.28 -7.16 4.39
CA VAL C 113 43.71 -6.16 3.49
C VAL C 113 43.33 -6.85 2.19
N LEU C 114 42.08 -6.66 1.75
CA LEU C 114 41.59 -7.35 0.56
C LEU C 114 40.99 -6.40 -0.49
N ALA C 115 41.16 -6.78 -1.75
CA ALA C 115 40.55 -6.07 -2.88
C ALA C 115 39.92 -7.05 -3.85
N THR C 116 38.78 -6.68 -4.41
CA THR C 116 38.06 -7.54 -5.36
C THR C 116 38.51 -7.34 -6.80
N HIS C 117 38.78 -6.09 -7.18
CA HIS C 117 39.29 -5.78 -8.53
C HIS C 117 40.04 -4.45 -8.61
N ASP C 118 40.66 -4.21 -9.76
CA ASP C 118 41.56 -3.06 -9.97
C ASP C 118 40.86 -1.73 -10.24
N HIS C 119 39.55 -1.77 -10.45
CA HIS C 119 38.74 -0.56 -10.67
C HIS C 119 38.98 0.46 -9.55
N ASN C 120 39.09 1.73 -9.94
CA ASN C 120 39.48 2.82 -9.04
C ASN C 120 38.70 2.93 -7.71
N ASP C 121 37.43 2.53 -7.73
CA ASP C 121 36.55 2.66 -6.57
C ASP C 121 36.70 1.55 -5.51
N HIS C 122 37.70 0.68 -5.69
CA HIS C 122 37.83 -0.49 -4.83
C HIS C 122 39.24 -0.69 -4.27
N ILE C 123 40.22 -0.04 -4.89
CA ILE C 123 41.61 -0.13 -4.45
C ILE C 123 42.22 1.28 -4.30
N ASP C 124 42.87 1.51 -3.16
CA ASP C 124 43.26 2.85 -2.74
C ASP C 124 44.71 2.88 -2.24
N VAL C 125 45.48 3.85 -2.73
CA VAL C 125 46.90 4.00 -2.38
C VAL C 125 47.07 4.45 -0.93
N ASN C 126 46.27 5.45 -0.55
CA ASN C 126 46.33 6.03 0.79
C ASN C 126 46.00 5.03 1.89
N VAL C 127 45.11 4.08 1.60
CA VAL C 127 44.78 2.99 2.52
C VAL C 127 45.97 2.04 2.65
N ALA C 128 46.57 1.67 1.52
CA ALA C 128 47.76 0.82 1.52
C ALA C 128 48.91 1.48 2.25
N ALA C 129 49.09 2.79 2.02
CA ALA C 129 50.11 3.59 2.70
C ALA C 129 49.89 3.62 4.21
N ALA C 130 48.63 3.76 4.62
CA ALA C 130 48.26 3.84 6.03
C ALA C 130 48.57 2.55 6.79
N VAL C 131 48.24 1.41 6.19
CA VAL C 131 48.49 0.08 6.76
C VAL C 131 49.98 -0.22 6.81
N MSE C 132 50.70 0.18 5.76
CA MSE C 132 52.16 0.03 5.69
C MSE C 132 52.91 0.81 6.75
O MSE C 132 53.99 0.40 7.19
CB MSE C 132 52.66 0.43 4.30
CG MSE C 132 52.38 -0.57 3.18
SE MSE C 132 53.12 -2.35 3.49
CE MSE C 132 55.01 -1.86 3.77
N GLN C 133 52.34 1.94 7.17
CA GLN C 133 52.99 2.86 8.12
C GLN C 133 52.63 2.62 9.58
N ASN C 134 51.45 2.05 9.81
CA ASN C 134 50.89 1.96 11.16
C ASN C 134 50.68 0.54 11.69
N CYS C 135 50.65 -0.43 10.79
CA CYS C 135 50.35 -1.82 11.15
C CYS C 135 51.55 -2.74 11.03
N ALA C 136 51.41 -3.95 11.58
CA ALA C 136 52.46 -4.96 11.60
C ALA C 136 52.94 -5.33 10.20
N ASP C 137 54.24 -5.59 10.08
CA ASP C 137 54.85 -6.06 8.82
C ASP C 137 54.50 -7.53 8.56
N ASP C 138 53.35 -7.94 9.05
CA ASP C 138 52.89 -9.31 8.99
C ASP C 138 51.58 -9.40 8.19
N VAL C 139 50.94 -8.25 7.99
CA VAL C 139 49.63 -8.16 7.36
C VAL C 139 49.70 -8.41 5.84
N PRO C 140 49.01 -9.45 5.35
CA PRO C 140 48.98 -9.74 3.92
C PRO C 140 48.01 -8.85 3.13
N PHE C 141 48.39 -8.56 1.89
CA PHE C 141 47.54 -7.86 0.94
C PHE C 141 47.01 -8.86 -0.09
N ILE C 142 45.74 -9.22 0.04
CA ILE C 142 45.13 -10.28 -0.77
C ILE C 142 44.27 -9.70 -1.90
N GLY C 143 44.43 -10.25 -3.09
CA GLY C 143 43.66 -9.82 -4.26
C GLY C 143 44.07 -10.54 -5.54
N PRO C 144 43.36 -10.27 -6.65
CA PRO C 144 43.72 -10.80 -7.97
C PRO C 144 45.09 -10.35 -8.43
N LYS C 145 45.56 -10.90 -9.55
CA LYS C 145 46.88 -10.58 -10.08
C LYS C 145 47.03 -9.10 -10.42
N THR C 146 45.99 -8.53 -11.02
CA THR C 146 45.98 -7.11 -11.40
C THR C 146 46.12 -6.18 -10.19
N CYS C 147 45.64 -6.65 -9.03
CA CYS C 147 45.64 -5.84 -7.81
C CYS C 147 47.00 -5.80 -7.13
N VAL C 148 47.66 -6.95 -7.02
CA VAL C 148 49.00 -7.01 -6.42
C VAL C 148 50.02 -6.24 -7.28
N ASP C 149 49.79 -6.23 -8.60
CA ASP C 149 50.62 -5.48 -9.54
C ASP C 149 50.58 -3.98 -9.22
N LEU C 150 49.40 -3.47 -8.87
CA LEU C 150 49.25 -2.09 -8.42
C LEU C 150 49.89 -1.88 -7.05
N TRP C 151 49.66 -2.82 -6.13
CA TRP C 151 50.22 -2.74 -4.78
C TRP C 151 51.74 -2.71 -4.77
N ILE C 152 52.36 -3.65 -5.50
CA ILE C 152 53.82 -3.71 -5.64
C ILE C 152 54.35 -2.44 -6.34
N GLY C 153 53.63 -1.97 -7.35
CA GLY C 153 53.95 -0.72 -8.04
C GLY C 153 53.95 0.49 -7.12
N TRP C 154 53.08 0.48 -6.11
CA TRP C 154 52.98 1.56 -5.14
C TRP C 154 54.06 1.49 -4.06
N GLY C 155 54.67 0.32 -3.90
CA GLY C 155 55.76 0.14 -2.95
C GLY C 155 55.52 -0.90 -1.86
N VAL C 156 54.38 -1.59 -1.96
CA VAL C 156 54.09 -2.71 -1.06
C VAL C 156 55.01 -3.87 -1.46
N PRO C 157 55.73 -4.45 -0.48
CA PRO C 157 56.63 -5.57 -0.77
C PRO C 157 55.88 -6.73 -1.41
N LYS C 158 56.52 -7.36 -2.39
CA LYS C 158 55.96 -8.53 -3.08
C LYS C 158 55.70 -9.70 -2.12
N GLU C 159 56.33 -9.58 -0.98
CA GLU C 159 56.29 -10.58 0.04
C GLU C 159 55.07 -10.43 0.94
N ARG C 160 54.41 -9.28 0.92
CA ARG C 160 53.21 -9.10 1.72
C ARG C 160 51.95 -9.26 0.90
N CYS C 161 52.09 -9.55 -0.37
CA CYS C 161 50.96 -9.68 -1.23
C CYS C 161 50.70 -11.16 -1.46
N ILE C 162 49.45 -11.54 -1.57
CA ILE C 162 49.01 -12.89 -1.94
C ILE C 162 48.06 -12.81 -3.14
N VAL C 163 48.46 -13.45 -4.23
CA VAL C 163 47.66 -13.49 -5.46
C VAL C 163 46.64 -14.62 -5.37
N VAL C 164 45.38 -14.29 -5.63
CA VAL C 164 44.31 -15.28 -5.59
C VAL C 164 43.51 -15.31 -6.89
N LYS C 165 42.98 -16.49 -7.20
CA LYS C 165 42.12 -16.70 -8.35
C LYS C 165 40.97 -17.62 -7.95
N PRO C 166 39.87 -17.65 -8.75
CA PRO C 166 38.73 -18.49 -8.39
C PRO C 166 39.13 -19.93 -8.05
N GLY C 167 38.85 -20.35 -6.82
CA GLY C 167 39.23 -21.68 -6.34
C GLY C 167 40.18 -21.65 -5.15
N ASP C 168 40.93 -20.55 -5.02
CA ASP C 168 41.91 -20.40 -3.95
C ASP C 168 41.25 -20.21 -2.59
N VAL C 169 41.92 -20.69 -1.53
CA VAL C 169 41.47 -20.54 -0.15
C VAL C 169 42.62 -20.08 0.73
N VAL C 170 42.45 -18.93 1.39
CA VAL C 170 43.46 -18.38 2.29
C VAL C 170 42.95 -18.41 3.75
N LYS C 171 43.85 -18.78 4.66
CA LYS C 171 43.53 -18.82 6.09
C LYS C 171 44.14 -17.66 6.86
N VAL C 172 43.29 -16.80 7.40
CA VAL C 172 43.71 -15.67 8.23
C VAL C 172 43.09 -15.85 9.61
N LYS C 173 43.91 -16.25 10.58
CA LYS C 173 43.44 -16.69 11.90
C LYS C 173 42.24 -17.63 11.78
N ASP C 174 41.11 -17.27 12.39
CA ASP C 174 39.90 -18.10 12.35
C ASP C 174 38.98 -17.79 11.15
N ILE C 175 39.32 -16.77 10.38
CA ILE C 175 38.58 -16.44 9.16
C ILE C 175 39.17 -17.17 7.95
N GLU C 176 38.35 -17.99 7.32
CA GLU C 176 38.74 -18.71 6.12
C GLU C 176 38.16 -18.01 4.90
N ILE C 177 39.06 -17.45 4.07
CA ILE C 177 38.64 -16.67 2.90
C ILE C 177 38.61 -17.54 1.64
N HIS C 178 37.44 -17.65 1.03
CA HIS C 178 37.27 -18.41 -0.21
C HIS C 178 37.13 -17.48 -1.41
N ALA C 179 38.11 -17.52 -2.30
CA ALA C 179 38.09 -16.74 -3.53
C ALA C 179 37.24 -17.44 -4.58
N LEU C 180 36.13 -16.81 -4.96
CA LEU C 180 35.20 -17.39 -5.92
C LEU C 180 35.14 -16.55 -7.21
N ASP C 181 34.35 -17.02 -8.17
CA ASP C 181 34.23 -16.37 -9.48
C ASP C 181 33.57 -14.99 -9.37
N ALA C 182 34.14 -14.02 -10.09
CA ALA C 182 33.56 -12.69 -10.19
C ALA C 182 32.88 -12.50 -11.53
N PHE C 183 31.92 -11.58 -11.57
CA PHE C 183 31.09 -11.39 -12.75
C PHE C 183 30.98 -9.91 -13.12
N ASP C 184 32.13 -9.23 -13.14
CA ASP C 184 32.20 -7.81 -13.49
C ASP C 184 32.27 -7.63 -15.01
N GLY C 204 42.54 -12.97 -18.43
CA GLY C 204 41.14 -12.76 -18.78
C GLY C 204 40.20 -13.13 -17.65
N MSE C 205 39.61 -12.10 -17.03
CA MSE C 205 38.67 -12.24 -15.89
C MSE C 205 39.33 -12.71 -14.59
O MSE C 205 39.36 -11.96 -13.61
CB MSE C 205 37.46 -13.12 -16.27
CG MSE C 205 36.31 -13.09 -15.24
SE MSE C 205 35.48 -11.33 -15.02
CE MSE C 205 34.54 -11.23 -16.74
N ASP C 206 39.84 -13.94 -14.58
CA ASP C 206 40.44 -14.54 -13.38
C ASP C 206 41.63 -13.75 -12.81
N ASP C 207 42.33 -13.03 -13.69
CA ASP C 207 43.43 -12.16 -13.27
C ASP C 207 42.93 -10.80 -12.81
N ARG C 208 41.70 -10.46 -13.20
CA ARG C 208 41.13 -9.12 -12.99
C ARG C 208 40.24 -8.97 -11.76
N ALA C 209 39.39 -9.97 -11.51
CA ALA C 209 38.38 -9.87 -10.43
C ALA C 209 38.00 -11.20 -9.80
N VAL C 210 37.76 -11.18 -8.49
CA VAL C 210 37.23 -12.32 -7.75
C VAL C 210 36.13 -11.90 -6.76
N ASN C 211 35.28 -12.84 -6.39
CA ASN C 211 34.35 -12.67 -5.28
C ASN C 211 34.88 -13.38 -4.04
N TYR C 212 34.50 -12.90 -2.86
CA TYR C 212 34.97 -13.48 -1.61
C TYR C 212 33.85 -14.06 -0.77
N LEU C 213 34.13 -15.22 -0.17
CA LEU C 213 33.29 -15.78 0.87
C LEU C 213 34.11 -15.91 2.15
N PHE C 214 33.82 -15.03 3.11
CA PHE C 214 34.53 -15.03 4.39
C PHE C 214 33.84 -15.95 5.39
N LYS C 215 34.41 -17.14 5.57
CA LYS C 215 33.89 -18.12 6.53
C LYS C 215 34.49 -17.90 7.91
N THR C 216 33.70 -17.38 8.83
CA THR C 216 34.09 -17.23 10.24
C THR C 216 33.41 -18.35 11.04
N PRO C 217 33.88 -18.60 12.28
CA PRO C 217 33.17 -19.59 13.12
C PRO C 217 31.74 -19.16 13.45
N GLY C 218 31.51 -17.86 13.56
CA GLY C 218 30.19 -17.31 13.83
C GLY C 218 29.24 -17.34 12.64
N GLY C 219 29.80 -17.40 11.44
CA GLY C 219 29.01 -17.41 10.20
C GLY C 219 29.78 -16.94 8.99
N SER C 220 29.11 -16.92 7.84
CA SER C 220 29.77 -16.60 6.57
C SER C 220 29.19 -15.36 5.89
N LEU C 221 30.05 -14.66 5.16
CA LEU C 221 29.68 -13.44 4.46
C LEU C 221 30.10 -13.52 2.98
N TYR C 222 29.17 -13.21 2.09
CA TYR C 222 29.45 -13.16 0.65
C TYR C 222 29.66 -11.73 0.19
N HIS C 223 30.81 -11.48 -0.42
CA HIS C 223 31.15 -10.18 -0.98
C HIS C 223 31.23 -10.31 -2.50
N SER C 224 30.39 -9.56 -3.20
CA SER C 224 30.31 -9.70 -4.66
C SER C 224 31.01 -8.57 -5.42
N GLY C 225 31.62 -7.63 -4.70
CA GLY C 225 32.28 -6.48 -5.30
C GLY C 225 31.33 -5.73 -6.20
N ASP C 226 31.78 -5.42 -7.42
CA ASP C 226 30.96 -4.72 -8.40
C ASP C 226 30.48 -5.67 -9.51
N SER C 227 30.28 -6.94 -9.16
CA SER C 227 29.80 -7.94 -10.11
C SER C 227 28.39 -7.66 -10.61
N HIS C 228 28.13 -8.02 -11.86
CA HIS C 228 26.78 -8.02 -12.42
C HIS C 228 26.10 -9.32 -11.99
N TYR C 229 24.84 -9.51 -12.38
CA TYR C 229 24.17 -10.78 -12.07
C TYR C 229 24.75 -11.92 -12.90
N SER C 230 24.89 -13.07 -12.27
CA SER C 230 25.36 -14.28 -12.94
C SER C 230 24.64 -15.51 -12.42
N ASN C 231 24.34 -16.43 -13.32
CA ASN C 231 23.73 -17.71 -12.99
C ASN C 231 24.66 -18.55 -12.11
N TYR C 232 25.93 -18.19 -12.11
CA TYR C 232 26.95 -18.90 -11.34
C TYR C 232 26.88 -18.58 -9.84
N TYR C 233 25.97 -17.69 -9.46
CA TYR C 233 25.64 -17.49 -8.05
C TYR C 233 25.01 -18.75 -7.49
N ALA C 234 24.25 -19.45 -8.33
CA ALA C 234 23.61 -20.71 -7.96
C ALA C 234 24.64 -21.78 -7.62
N LYS C 235 25.77 -21.77 -8.33
CA LYS C 235 26.89 -22.66 -8.05
C LYS C 235 27.40 -22.44 -6.61
N HIS C 236 27.64 -21.19 -6.24
CA HIS C 236 28.14 -20.84 -4.91
C HIS C 236 27.14 -21.23 -3.82
N GLY C 237 25.86 -20.96 -4.07
CA GLY C 237 24.79 -21.32 -3.14
C GLY C 237 24.62 -22.81 -2.96
N ASN C 238 24.94 -23.57 -4.00
CA ASN C 238 24.92 -25.03 -3.96
C ASN C 238 26.12 -25.62 -3.22
N GLU C 239 27.28 -25.00 -3.41
CA GLU C 239 28.54 -25.53 -2.87
C GLU C 239 28.88 -25.00 -1.46
N HIS C 240 28.27 -23.87 -1.09
CA HIS C 240 28.64 -23.18 0.15
C HIS C 240 27.46 -22.76 1.01
N GLN C 241 27.66 -22.81 2.32
CA GLN C 241 26.73 -22.26 3.31
C GLN C 241 26.94 -20.74 3.39
N ILE C 242 25.96 -19.98 2.92
CA ILE C 242 26.06 -18.52 2.87
C ILE C 242 25.00 -17.86 3.74
N ASP C 243 25.47 -17.11 4.74
CA ASP C 243 24.58 -16.48 5.70
C ASP C 243 24.16 -15.07 5.27
N VAL C 244 25.16 -14.21 5.04
CA VAL C 244 24.92 -12.83 4.63
C VAL C 244 25.52 -12.59 3.24
N ALA C 245 24.82 -11.82 2.42
CA ALA C 245 25.26 -11.54 1.04
C ALA C 245 25.17 -10.05 0.71
N LEU C 246 26.24 -9.53 0.11
CA LEU C 246 26.30 -8.13 -0.29
C LEU C 246 26.35 -8.04 -1.81
N GLY C 247 25.45 -7.23 -2.38
CA GLY C 247 25.40 -7.03 -3.82
C GLY C 247 25.44 -5.56 -4.20
N SER C 248 26.26 -5.23 -5.20
CA SER C 248 26.32 -3.88 -5.76
C SER C 248 24.98 -3.48 -6.35
N TYR C 249 24.37 -2.45 -5.77
CA TYR C 249 23.05 -1.99 -6.16
C TYR C 249 23.15 -0.55 -6.64
N GLY C 250 22.23 -0.16 -7.51
CA GLY C 250 22.19 1.21 -8.02
C GLY C 250 21.20 1.42 -9.14
N GLU C 251 20.88 2.69 -9.39
CA GLU C 251 19.98 3.06 -10.48
C GLU C 251 20.81 3.35 -11.72
N ASN C 252 20.71 2.45 -12.70
CA ASN C 252 21.43 2.60 -13.94
C ASN C 252 20.88 3.77 -14.76
N PRO C 253 21.77 4.66 -15.24
CA PRO C 253 21.39 5.71 -16.19
C PRO C 253 20.97 5.09 -17.52
N ARG C 254 20.14 5.81 -18.26
CA ARG C 254 19.67 5.37 -19.58
C ARG C 254 20.84 5.04 -20.49
N GLY C 255 20.93 3.77 -20.90
CA GLY C 255 21.99 3.31 -21.80
C GLY C 255 23.22 2.75 -21.11
N ILE C 256 23.18 2.66 -19.79
CA ILE C 256 24.30 2.13 -19.00
C ILE C 256 23.84 0.98 -18.11
N THR C 257 24.59 -0.12 -18.13
CA THR C 257 24.38 -1.23 -17.19
C THR C 257 25.67 -1.48 -16.40
N ASP C 258 25.66 -1.08 -15.14
CA ASP C 258 26.85 -1.13 -14.30
C ASP C 258 26.54 -1.63 -12.89
N LYS C 259 25.27 -1.56 -12.50
CA LYS C 259 24.83 -1.95 -11.17
C LYS C 259 23.62 -2.88 -11.24
N MSE C 260 23.43 -3.69 -10.21
CA MSE C 260 22.28 -4.60 -10.13
C MSE C 260 21.00 -3.85 -9.79
O MSE C 260 21.00 -2.88 -9.04
CB MSE C 260 22.53 -5.70 -9.09
CG MSE C 260 23.00 -7.01 -9.67
SE MSE C 260 23.67 -8.20 -8.26
CE MSE C 260 22.71 -9.80 -8.75
N THR C 261 19.90 -4.33 -10.37
CA THR C 261 18.57 -3.79 -10.12
C THR C 261 17.99 -4.40 -8.85
N SER C 262 16.86 -3.87 -8.40
CA SER C 262 16.15 -4.36 -7.23
C SER C 262 15.73 -5.83 -7.36
N ALA C 263 15.34 -6.22 -8.57
CA ALA C 263 14.91 -7.59 -8.86
C ALA C 263 16.09 -8.55 -8.87
N ASP C 264 17.23 -8.09 -9.41
CA ASP C 264 18.45 -8.89 -9.43
C ASP C 264 18.99 -9.17 -8.03
N MSE C 265 18.79 -8.22 -7.12
CA MSE C 265 19.19 -8.36 -5.72
C MSE C 265 18.52 -9.55 -5.03
O MSE C 265 19.17 -10.26 -4.25
CB MSE C 265 18.90 -7.07 -4.94
CG MSE C 265 19.81 -5.90 -5.29
SE MSE C 265 21.61 -6.04 -4.54
CE MSE C 265 22.32 -7.49 -5.61
N LEU C 266 17.24 -9.75 -5.31
CA LEU C 266 16.47 -10.85 -4.74
C LEU C 266 16.80 -12.17 -5.43
N ARG C 267 17.13 -12.09 -6.71
CA ARG C 267 17.55 -13.26 -7.49
C ARG C 267 18.90 -13.77 -6.99
N MSE C 268 19.77 -12.83 -6.62
CA MSE C 268 21.06 -13.16 -6.05
C MSE C 268 20.89 -13.87 -4.71
O MSE C 268 21.57 -14.87 -4.44
CB MSE C 268 21.90 -11.90 -5.88
CG MSE C 268 23.34 -12.16 -5.46
SE MSE C 268 24.18 -10.58 -4.71
CE MSE C 268 23.08 -10.35 -3.11
N GLY C 269 20.00 -13.35 -3.87
CA GLY C 269 19.69 -13.95 -2.58
C GLY C 269 19.17 -15.37 -2.71
N GLU C 270 18.30 -15.58 -3.69
CA GLU C 270 17.74 -16.90 -3.98
C GLU C 270 18.81 -17.88 -4.46
N ALA C 271 19.62 -17.44 -5.40
CA ALA C 271 20.68 -18.27 -5.98
C ALA C 271 21.77 -18.62 -4.96
N LEU C 272 22.12 -17.67 -4.10
CA LEU C 272 23.17 -17.88 -3.10
C LEU C 272 22.66 -18.60 -1.86
N ASN C 273 21.34 -18.83 -1.79
CA ASN C 273 20.66 -19.40 -0.64
C ASN C 273 20.97 -18.69 0.69
N ALA C 274 21.09 -17.37 0.61
CA ALA C 274 21.43 -16.55 1.77
C ALA C 274 20.25 -16.41 2.73
N LYS C 275 20.52 -15.87 3.91
CA LYS C 275 19.48 -15.60 4.90
C LYS C 275 19.24 -14.10 5.01
N VAL C 276 20.25 -13.32 4.62
CA VAL C 276 20.15 -11.85 4.59
C VAL C 276 20.75 -11.33 3.29
N VAL C 277 20.04 -10.42 2.63
CA VAL C 277 20.57 -9.74 1.44
C VAL C 277 20.70 -8.24 1.73
N ILE C 278 21.92 -7.73 1.57
CA ILE C 278 22.21 -6.34 1.86
C ILE C 278 22.77 -5.66 0.62
N PRO C 279 22.06 -4.65 0.10
CA PRO C 279 22.61 -3.87 -0.98
C PRO C 279 23.73 -2.96 -0.50
N PHE C 280 24.75 -2.77 -1.32
CA PHE C 280 25.70 -1.67 -1.16
C PHE C 280 26.09 -1.06 -2.50
N HIS C 281 26.95 -0.04 -2.48
CA HIS C 281 27.40 0.69 -3.68
C HIS C 281 26.45 1.81 -4.12
N HIS C 282 25.17 1.68 -3.77
CA HIS C 282 24.15 2.67 -4.15
C HIS C 282 24.32 4.02 -3.43
N ASP C 283 25.09 4.00 -2.35
CA ASP C 283 25.35 5.17 -1.52
C ASP C 283 26.29 6.20 -2.15
N ILE C 284 27.24 5.71 -2.95
CA ILE C 284 28.44 6.48 -3.29
C ILE C 284 28.29 7.50 -4.42
N TRP C 285 27.76 7.08 -5.57
CA TRP C 285 27.70 7.95 -6.75
C TRP C 285 26.34 8.63 -6.94
N SER C 286 26.38 9.96 -7.02
CA SER C 286 25.18 10.78 -7.18
C SER C 286 24.32 10.31 -8.35
N ASN C 287 24.95 10.10 -9.51
CA ASN C 287 24.26 9.65 -10.73
C ASN C 287 23.62 8.26 -10.64
N PHE C 288 24.02 7.46 -9.65
CA PHE C 288 23.46 6.12 -9.46
C PHE C 288 22.47 6.02 -8.29
N GLN C 289 22.14 7.16 -7.68
CA GLN C 289 21.19 7.26 -6.57
C GLN C 289 19.97 6.35 -6.75
N ALA C 290 19.82 5.40 -5.82
CA ALA C 290 18.76 4.40 -5.89
C ALA C 290 18.03 4.25 -4.55
N ASP C 291 16.74 3.91 -4.62
CA ASP C 291 15.96 3.62 -3.42
C ASP C 291 16.05 2.13 -3.11
N PRO C 292 16.68 1.76 -1.98
CA PRO C 292 16.77 0.36 -1.57
C PRO C 292 15.43 -0.23 -1.08
N GLN C 293 14.42 0.63 -0.92
CA GLN C 293 13.09 0.18 -0.53
C GLN C 293 12.38 -0.63 -1.61
N GLU C 294 12.78 -0.41 -2.87
CA GLU C 294 12.30 -1.22 -4.00
C GLU C 294 12.54 -2.72 -3.77
N ILE C 295 13.69 -3.04 -3.16
CA ILE C 295 14.06 -4.41 -2.83
C ILE C 295 13.06 -4.99 -1.84
N ARG C 296 12.73 -4.21 -0.82
CA ARG C 296 11.75 -4.64 0.20
C ARG C 296 10.36 -4.84 -0.41
N VAL C 297 9.92 -3.88 -1.24
CA VAL C 297 8.59 -3.94 -1.84
C VAL C 297 8.42 -5.17 -2.73
N LEU C 298 9.37 -5.39 -3.63
CA LEU C 298 9.37 -6.58 -4.49
C LEU C 298 9.40 -7.87 -3.67
N TRP C 299 10.23 -7.88 -2.63
CA TRP C 299 10.32 -9.01 -1.70
C TRP C 299 8.97 -9.30 -1.04
N GLU C 300 8.26 -8.25 -0.63
CA GLU C 300 6.94 -8.40 -0.03
C GLU C 300 5.91 -9.03 -0.97
N MSE C 301 6.08 -8.80 -2.27
CA MSE C 301 5.19 -9.34 -3.29
C MSE C 301 5.56 -10.78 -3.67
O MSE C 301 4.67 -11.60 -3.94
CB MSE C 301 5.22 -8.47 -4.56
CG MSE C 301 4.76 -7.02 -4.35
SE MSE C 301 4.91 -5.92 -5.98
CE MSE C 301 3.48 -6.73 -7.04
N LYS C 302 6.85 -11.09 -3.67
CA LYS C 302 7.36 -12.34 -4.22
C LYS C 302 7.66 -13.45 -3.20
N LYS C 303 7.95 -13.06 -1.95
CA LYS C 303 8.55 -13.96 -0.96
C LYS C 303 7.76 -15.23 -0.67
N ASP C 304 6.44 -15.11 -0.51
CA ASP C 304 5.58 -16.23 -0.18
C ASP C 304 5.48 -17.18 -1.37
N ARG C 305 5.19 -16.60 -2.52
CA ARG C 305 5.03 -17.32 -3.77
CA ARG C 305 5.03 -17.32 -3.77
C ARG C 305 6.29 -18.09 -4.15
N LEU C 306 7.45 -17.45 -4.02
CA LEU C 306 8.73 -18.04 -4.42
C LEU C 306 9.51 -18.70 -3.27
N LYS C 307 8.86 -18.84 -2.12
CA LYS C 307 9.44 -19.48 -0.92
C LYS C 307 10.81 -18.91 -0.54
N TYR C 308 10.97 -17.58 -0.60
CA TYR C 308 12.26 -16.95 -0.31
C TYR C 308 12.77 -17.30 1.09
N GLY C 309 14.01 -17.77 1.15
CA GLY C 309 14.62 -18.16 2.42
C GLY C 309 15.36 -17.04 3.12
N PHE C 310 15.31 -15.83 2.53
CA PHE C 310 16.04 -14.69 3.07
C PHE C 310 15.14 -13.49 3.33
N LYS C 311 15.66 -12.53 4.11
CA LYS C 311 15.06 -11.21 4.27
C LYS C 311 16.03 -10.15 3.74
N PRO C 312 15.48 -9.06 3.17
CA PRO C 312 16.35 -7.93 2.81
C PRO C 312 16.71 -7.10 4.03
N PHE C 313 17.85 -6.41 3.98
CA PHE C 313 18.25 -5.50 5.03
C PHE C 313 18.76 -4.20 4.42
N ILE C 314 18.24 -3.08 4.89
CA ILE C 314 18.69 -1.78 4.42
C ILE C 314 19.65 -1.17 5.42
N TRP C 315 20.91 -1.11 5.02
CA TRP C 315 22.00 -0.65 5.88
C TRP C 315 22.21 0.86 5.72
N GLN C 316 23.02 1.43 6.61
CA GLN C 316 23.51 2.80 6.46
C GLN C 316 25.02 2.83 6.64
N VAL C 317 25.69 3.69 5.87
CA VAL C 317 27.15 3.78 5.89
C VAL C 317 27.68 4.19 7.27
N GLY C 318 28.67 3.44 7.75
CA GLY C 318 29.26 3.67 9.06
C GLY C 318 28.61 2.81 10.12
N GLY C 319 27.48 2.19 9.76
CA GLY C 319 26.73 1.37 10.69
C GLY C 319 27.26 -0.04 10.85
N LYS C 320 26.98 -0.62 12.02
CA LYS C 320 27.36 -2.00 12.33
C LYS C 320 26.24 -2.97 11.94
N PHE C 321 26.63 -4.21 11.67
CA PHE C 321 25.69 -5.32 11.51
C PHE C 321 26.23 -6.57 12.17
N THR C 322 25.42 -7.18 13.03
CA THR C 322 25.78 -8.41 13.70
C THR C 322 24.93 -9.58 13.20
N TRP C 323 25.59 -10.55 12.58
CA TRP C 323 24.97 -11.84 12.29
C TRP C 323 25.05 -12.71 13.54
N PRO C 324 23.95 -13.42 13.88
CA PRO C 324 22.65 -13.39 13.23
C PRO C 324 21.64 -12.46 13.90
N LEU C 325 22.06 -11.72 14.91
CA LEU C 325 21.17 -10.94 15.76
C LEU C 325 20.33 -9.90 15.00
N ASP C 326 20.90 -9.34 13.95
CA ASP C 326 20.26 -8.25 13.20
C ASP C 326 19.56 -8.72 11.92
N LYS C 327 19.42 -10.04 11.75
CA LYS C 327 18.95 -10.64 10.49
C LYS C 327 17.48 -10.36 10.15
N ASP C 328 16.67 -10.04 11.14
CA ASP C 328 15.25 -9.78 10.95
C ASP C 328 14.88 -8.31 11.19
N ASN C 329 15.89 -7.45 11.26
CA ASN C 329 15.69 -6.03 11.57
C ASN C 329 15.13 -5.20 10.43
N PHE C 330 15.25 -5.71 9.20
CA PHE C 330 14.74 -5.05 7.98
C PHE C 330 15.45 -3.75 7.60
N GLU C 331 15.63 -2.86 8.57
CA GLU C 331 16.21 -1.55 8.34
C GLU C 331 17.15 -1.16 9.49
N TYR C 332 18.32 -0.65 9.12
CA TYR C 332 19.27 -0.14 10.09
C TYR C 332 18.96 1.29 10.47
N HIS C 333 18.98 1.57 11.77
CA HIS C 333 19.00 2.94 12.25
C HIS C 333 20.26 3.14 13.06
N TYR C 334 20.84 4.34 12.98
CA TYR C 334 21.99 4.71 13.80
C TYR C 334 21.56 4.80 15.26
N PRO C 335 22.51 4.57 16.19
CA PRO C 335 22.22 4.81 17.62
C PRO C 335 21.69 6.21 17.86
N ARG C 336 20.68 6.32 18.72
CA ARG C 336 20.02 7.60 18.97
C ARG C 336 20.46 8.30 20.26
N GLY C 337 21.21 7.59 21.09
CA GLY C 337 21.70 8.14 22.36
C GLY C 337 20.67 8.11 23.47
N MSE D 1 61.73 6.13 -3.41
CA MSE D 1 61.09 6.11 -2.06
C MSE D 1 59.70 5.47 -2.08
O MSE D 1 59.17 5.07 -1.05
CB MSE D 1 61.00 7.53 -1.48
CG MSE D 1 60.98 7.58 0.05
SE MSE D 1 60.26 9.24 0.80
CE MSE D 1 60.49 8.83 2.70
N SER D 2 59.13 5.38 -3.29
CA SER D 2 57.78 4.82 -3.53
C SER D 2 56.65 5.70 -2.97
N LYS D 3 55.42 5.27 -3.22
CA LYS D 3 54.24 6.04 -2.80
C LYS D 3 53.72 5.69 -1.41
N VAL D 4 53.79 4.42 -1.04
CA VAL D 4 53.26 3.95 0.26
C VAL D 4 54.03 4.49 1.47
N LYS D 5 55.14 5.16 1.22
CA LYS D 5 55.94 5.78 2.29
C LYS D 5 56.05 7.30 2.17
N SER D 6 55.86 7.83 0.97
CA SER D 6 55.88 9.28 0.74
C SER D 6 54.54 9.95 1.05
N ILE D 7 53.47 9.14 1.07
CA ILE D 7 52.12 9.62 1.37
C ILE D 7 51.91 9.74 2.89
N THR D 8 51.38 10.88 3.32
CA THR D 8 51.04 11.11 4.73
C THR D 8 49.54 11.39 4.89
N ARG D 9 49.06 11.32 6.13
CA ARG D 9 47.65 11.58 6.46
C ARG D 9 47.18 12.94 5.91
N GLU D 10 48.02 13.95 6.07
CA GLU D 10 47.72 15.31 5.63
C GLU D 10 47.61 15.41 4.12
N SER D 11 48.47 14.68 3.41
CA SER D 11 48.49 14.69 1.94
C SER D 11 47.22 14.06 1.37
N TRP D 12 46.70 13.05 2.07
CA TRP D 12 45.44 12.41 1.67
C TRP D 12 44.25 13.34 1.88
N ILE D 13 44.11 13.85 3.10
CA ILE D 13 42.99 14.73 3.46
C ILE D 13 42.91 15.94 2.52
N LEU D 14 44.03 16.65 2.38
CA LEU D 14 44.07 17.90 1.64
C LEU D 14 43.96 17.78 0.11
N SER D 15 43.91 16.54 -0.39
CA SER D 15 43.71 16.29 -1.81
C SER D 15 42.37 15.62 -2.09
N THR D 16 41.63 15.29 -1.03
CA THR D 16 40.34 14.59 -1.16
C THR D 16 39.15 15.45 -0.74
N PHE D 17 39.36 16.33 0.23
CA PHE D 17 38.26 17.09 0.84
C PHE D 17 38.29 18.59 0.51
N PRO D 18 37.11 19.22 0.38
CA PRO D 18 35.77 18.63 0.49
C PRO D 18 35.44 17.68 -0.67
N GLU D 19 34.47 16.80 -0.44
CA GLU D 19 34.10 15.75 -1.39
C GLU D 19 33.79 16.24 -2.80
N TRP D 20 33.05 17.34 -2.90
CA TRP D 20 32.56 17.83 -4.19
C TRP D 20 33.50 18.84 -4.84
N GLY D 21 34.54 19.22 -4.11
CA GLY D 21 35.46 20.25 -4.57
C GLY D 21 34.75 21.56 -4.77
N SER D 22 34.83 22.09 -5.99
CA SER D 22 34.17 23.34 -6.33
C SER D 22 33.15 23.14 -7.47
N TRP D 23 32.74 21.88 -7.66
CA TRP D 23 31.77 21.51 -8.68
C TRP D 23 30.47 22.31 -8.55
N LEU D 24 29.93 22.37 -7.33
CA LEU D 24 28.70 23.10 -7.08
C LEU D 24 28.93 24.61 -7.02
N ASN D 25 30.11 25.02 -6.54
CA ASN D 25 30.52 26.42 -6.60
C ASN D 25 30.45 26.95 -8.04
N GLU D 26 30.92 26.12 -8.96
CA GLU D 26 30.91 26.43 -10.39
C GLU D 26 29.51 26.39 -10.97
N GLU D 27 28.74 25.35 -10.62
CA GLU D 27 27.37 25.19 -11.11
C GLU D 27 26.50 26.39 -10.77
N ILE D 28 26.57 26.82 -9.51
CA ILE D 28 25.85 28.00 -9.03
C ILE D 28 26.26 29.26 -9.80
N GLU D 29 27.57 29.40 -10.03
CA GLU D 29 28.13 30.52 -10.78
C GLU D 29 27.61 30.56 -12.22
N GLN D 30 27.49 29.38 -12.83
CA GLN D 30 27.10 29.27 -14.25
C GLN D 30 25.58 29.28 -14.48
N GLU D 31 24.81 29.20 -13.40
CA GLU D 31 23.36 29.10 -13.50
C GLU D 31 22.72 30.42 -13.93
N GLN D 32 22.01 30.38 -15.06
CA GLN D 32 21.28 31.54 -15.54
C GLN D 32 19.82 31.38 -15.14
N VAL D 33 19.40 32.14 -14.12
CA VAL D 33 18.04 32.04 -13.60
C VAL D 33 17.06 32.81 -14.47
N ALA D 34 16.18 32.08 -15.15
CA ALA D 34 15.18 32.65 -16.05
C ALA D 34 14.24 33.62 -15.33
N PRO D 35 13.71 34.64 -16.05
CA PRO D 35 12.67 35.50 -15.50
C PRO D 35 11.45 34.70 -15.05
N GLY D 36 10.82 35.15 -13.96
CA GLY D 36 9.65 34.47 -13.41
C GLY D 36 9.98 33.19 -12.64
N THR D 37 11.27 32.96 -12.40
CA THR D 37 11.71 31.79 -11.64
C THR D 37 12.73 32.18 -10.57
N PHE D 38 13.03 31.26 -9.66
CA PHE D 38 14.23 31.36 -8.83
C PHE D 38 14.86 30.00 -8.65
N ALA D 39 16.17 29.98 -8.40
CA ALA D 39 16.91 28.74 -8.22
C ALA D 39 17.51 28.65 -6.83
N MSE D 40 17.57 27.45 -6.29
CA MSE D 40 18.18 27.22 -4.99
C MSE D 40 18.87 25.86 -4.89
O MSE D 40 18.53 24.91 -5.61
CB MSE D 40 17.16 27.39 -3.86
CG MSE D 40 15.99 26.43 -3.87
SE MSE D 40 14.94 26.55 -2.24
CE MSE D 40 13.82 24.98 -2.48
N TRP D 41 19.86 25.78 -4.01
CA TRP D 41 20.62 24.56 -3.78
C TRP D 41 20.62 24.19 -2.30
N TRP D 42 20.51 22.89 -2.02
CA TRP D 42 20.60 22.39 -0.65
C TRP D 42 22.07 22.17 -0.32
N LEU D 43 22.54 22.83 0.73
CA LEU D 43 23.95 22.81 1.10
C LEU D 43 24.24 21.91 2.30
N GLY D 44 23.26 21.08 2.66
CA GLY D 44 23.35 20.25 3.86
C GLY D 44 22.71 20.95 5.03
N CYS D 45 22.14 20.14 5.94
CA CYS D 45 21.49 20.65 7.16
C CYS D 45 20.37 21.65 6.83
N THR D 46 20.51 22.90 7.26
CA THR D 46 19.55 23.95 6.89
C THR D 46 20.17 24.98 5.93
N GLY D 47 21.34 24.67 5.41
CA GLY D 47 22.07 25.56 4.50
C GLY D 47 21.44 25.64 3.12
N ILE D 48 21.14 26.86 2.69
CA ILE D 48 20.53 27.10 1.39
C ILE D 48 21.22 28.27 0.68
N TRP D 49 21.67 28.02 -0.55
CA TRP D 49 22.06 29.08 -1.46
C TRP D 49 20.86 29.44 -2.31
N LEU D 50 20.57 30.74 -2.42
CA LEU D 50 19.44 31.22 -3.21
C LEU D 50 19.89 32.23 -4.27
N LYS D 51 19.40 32.04 -5.49
CA LYS D 51 19.75 32.89 -6.63
C LYS D 51 18.52 33.38 -7.41
N SER D 52 18.28 34.69 -7.37
CA SER D 52 17.16 35.31 -8.06
C SER D 52 17.42 35.45 -9.56
N GLU D 53 16.40 35.91 -10.28
CA GLU D 53 16.52 36.10 -11.73
C GLU D 53 17.47 37.24 -12.12
N GLY D 54 17.62 38.21 -11.21
CA GLY D 54 18.54 39.33 -11.40
C GLY D 54 19.99 38.95 -11.22
N GLY D 55 20.23 37.74 -10.70
CA GLY D 55 21.58 37.23 -10.49
C GLY D 55 22.08 37.41 -9.05
N THR D 56 21.18 37.81 -8.16
CA THR D 56 21.50 38.05 -6.76
C THR D 56 21.73 36.73 -6.03
N ASN D 57 22.89 36.61 -5.38
CA ASN D 57 23.28 35.41 -4.64
C ASN D 57 23.17 35.60 -3.13
N VAL D 58 22.36 34.76 -2.49
CA VAL D 58 22.15 34.84 -1.05
C VAL D 58 22.40 33.48 -0.38
N CYS D 59 23.11 33.51 0.74
CA CYS D 59 23.53 32.31 1.46
C CYS D 59 22.97 32.32 2.88
N VAL D 60 22.17 31.31 3.20
CA VAL D 60 21.53 31.22 4.52
C VAL D 60 21.83 29.89 5.24
N ASP D 61 22.29 30.01 6.48
CA ASP D 61 22.58 28.87 7.36
C ASP D 61 23.65 27.89 6.86
N PHE D 62 24.62 28.39 6.09
CA PHE D 62 25.68 27.55 5.53
C PHE D 62 26.66 27.10 6.62
N TRP D 63 26.68 25.81 6.90
CA TRP D 63 27.47 25.25 8.00
C TRP D 63 28.50 24.22 7.52
N CYS D 64 29.74 24.40 7.95
CA CYS D 64 30.84 23.57 7.48
C CYS D 64 31.62 22.84 8.57
N GLY D 65 31.02 22.71 9.75
CA GLY D 65 31.58 21.89 10.81
C GLY D 65 31.18 20.43 10.65
N THR D 66 31.57 19.62 11.62
CA THR D 66 31.18 18.21 11.65
C THR D 66 30.72 17.83 13.06
N GLY D 67 30.39 16.57 13.27
CA GLY D 67 29.98 16.09 14.59
C GLY D 67 31.12 15.51 15.39
N LYS D 68 30.84 14.45 16.14
CA LYS D 68 31.83 13.78 16.97
C LYS D 68 32.93 13.14 16.11
N GLN D 69 34.18 13.47 16.42
CA GLN D 69 35.32 12.89 15.73
C GLN D 69 36.09 11.87 16.60
N SER D 70 35.69 11.78 17.86
CA SER D 70 36.27 10.85 18.82
C SER D 70 35.32 10.57 19.98
N HIS D 71 35.56 9.47 20.69
CA HIS D 71 34.81 9.14 21.91
C HIS D 71 35.32 9.96 23.10
N GLY D 72 36.55 10.45 23.00
CA GLY D 72 37.17 11.23 24.06
C GLY D 72 36.54 12.60 24.22
N GLN D 92 25.95 13.12 23.16
CA GLN D 92 25.14 12.42 22.17
C GLN D 92 26.00 11.90 21.02
N PRO D 93 25.64 10.74 20.43
CA PRO D 93 26.38 10.25 19.28
C PRO D 93 25.94 10.92 17.97
N ASN D 94 26.19 12.22 17.86
CA ASN D 94 25.87 12.96 16.65
C ASN D 94 27.02 12.94 15.65
N LEU D 95 26.88 12.13 14.62
CA LEU D 95 27.89 12.01 13.58
C LEU D 95 27.34 12.58 12.28
N ARG D 96 28.16 13.34 11.57
CA ARG D 96 27.72 13.95 10.32
C ARG D 96 27.57 12.87 9.24
N THR D 97 26.38 12.83 8.64
CA THR D 97 26.05 11.79 7.67
C THR D 97 25.94 12.30 6.24
N THR D 98 26.13 13.62 6.07
CA THR D 98 26.13 14.24 4.75
C THR D 98 27.50 14.78 4.38
N PRO D 99 27.93 14.57 3.12
CA PRO D 99 29.22 15.12 2.68
C PRO D 99 29.18 16.64 2.48
N PHE D 100 30.30 17.20 2.03
CA PHE D 100 30.40 18.62 1.77
C PHE D 100 30.24 18.89 0.27
N VAL D 101 29.14 19.55 -0.09
CA VAL D 101 28.79 19.80 -1.48
C VAL D 101 29.31 21.14 -2.00
N LEU D 102 29.63 22.06 -1.09
CA LEU D 102 30.08 23.38 -1.45
C LEU D 102 31.32 23.75 -0.65
N ASP D 103 32.35 24.24 -1.35
CA ASP D 103 33.56 24.73 -0.71
C ASP D 103 33.36 26.21 -0.39
N PRO D 104 33.31 26.55 0.92
CA PRO D 104 33.17 27.94 1.34
C PRO D 104 34.28 28.85 0.82
N PHE D 105 35.49 28.31 0.71
CA PHE D 105 36.66 29.08 0.29
C PHE D 105 36.73 29.28 -1.23
N ALA D 106 35.78 28.70 -1.95
CA ALA D 106 35.67 28.86 -3.40
C ALA D 106 34.56 29.85 -3.77
N ILE D 107 33.89 30.39 -2.75
CA ILE D 107 32.84 31.38 -2.93
C ILE D 107 33.43 32.73 -3.36
N ARG D 108 32.92 33.27 -4.47
CA ARG D 108 33.34 34.58 -4.95
C ARG D 108 32.17 35.55 -5.00
N GLN D 109 31.22 35.29 -5.89
CA GLN D 109 30.01 36.12 -5.97
C GLN D 109 29.06 35.80 -4.84
N ILE D 110 28.80 36.80 -4.01
CA ILE D 110 27.86 36.70 -2.91
C ILE D 110 27.31 38.10 -2.63
N ASP D 111 26.03 38.19 -2.29
CA ASP D 111 25.40 39.48 -2.03
C ASP D 111 24.95 39.66 -0.57
N ALA D 112 24.87 38.55 0.17
CA ALA D 112 24.53 38.57 1.59
C ALA D 112 24.70 37.20 2.26
N VAL D 113 25.17 37.21 3.51
CA VAL D 113 25.31 36.01 4.32
C VAL D 113 24.33 36.10 5.50
N LEU D 114 23.49 35.09 5.66
CA LEU D 114 22.43 35.12 6.67
C LEU D 114 22.47 33.95 7.63
N ALA D 115 22.00 34.18 8.85
CA ALA D 115 21.80 33.13 9.84
C ALA D 115 20.44 33.29 10.53
N THR D 116 19.79 32.17 10.82
CA THR D 116 18.48 32.17 11.50
C THR D 116 18.63 32.25 13.02
N HIS D 117 19.56 31.46 13.58
CA HIS D 117 19.89 31.54 15.01
C HIS D 117 21.33 31.10 15.30
N ASP D 118 21.74 31.24 16.55
CA ASP D 118 23.15 31.07 16.92
C ASP D 118 23.55 29.64 17.30
N HIS D 119 22.65 28.68 17.06
CA HIS D 119 22.97 27.27 17.28
C HIS D 119 24.06 26.83 16.31
N ASN D 120 24.96 25.98 16.80
CA ASN D 120 26.15 25.54 16.05
C ASN D 120 25.90 25.12 14.60
N ASP D 121 24.84 24.34 14.37
CA ASP D 121 24.52 23.79 13.05
C ASP D 121 24.15 24.84 12.00
N HIS D 122 24.08 26.11 12.40
CA HIS D 122 23.53 27.15 11.53
C HIS D 122 24.52 28.26 11.20
N ILE D 123 25.50 28.46 12.06
CA ILE D 123 26.48 29.54 11.90
C ILE D 123 27.89 28.97 12.01
N ASP D 124 28.76 29.38 11.08
CA ASP D 124 30.09 28.77 10.97
C ASP D 124 31.21 29.81 10.81
N VAL D 125 32.30 29.61 11.56
CA VAL D 125 33.47 30.50 11.52
C VAL D 125 34.17 30.43 10.17
N ASN D 126 34.23 29.22 9.62
CA ASN D 126 34.91 28.96 8.35
C ASN D 126 34.22 29.63 7.17
N VAL D 127 32.89 29.66 7.19
CA VAL D 127 32.11 30.38 6.18
C VAL D 127 32.36 31.89 6.31
N ALA D 128 32.31 32.38 7.55
CA ALA D 128 32.64 33.77 7.84
C ALA D 128 34.05 34.14 7.37
N ALA D 129 35.03 33.33 7.76
CA ALA D 129 36.43 33.54 7.38
C ALA D 129 36.62 33.51 5.86
N ALA D 130 36.02 32.51 5.21
CA ALA D 130 36.09 32.36 3.76
C ALA D 130 35.57 33.59 3.01
N VAL D 131 34.36 34.01 3.34
CA VAL D 131 33.75 35.20 2.74
C VAL D 131 34.59 36.45 3.01
N MSE D 132 35.08 36.57 4.25
CA MSE D 132 35.85 37.74 4.67
C MSE D 132 37.17 37.90 3.91
O MSE D 132 37.61 39.03 3.68
CB MSE D 132 36.14 37.66 6.17
CG MSE D 132 36.26 39.03 6.84
SE MSE D 132 34.53 39.91 6.90
CE MSE D 132 33.64 38.56 7.98
N GLN D 133 37.77 36.78 3.52
CA GLN D 133 39.06 36.79 2.83
C GLN D 133 38.94 36.95 1.32
N ASN D 134 37.84 36.46 0.76
CA ASN D 134 37.73 36.28 -0.69
C ASN D 134 36.66 37.11 -1.39
N CYS D 135 35.81 37.78 -0.61
CA CYS D 135 34.66 38.49 -1.17
C CYS D 135 34.67 39.98 -0.88
N ALA D 136 33.72 40.70 -1.48
CA ALA D 136 33.64 42.16 -1.39
C ALA D 136 33.50 42.66 0.05
N ASP D 137 34.23 43.72 0.35
CA ASP D 137 34.24 44.36 1.69
C ASP D 137 32.89 45.03 1.98
N ASP D 138 31.84 44.47 1.41
CA ASP D 138 30.57 45.14 1.25
C ASP D 138 29.40 44.14 1.48
N VAL D 139 29.73 42.85 1.45
CA VAL D 139 28.76 41.79 1.72
C VAL D 139 28.31 41.84 3.18
N PRO D 140 26.99 42.01 3.42
CA PRO D 140 26.45 42.09 4.77
C PRO D 140 26.23 40.72 5.44
N PHE D 141 26.48 40.68 6.75
CA PHE D 141 26.17 39.53 7.58
C PHE D 141 24.90 39.83 8.35
N ILE D 142 23.81 39.15 7.98
CA ILE D 142 22.48 39.43 8.51
C ILE D 142 22.02 38.33 9.45
N GLY D 143 21.61 38.72 10.66
CA GLY D 143 21.10 37.77 11.65
C GLY D 143 20.62 38.42 12.93
N PRO D 144 20.08 37.62 13.86
CA PRO D 144 19.65 38.12 15.17
C PRO D 144 20.83 38.64 16.00
N LYS D 145 20.52 39.44 17.02
CA LYS D 145 21.54 40.08 17.86
C LYS D 145 22.65 39.12 18.29
N THR D 146 22.27 37.95 18.79
CA THR D 146 23.23 36.96 19.28
C THR D 146 24.12 36.38 18.18
N CYS D 147 23.62 36.35 16.94
CA CYS D 147 24.41 35.93 15.78
C CYS D 147 25.43 37.00 15.40
N VAL D 148 24.97 38.26 15.38
CA VAL D 148 25.86 39.40 15.17
C VAL D 148 26.94 39.44 16.26
N ASP D 149 26.53 39.20 17.50
CA ASP D 149 27.47 39.09 18.63
C ASP D 149 28.55 38.06 18.33
N LEU D 150 28.10 36.88 17.90
CA LEU D 150 28.97 35.75 17.58
C LEU D 150 29.88 36.04 16.39
N TRP D 151 29.35 36.76 15.40
CA TRP D 151 30.12 37.17 14.23
C TRP D 151 31.21 38.18 14.58
N ILE D 152 30.84 39.23 15.33
CA ILE D 152 31.78 40.27 15.76
C ILE D 152 33.00 39.68 16.47
N GLY D 153 32.74 38.70 17.33
CA GLY D 153 33.80 37.99 18.06
C GLY D 153 34.77 37.21 17.21
N TRP D 154 34.31 36.72 16.06
CA TRP D 154 35.19 36.01 15.13
C TRP D 154 36.05 36.97 14.31
N GLY D 155 35.72 38.26 14.38
CA GLY D 155 36.47 39.28 13.67
C GLY D 155 35.73 39.95 12.53
N VAL D 156 34.42 39.73 12.47
CA VAL D 156 33.57 40.42 11.50
C VAL D 156 33.35 41.84 12.01
N PRO D 157 33.74 42.86 11.21
CA PRO D 157 33.50 44.25 11.63
C PRO D 157 32.03 44.52 11.82
N LYS D 158 31.71 45.31 12.85
CA LYS D 158 30.37 45.68 13.23
C LYS D 158 29.61 46.43 12.15
N GLU D 159 30.34 47.12 11.30
CA GLU D 159 29.73 47.83 10.22
C GLU D 159 29.38 46.93 9.07
N ARG D 160 29.77 45.68 9.16
CA ARG D 160 29.52 44.70 8.14
C ARG D 160 28.31 43.87 8.51
N CYS D 161 27.76 44.15 9.67
CA CYS D 161 26.65 43.40 10.26
C CYS D 161 25.33 44.15 10.25
N ILE D 162 24.24 43.43 9.96
CA ILE D 162 22.89 43.98 10.06
C ILE D 162 22.06 43.12 11.02
N VAL D 163 21.83 43.64 12.21
CA VAL D 163 20.98 42.98 13.20
C VAL D 163 19.51 43.07 12.79
N VAL D 164 18.83 41.93 12.80
CA VAL D 164 17.41 41.86 12.47
C VAL D 164 16.57 41.24 13.58
N LYS D 165 15.33 41.70 13.68
CA LYS D 165 14.33 41.12 14.58
C LYS D 165 13.00 41.01 13.81
N PRO D 166 12.06 40.19 14.31
CA PRO D 166 10.74 40.05 13.66
C PRO D 166 10.13 41.40 13.24
N GLY D 167 9.76 41.51 11.98
CA GLY D 167 9.22 42.75 11.43
C GLY D 167 10.15 43.41 10.43
N ASP D 168 11.46 43.30 10.67
CA ASP D 168 12.48 43.94 9.85
C ASP D 168 12.50 43.44 8.40
N VAL D 169 12.70 44.36 7.47
CA VAL D 169 12.79 44.04 6.06
C VAL D 169 14.12 44.54 5.51
N VAL D 170 14.91 43.63 4.95
CA VAL D 170 16.21 43.96 4.39
C VAL D 170 16.20 43.78 2.87
N LYS D 171 16.50 44.86 2.15
CA LYS D 171 16.53 44.82 0.70
C LYS D 171 17.94 44.51 0.21
N VAL D 172 18.12 43.32 -0.37
CA VAL D 172 19.36 42.95 -1.02
C VAL D 172 19.09 42.81 -2.52
N LYS D 173 19.36 43.89 -3.25
CA LYS D 173 19.09 44.00 -4.69
C LYS D 173 17.62 43.70 -5.01
N ASP D 174 17.36 42.65 -5.78
CA ASP D 174 15.98 42.27 -6.11
C ASP D 174 15.38 41.25 -5.13
N ILE D 175 16.16 40.89 -4.12
CA ILE D 175 15.69 39.97 -3.07
C ILE D 175 15.29 40.74 -1.82
N GLU D 176 13.99 40.71 -1.53
CA GLU D 176 13.45 41.36 -0.35
C GLU D 176 13.36 40.35 0.79
N ILE D 177 14.18 40.57 1.82
CA ILE D 177 14.28 39.65 2.96
C ILE D 177 13.44 40.13 4.14
N HIS D 178 12.41 39.34 4.48
CA HIS D 178 11.53 39.64 5.61
C HIS D 178 11.89 38.76 6.81
N ALA D 179 12.23 39.40 7.92
CA ALA D 179 12.50 38.68 9.16
C ALA D 179 11.20 38.48 9.93
N LEU D 180 10.95 37.23 10.33
CA LEU D 180 9.70 36.86 10.98
C LEU D 180 9.95 36.06 12.26
N ASP D 181 8.89 35.85 13.04
CA ASP D 181 8.95 35.14 14.32
C ASP D 181 9.40 33.68 14.19
N ALA D 182 10.21 33.24 15.16
CA ALA D 182 10.68 31.87 15.22
C ALA D 182 10.28 31.20 16.54
N PHE D 183 9.93 29.91 16.48
CA PHE D 183 9.58 29.14 17.67
C PHE D 183 10.06 27.70 17.59
N GLY D 204 12.95 39.54 24.05
CA GLY D 204 13.16 38.20 24.60
C GLY D 204 13.91 37.32 23.63
N MSE D 205 13.16 36.55 22.84
CA MSE D 205 13.75 35.66 21.82
C MSE D 205 14.12 36.43 20.53
O MSE D 205 14.83 35.89 19.68
CB MSE D 205 12.81 34.47 21.52
CG MSE D 205 13.26 33.57 20.36
SE MSE D 205 12.71 31.69 20.46
CE MSE D 205 10.85 31.92 20.98
N ASP D 206 13.66 37.67 20.43
CA ASP D 206 14.02 38.56 19.31
C ASP D 206 15.53 38.67 19.11
N ASP D 207 16.27 38.45 20.19
CA ASP D 207 17.74 38.43 20.16
C ASP D 207 18.28 37.12 19.62
N ARG D 208 17.55 36.03 19.86
CA ARG D 208 18.03 34.67 19.55
C ARG D 208 17.80 34.21 18.11
N ALA D 209 16.55 34.21 17.67
CA ALA D 209 16.17 33.54 16.43
C ALA D 209 15.18 34.32 15.56
N VAL D 210 15.28 34.08 14.25
CA VAL D 210 14.33 34.61 13.27
C VAL D 210 14.05 33.59 12.18
N ASN D 211 12.87 33.69 11.56
CA ASN D 211 12.60 33.01 10.31
C ASN D 211 12.67 34.01 9.16
N TYR D 212 13.05 33.54 7.98
CA TYR D 212 13.16 34.42 6.80
C TYR D 212 12.13 34.09 5.73
N LEU D 213 11.62 35.14 5.10
CA LEU D 213 10.88 34.99 3.86
C LEU D 213 11.58 35.78 2.77
N PHE D 214 12.11 35.07 1.78
CA PHE D 214 12.86 35.67 0.69
C PHE D 214 11.91 35.95 -0.48
N LYS D 215 11.64 37.23 -0.72
CA LYS D 215 10.78 37.65 -1.82
C LYS D 215 11.61 38.02 -3.04
N THR D 216 11.58 37.16 -4.05
CA THR D 216 12.26 37.41 -5.32
C THR D 216 11.21 37.78 -6.38
N PRO D 217 11.65 38.38 -7.51
CA PRO D 217 10.72 38.65 -8.61
C PRO D 217 10.08 37.39 -9.23
N GLY D 218 10.63 36.22 -8.91
CA GLY D 218 10.14 34.96 -9.47
C GLY D 218 9.33 34.11 -8.51
N GLY D 219 9.40 34.44 -7.22
CA GLY D 219 8.69 33.70 -6.19
C GLY D 219 9.31 33.88 -4.83
N SER D 220 8.60 33.44 -3.79
CA SER D 220 9.07 33.59 -2.41
C SER D 220 9.52 32.27 -1.79
N LEU D 221 10.48 32.35 -0.88
CA LEU D 221 10.99 31.17 -0.17
C LEU D 221 10.95 31.37 1.34
N TYR D 222 10.23 30.48 2.02
CA TYR D 222 10.16 30.49 3.47
C TYR D 222 11.18 29.52 4.05
N HIS D 223 12.07 30.07 4.88
CA HIS D 223 13.10 29.30 5.57
C HIS D 223 12.84 29.43 7.07
N SER D 224 12.73 28.30 7.75
CA SER D 224 12.31 28.30 9.16
C SER D 224 13.40 27.89 10.16
N GLY D 225 14.60 27.58 9.67
CA GLY D 225 15.71 27.20 10.53
C GLY D 225 15.48 25.89 11.26
N ASP D 226 15.79 25.88 12.56
CA ASP D 226 15.63 24.70 13.40
C ASP D 226 14.37 24.81 14.25
N SER D 227 13.48 25.72 13.84
CA SER D 227 12.26 26.05 14.58
C SER D 227 11.36 24.84 14.87
N HIS D 228 10.66 24.89 16.00
CA HIS D 228 9.60 23.95 16.33
C HIS D 228 8.35 24.38 15.55
N TYR D 229 7.30 23.56 15.60
CA TYR D 229 6.03 23.99 15.02
C TYR D 229 5.36 25.03 15.90
N SER D 230 4.95 26.13 15.27
CA SER D 230 4.20 27.16 15.96
C SER D 230 2.94 27.51 15.19
N ASN D 231 1.89 27.88 15.93
CA ASN D 231 0.65 28.36 15.34
C ASN D 231 0.82 29.68 14.61
N TYR D 232 1.92 30.37 14.90
CA TYR D 232 2.24 31.65 14.28
C TYR D 232 2.68 31.52 12.81
N TYR D 233 2.81 30.28 12.34
CA TYR D 233 2.99 30.01 10.91
C TYR D 233 1.78 30.48 10.12
N ALA D 234 0.61 30.29 10.70
CA ALA D 234 -0.67 30.69 10.09
C ALA D 234 -0.79 32.20 9.93
N LYS D 235 -0.19 32.95 10.85
CA LYS D 235 -0.14 34.41 10.77
C LYS D 235 0.66 34.84 9.54
N HIS D 236 1.80 34.21 9.32
CA HIS D 236 2.66 34.48 8.17
C HIS D 236 1.99 34.09 6.85
N GLY D 237 1.22 33.01 6.89
CA GLY D 237 0.46 32.54 5.72
C GLY D 237 -0.69 33.48 5.36
N ASN D 238 -1.24 34.15 6.36
CA ASN D 238 -2.29 35.15 6.17
C ASN D 238 -1.77 36.47 5.62
N GLU D 239 -0.54 36.83 6.00
CA GLU D 239 0.02 38.15 5.70
C GLU D 239 0.99 38.17 4.53
N HIS D 240 1.38 36.99 4.06
CA HIS D 240 2.32 36.87 2.95
C HIS D 240 1.90 35.75 1.99
N GLN D 241 2.36 35.85 0.75
CA GLN D 241 2.21 34.78 -0.23
C GLN D 241 3.48 33.94 -0.21
N ILE D 242 3.33 32.68 0.22
CA ILE D 242 4.47 31.76 0.34
C ILE D 242 4.36 30.63 -0.68
N ASP D 243 5.41 30.44 -1.46
CA ASP D 243 5.43 29.45 -2.53
C ASP D 243 6.12 28.16 -2.11
N VAL D 244 7.41 28.25 -1.78
CA VAL D 244 8.19 27.11 -1.32
C VAL D 244 8.52 27.26 0.16
N ALA D 245 8.22 26.23 0.94
CA ALA D 245 8.46 26.25 2.39
C ALA D 245 9.42 25.14 2.84
N LEU D 246 10.45 25.56 3.57
CA LEU D 246 11.45 24.64 4.12
C LEU D 246 11.30 24.55 5.63
N GLY D 247 11.38 23.33 6.16
CA GLY D 247 11.23 23.10 7.60
C GLY D 247 12.10 21.97 8.13
N SER D 248 12.58 22.14 9.36
CA SER D 248 13.47 21.17 10.00
C SER D 248 12.77 19.86 10.34
N TYR D 249 13.05 18.84 9.53
CA TYR D 249 12.52 17.50 9.72
C TYR D 249 13.56 16.62 10.40
N GLY D 250 13.10 15.57 11.08
CA GLY D 250 14.02 14.63 11.71
C GLY D 250 13.34 13.72 12.71
N GLU D 251 13.95 12.56 12.96
CA GLU D 251 13.46 11.61 13.92
C GLU D 251 13.98 11.96 15.30
N ASN D 252 13.09 12.46 16.16
CA ASN D 252 13.46 12.76 17.54
C ASN D 252 13.76 11.48 18.33
N PRO D 253 14.94 11.41 18.96
CA PRO D 253 15.23 10.34 19.91
C PRO D 253 14.27 10.38 21.11
N ARG D 254 14.15 9.24 21.80
CA ARG D 254 13.31 9.14 22.99
C ARG D 254 13.67 10.24 24.00
N GLY D 255 12.65 10.96 24.45
CA GLY D 255 12.82 12.02 25.46
C GLY D 255 13.39 13.33 24.94
N ILE D 256 13.34 13.53 23.63
CA ILE D 256 13.86 14.75 23.01
C ILE D 256 12.88 15.30 21.97
N THR D 257 12.80 16.63 21.90
CA THR D 257 12.03 17.31 20.86
C THR D 257 12.82 18.50 20.32
N ASP D 258 13.53 18.26 19.22
CA ASP D 258 14.33 19.30 18.57
C ASP D 258 13.96 19.46 17.09
N LYS D 259 13.29 18.46 16.53
CA LYS D 259 12.88 18.47 15.13
C LYS D 259 11.37 18.31 14.97
N MSE D 260 10.85 18.74 13.82
CA MSE D 260 9.45 18.56 13.48
C MSE D 260 9.19 17.16 12.92
O MSE D 260 10.02 16.59 12.24
CB MSE D 260 9.00 19.59 12.45
CG MSE D 260 8.53 20.90 13.02
SE MSE D 260 8.05 22.09 11.56
CE MSE D 260 9.78 22.96 11.28
N THR D 261 8.00 16.64 13.21
CA THR D 261 7.57 15.33 12.72
C THR D 261 7.02 15.43 11.31
N SER D 262 6.72 14.29 10.71
CA SER D 262 6.12 14.24 9.36
C SER D 262 4.74 14.91 9.33
N ALA D 263 3.99 14.78 10.42
CA ALA D 263 2.67 15.40 10.54
C ALA D 263 2.76 16.93 10.67
N ASP D 264 3.78 17.40 11.39
CA ASP D 264 4.04 18.84 11.54
C ASP D 264 4.39 19.50 10.21
N MSE D 265 5.14 18.78 9.38
CA MSE D 265 5.54 19.25 8.05
C MSE D 265 4.33 19.65 7.22
O MSE D 265 4.34 20.67 6.52
CB MSE D 265 6.35 18.19 7.31
CG MSE D 265 7.80 18.04 7.76
SE MSE D 265 8.92 19.58 7.35
CE MSE D 265 9.32 20.13 9.15
N LEU D 266 3.28 18.83 7.29
CA LEU D 266 2.05 19.07 6.57
C LEU D 266 1.24 20.20 7.19
N ARG D 267 1.23 20.24 8.53
CA ARG D 267 0.55 21.31 9.27
C ARG D 267 1.15 22.68 8.95
N MSE D 268 2.47 22.70 8.77
CA MSE D 268 3.19 23.91 8.39
C MSE D 268 2.83 24.35 6.98
O MSE D 268 2.61 25.54 6.74
CB MSE D 268 4.70 23.69 8.49
CG MSE D 268 5.51 24.95 8.26
SE MSE D 268 7.39 24.59 7.90
CE MSE D 268 7.23 23.67 6.18
N GLY D 269 2.77 23.40 6.05
CA GLY D 269 2.38 23.70 4.67
C GLY D 269 0.99 24.30 4.56
N GLU D 270 0.08 23.75 5.36
CA GLU D 270 -1.29 24.24 5.43
C GLU D 270 -1.36 25.63 6.05
N ALA D 271 -0.59 25.83 7.13
CA ALA D 271 -0.56 27.10 7.85
C ALA D 271 0.09 28.22 7.04
N LEU D 272 1.11 27.89 6.25
CA LEU D 272 1.83 28.89 5.47
C LEU D 272 1.19 29.17 4.11
N ASN D 273 0.15 28.41 3.78
CA ASN D 273 -0.47 28.44 2.45
C ASN D 273 0.54 28.27 1.32
N ALA D 274 1.46 27.34 1.51
CA ALA D 274 2.52 27.08 0.55
C ALA D 274 2.00 26.28 -0.65
N LYS D 275 2.80 26.23 -1.71
CA LYS D 275 2.51 25.38 -2.87
C LYS D 275 3.45 24.17 -2.86
N VAL D 276 4.61 24.34 -2.22
CA VAL D 276 5.63 23.30 -2.10
C VAL D 276 6.18 23.26 -0.67
N VAL D 277 6.26 22.06 -0.10
CA VAL D 277 6.86 21.87 1.23
C VAL D 277 8.02 20.90 1.14
N ILE D 278 9.21 21.40 1.47
CA ILE D 278 10.43 20.60 1.38
C ILE D 278 11.05 20.42 2.76
N PRO D 279 11.25 19.16 3.18
CA PRO D 279 11.95 18.92 4.44
C PRO D 279 13.46 19.10 4.28
N PHE D 280 14.09 19.64 5.31
CA PHE D 280 15.56 19.63 5.43
C PHE D 280 15.98 19.43 6.88
N HIS D 281 17.29 19.35 7.12
CA HIS D 281 17.87 19.08 8.44
C HIS D 281 17.89 17.60 8.86
N HIS D 282 17.10 16.77 8.16
CA HIS D 282 17.02 15.33 8.47
C HIS D 282 18.22 14.54 7.93
N ASP D 283 19.04 15.23 7.15
CA ASP D 283 20.15 14.63 6.42
C ASP D 283 21.42 14.54 7.27
N ILE D 284 21.58 15.50 8.17
CA ILE D 284 22.89 15.82 8.76
C ILE D 284 23.34 14.91 9.91
N TRP D 285 22.42 14.49 10.78
CA TRP D 285 22.80 13.77 12.00
C TRP D 285 22.38 12.32 12.02
N SER D 286 23.35 11.45 12.32
CA SER D 286 23.14 10.02 12.44
C SER D 286 21.95 9.68 13.34
N ASN D 287 21.97 10.24 14.55
CA ASN D 287 20.94 9.98 15.57
C ASN D 287 19.53 10.51 15.26
N PHE D 288 19.45 11.46 14.32
CA PHE D 288 18.16 12.03 13.89
C PHE D 288 17.72 11.54 12.50
N GLN D 289 18.31 10.43 12.06
CA GLN D 289 18.00 9.79 10.77
C GLN D 289 16.50 9.53 10.62
N ALA D 290 15.89 10.18 9.62
CA ALA D 290 14.45 10.10 9.40
C ALA D 290 14.09 9.75 7.95
N ASP D 291 12.92 9.14 7.77
CA ASP D 291 12.42 8.81 6.44
C ASP D 291 11.48 9.90 5.91
N PRO D 292 11.92 10.67 4.91
CA PRO D 292 11.10 11.74 4.33
C PRO D 292 9.81 11.21 3.69
N GLN D 293 9.80 9.94 3.28
CA GLN D 293 8.62 9.31 2.68
C GLN D 293 7.38 9.36 3.57
N GLU D 294 7.59 9.36 4.89
CA GLU D 294 6.51 9.54 5.86
C GLU D 294 5.62 10.74 5.53
N ILE D 295 6.26 11.83 5.11
CA ILE D 295 5.55 13.06 4.73
C ILE D 295 4.63 12.79 3.55
N ARG D 296 5.14 12.10 2.53
CA ARG D 296 4.38 11.75 1.34
C ARG D 296 3.17 10.86 1.65
N VAL D 297 3.40 9.79 2.41
CA VAL D 297 2.36 8.83 2.76
C VAL D 297 1.19 9.51 3.50
N LEU D 298 1.51 10.34 4.49
CA LEU D 298 0.49 11.08 5.22
C LEU D 298 -0.20 12.08 4.30
N TRP D 299 0.56 12.71 3.42
CA TRP D 299 0.02 13.67 2.46
C TRP D 299 -1.05 13.02 1.59
N GLU D 300 -0.75 11.82 1.10
CA GLU D 300 -1.69 11.02 0.30
C GLU D 300 -2.99 10.72 1.06
N MSE D 301 -2.87 10.38 2.34
CA MSE D 301 -4.03 10.04 3.18
C MSE D 301 -4.89 11.26 3.51
O MSE D 301 -6.11 11.14 3.61
CB MSE D 301 -3.57 9.38 4.49
CG MSE D 301 -2.83 8.06 4.35
SE MSE D 301 -2.23 7.37 6.09
CE MSE D 301 -3.97 6.87 6.84
N LYS D 302 -4.25 12.41 3.67
CA LYS D 302 -4.90 13.60 4.19
C LYS D 302 -5.28 14.66 3.15
N LYS D 303 -4.63 14.64 2.00
CA LYS D 303 -4.73 15.74 1.00
C LYS D 303 -6.17 16.09 0.57
N ASP D 304 -6.97 15.07 0.28
CA ASP D 304 -8.34 15.28 -0.21
C ASP D 304 -9.26 15.74 0.91
N ARG D 305 -9.15 15.10 2.06
CA ARG D 305 -10.03 15.39 3.20
C ARG D 305 -9.80 16.79 3.76
N LEU D 306 -8.55 17.24 3.77
CA LEU D 306 -8.20 18.55 4.32
C LEU D 306 -7.92 19.60 3.24
N LYS D 307 -8.15 19.22 1.98
CA LYS D 307 -7.97 20.10 0.82
C LYS D 307 -6.62 20.82 0.79
N TYR D 308 -5.55 20.06 0.99
CA TYR D 308 -4.19 20.61 0.96
C TYR D 308 -3.94 21.28 -0.38
N GLY D 309 -3.42 22.51 -0.33
CA GLY D 309 -3.13 23.28 -1.54
C GLY D 309 -1.66 23.24 -1.91
N PHE D 310 -0.94 22.27 -1.33
CA PHE D 310 0.50 22.13 -1.55
C PHE D 310 0.89 20.69 -1.88
N LYS D 311 2.10 20.54 -2.40
CA LYS D 311 2.70 19.21 -2.59
C LYS D 311 4.00 19.14 -1.82
N PRO D 312 4.33 17.93 -1.29
CA PRO D 312 5.63 17.72 -0.69
C PRO D 312 6.69 17.51 -1.78
N PHE D 313 7.96 17.66 -1.42
CA PHE D 313 9.07 17.42 -2.33
C PHE D 313 10.30 16.98 -1.55
N ILE D 314 10.78 15.77 -1.85
CA ILE D 314 11.97 15.23 -1.20
C ILE D 314 13.23 15.59 -1.98
N TRP D 315 14.05 16.43 -1.38
CA TRP D 315 15.29 16.91 -1.98
C TRP D 315 16.44 15.97 -1.68
N GLN D 316 17.58 16.21 -2.32
CA GLN D 316 18.84 15.59 -1.96
C GLN D 316 19.91 16.67 -1.83
N VAL D 317 20.84 16.49 -0.88
CA VAL D 317 21.87 17.47 -0.58
C VAL D 317 22.78 17.70 -1.80
N GLY D 318 23.00 18.97 -2.12
CA GLY D 318 23.77 19.35 -3.30
C GLY D 318 22.88 19.54 -4.51
N GLY D 319 21.62 19.11 -4.38
CA GLY D 319 20.65 19.19 -5.45
C GLY D 319 20.09 20.59 -5.64
N LYS D 320 19.61 20.84 -6.86
CA LYS D 320 19.01 22.12 -7.21
C LYS D 320 17.49 22.01 -7.29
N PHE D 321 16.82 23.10 -6.96
CA PHE D 321 15.38 23.22 -7.15
C PHE D 321 15.08 24.52 -7.89
N THR D 322 14.23 24.44 -8.92
CA THR D 322 13.76 25.62 -9.63
C THR D 322 12.25 25.80 -9.44
N TRP D 323 11.86 26.92 -8.82
CA TRP D 323 10.47 27.32 -8.74
C TRP D 323 10.13 28.13 -9.99
N PRO D 324 8.95 27.88 -10.61
CA PRO D 324 7.96 26.85 -10.30
C PRO D 324 8.12 25.56 -11.12
N LEU D 325 9.17 25.47 -11.93
CA LEU D 325 9.37 24.32 -12.82
C LEU D 325 9.36 22.96 -12.11
N ASP D 326 9.97 22.91 -10.93
CA ASP D 326 10.12 21.66 -10.18
C ASP D 326 9.02 21.37 -9.15
N LYS D 327 8.00 22.23 -9.11
CA LYS D 327 6.97 22.18 -8.05
C LYS D 327 6.11 20.91 -7.97
N ASP D 328 5.96 20.21 -9.10
CA ASP D 328 5.10 19.03 -9.15
C ASP D 328 5.89 17.72 -9.22
N ASN D 329 7.21 17.81 -9.07
CA ASN D 329 8.12 16.68 -9.26
C ASN D 329 8.09 15.59 -8.18
N PHE D 330 7.72 15.97 -6.96
CA PHE D 330 7.65 15.06 -5.79
C PHE D 330 9.00 14.60 -5.26
N GLU D 331 9.84 14.04 -6.13
CA GLU D 331 11.13 13.50 -5.72
C GLU D 331 12.24 13.96 -6.66
N TYR D 332 13.30 14.49 -6.05
CA TYR D 332 14.49 14.92 -6.79
C TYR D 332 15.39 13.72 -7.13
N HIS D 333 16.07 13.81 -8.26
CA HIS D 333 17.18 12.92 -8.56
C HIS D 333 18.32 13.74 -9.15
N TYR D 334 19.56 13.37 -8.81
CA TYR D 334 20.75 14.01 -9.38
C TYR D 334 20.82 13.77 -10.88
N PRO D 335 21.48 14.68 -11.62
CA PRO D 335 21.79 14.41 -13.03
C PRO D 335 22.45 13.03 -13.16
N ARG D 336 21.85 12.18 -13.98
CA ARG D 336 22.26 10.79 -14.11
C ARG D 336 23.40 10.60 -15.10
N GLY D 337 23.67 11.64 -15.88
CA GLY D 337 24.66 11.59 -16.94
C GLY D 337 24.13 12.38 -18.12
N PHE D 338 25.02 13.05 -18.85
CA PHE D 338 24.59 13.88 -19.96
C PHE D 338 24.22 13.01 -21.17
N ASP D 339 25.19 12.24 -21.66
CA ASP D 339 24.99 11.24 -22.73
C ASP D 339 24.46 11.83 -24.04
N MSE E 1 5.11 -35.85 -50.11
CA MSE E 1 4.99 -34.37 -50.03
C MSE E 1 5.73 -33.78 -48.83
O MSE E 1 6.03 -34.48 -47.86
CB MSE E 1 3.52 -33.96 -49.99
CG MSE E 1 2.82 -33.96 -51.35
SE MSE E 1 1.12 -33.00 -51.33
CE MSE E 1 0.10 -34.19 -50.15
N SER E 2 6.00 -32.47 -48.91
CA SER E 2 6.67 -31.73 -47.85
C SER E 2 5.74 -31.48 -46.65
N LYS E 3 6.33 -31.11 -45.52
CA LYS E 3 5.59 -30.82 -44.28
C LYS E 3 4.56 -29.70 -44.48
N VAL E 4 4.96 -28.65 -45.19
CA VAL E 4 4.10 -27.51 -45.50
C VAL E 4 2.87 -27.89 -46.35
N LYS E 5 3.01 -28.95 -47.13
CA LYS E 5 1.97 -29.37 -48.06
C LYS E 5 1.12 -30.52 -47.53
N SER E 6 1.62 -31.23 -46.53
CA SER E 6 0.95 -32.43 -46.00
C SER E 6 0.22 -32.24 -44.68
N ILE E 7 0.67 -31.27 -43.87
CA ILE E 7 0.08 -31.00 -42.56
C ILE E 7 -1.37 -30.51 -42.68
N THR E 8 -2.26 -31.14 -41.92
CA THR E 8 -3.67 -30.75 -41.86
C THR E 8 -4.00 -30.13 -40.50
N ARG E 9 -5.05 -29.32 -40.46
CA ARG E 9 -5.55 -28.71 -39.23
C ARG E 9 -5.76 -29.75 -38.13
N GLU E 10 -6.36 -30.88 -38.51
CA GLU E 10 -6.78 -31.91 -37.57
C GLU E 10 -5.61 -32.68 -36.96
N SER E 11 -4.57 -32.91 -37.76
CA SER E 11 -3.36 -33.60 -37.27
C SER E 11 -2.60 -32.76 -36.26
N TRP E 12 -2.50 -31.45 -36.54
CA TRP E 12 -1.90 -30.49 -35.62
C TRP E 12 -2.61 -30.50 -34.28
N ILE E 13 -3.94 -30.43 -34.32
CA ILE E 13 -4.78 -30.46 -33.13
C ILE E 13 -4.51 -31.71 -32.28
N LEU E 14 -4.47 -32.86 -32.93
CA LEU E 14 -4.21 -34.14 -32.25
C LEU E 14 -2.79 -34.25 -31.67
N SER E 15 -1.85 -33.52 -32.26
CA SER E 15 -0.46 -33.49 -31.81
C SER E 15 -0.23 -32.51 -30.65
N THR E 16 -1.17 -31.59 -30.48
CA THR E 16 -0.99 -30.44 -29.59
C THR E 16 -1.91 -30.48 -28.36
N PHE E 17 -3.11 -31.00 -28.54
CA PHE E 17 -4.14 -30.93 -27.50
C PHE E 17 -4.50 -32.30 -26.90
N PRO E 18 -4.81 -32.34 -25.57
CA PRO E 18 -4.74 -31.25 -24.61
C PRO E 18 -3.32 -30.76 -24.37
N GLU E 19 -3.17 -29.53 -23.88
CA GLU E 19 -1.87 -28.88 -23.73
C GLU E 19 -0.90 -29.63 -22.81
N TRP E 20 -1.38 -30.01 -21.63
CA TRP E 20 -0.55 -30.66 -20.62
C TRP E 20 -0.35 -32.16 -20.87
N GLY E 21 -1.14 -32.73 -21.77
CA GLY E 21 -1.06 -34.15 -22.09
C GLY E 21 -1.46 -35.00 -20.90
N SER E 22 -0.56 -35.90 -20.50
CA SER E 22 -0.80 -36.76 -19.34
C SER E 22 0.14 -36.43 -18.17
N TRP E 23 0.77 -35.26 -18.23
CA TRP E 23 1.70 -34.82 -17.20
C TRP E 23 1.10 -34.86 -15.78
N LEU E 24 -0.10 -34.29 -15.62
CA LEU E 24 -0.75 -34.25 -14.33
C LEU E 24 -1.36 -35.60 -13.94
N ASN E 25 -1.82 -36.35 -14.94
CA ASN E 25 -2.27 -37.72 -14.74
C ASN E 25 -1.21 -38.56 -14.05
N GLU E 26 0.02 -38.52 -14.59
CA GLU E 26 1.17 -39.23 -14.03
C GLU E 26 1.53 -38.71 -12.64
N GLU E 27 1.43 -37.38 -12.46
CA GLU E 27 1.75 -36.73 -11.19
C GLU E 27 0.80 -37.14 -10.06
N ILE E 28 -0.49 -37.23 -10.40
CA ILE E 28 -1.52 -37.64 -9.44
C ILE E 28 -1.34 -39.10 -9.01
N GLU E 29 -1.08 -39.97 -10.00
CA GLU E 29 -0.90 -41.40 -9.78
C GLU E 29 0.31 -41.70 -8.89
N GLN E 30 1.39 -40.96 -9.09
CA GLN E 30 2.65 -41.17 -8.35
C GLN E 30 2.67 -40.48 -6.99
N GLU E 31 1.64 -39.70 -6.69
CA GLU E 31 1.60 -38.89 -5.46
C GLU E 31 1.41 -39.71 -4.18
N GLN E 32 2.48 -39.84 -3.41
CA GLN E 32 2.42 -40.51 -2.11
C GLN E 32 1.95 -39.52 -1.05
N VAL E 33 0.65 -39.57 -0.76
CA VAL E 33 0.05 -38.70 0.25
C VAL E 33 0.43 -39.18 1.65
N ALA E 34 1.16 -38.33 2.39
CA ALA E 34 1.63 -38.64 3.74
C ALA E 34 0.46 -38.79 4.73
N PRO E 35 0.61 -39.70 5.72
CA PRO E 35 -0.41 -39.84 6.77
C PRO E 35 -0.67 -38.53 7.52
N GLY E 36 -1.94 -38.25 7.78
CA GLY E 36 -2.35 -37.02 8.45
C GLY E 36 -2.48 -35.83 7.52
N THR E 37 -2.54 -36.11 6.21
CA THR E 37 -2.67 -35.07 5.19
C THR E 37 -3.63 -35.51 4.07
N PHE E 38 -3.95 -34.58 3.17
CA PHE E 38 -4.59 -34.91 1.90
C PHE E 38 -4.07 -34.04 0.75
N ALA E 39 -4.09 -34.59 -0.46
CA ALA E 39 -3.63 -33.87 -1.65
C ALA E 39 -4.80 -33.40 -2.51
N MSE E 40 -4.56 -32.37 -3.31
CA MSE E 40 -5.62 -31.71 -4.07
C MSE E 40 -5.07 -31.08 -5.34
O MSE E 40 -3.96 -30.54 -5.34
CB MSE E 40 -6.27 -30.64 -3.18
CG MSE E 40 -7.55 -30.07 -3.72
SE MSE E 40 -8.45 -28.91 -2.44
CE MSE E 40 -7.13 -27.50 -2.27
N TRP E 41 -5.85 -31.14 -6.42
CA TRP E 41 -5.48 -30.52 -7.70
C TRP E 41 -6.64 -29.73 -8.31
N TRP E 42 -6.32 -28.55 -8.81
CA TRP E 42 -7.28 -27.71 -9.52
C TRP E 42 -7.28 -28.05 -11.00
N LEU E 43 -8.41 -28.60 -11.47
CA LEU E 43 -8.52 -29.10 -12.84
C LEU E 43 -9.11 -28.08 -13.80
N GLY E 44 -9.30 -26.86 -13.30
CA GLY E 44 -9.94 -25.80 -14.07
C GLY E 44 -11.36 -25.62 -13.59
N CYS E 45 -11.88 -24.39 -13.75
CA CYS E 45 -13.23 -24.03 -13.30
C CYS E 45 -13.49 -24.43 -11.84
N THR E 46 -14.42 -25.36 -11.62
CA THR E 46 -14.67 -25.90 -10.27
C THR E 46 -14.18 -27.34 -10.14
N GLY E 47 -13.44 -27.81 -11.15
CA GLY E 47 -12.91 -29.17 -11.17
C GLY E 47 -11.81 -29.42 -10.15
N ILE E 48 -12.06 -30.37 -9.26
CA ILE E 48 -11.11 -30.73 -8.21
C ILE E 48 -10.82 -32.23 -8.22
N TRP E 49 -9.56 -32.59 -8.05
CA TRP E 49 -9.16 -33.97 -7.82
C TRP E 49 -8.62 -34.12 -6.39
N LEU E 50 -9.27 -34.98 -5.61
CA LEU E 50 -8.88 -35.22 -4.21
C LEU E 50 -8.27 -36.61 -4.02
N LYS E 51 -7.19 -36.68 -3.26
CA LYS E 51 -6.53 -37.94 -2.95
C LYS E 51 -6.15 -38.03 -1.46
N SER E 52 -6.78 -38.94 -0.75
CA SER E 52 -6.52 -39.18 0.67
C SER E 52 -5.26 -40.01 0.89
N GLU E 53 -4.88 -40.20 2.15
CA GLU E 53 -3.67 -40.96 2.51
C GLU E 53 -3.78 -42.46 2.19
N GLY E 54 -5.00 -42.97 2.12
CA GLY E 54 -5.25 -44.37 1.75
C GLY E 54 -5.05 -44.67 0.28
N GLY E 55 -5.07 -43.62 -0.55
CA GLY E 55 -4.94 -43.76 -2.00
C GLY E 55 -6.26 -43.55 -2.74
N THR E 56 -7.30 -43.23 -1.99
CA THR E 56 -8.63 -43.00 -2.56
C THR E 56 -8.65 -41.75 -3.44
N ASN E 57 -8.98 -41.95 -4.72
CA ASN E 57 -9.07 -40.86 -5.69
C ASN E 57 -10.53 -40.47 -5.97
N VAL E 58 -10.83 -39.19 -5.79
CA VAL E 58 -12.17 -38.65 -6.02
C VAL E 58 -12.10 -37.42 -6.92
N CYS E 59 -12.98 -37.36 -7.92
CA CYS E 59 -12.97 -36.29 -8.90
C CYS E 59 -14.31 -35.54 -8.92
N VAL E 60 -14.25 -34.24 -8.67
CA VAL E 60 -15.44 -33.40 -8.59
C VAL E 60 -15.45 -32.32 -9.65
N ASP E 61 -16.60 -32.16 -10.31
CA ASP E 61 -16.85 -31.04 -11.24
C ASP E 61 -15.86 -30.92 -12.41
N PHE E 62 -15.20 -32.02 -12.75
CA PHE E 62 -14.27 -32.04 -13.87
C PHE E 62 -15.03 -31.82 -15.18
N TRP E 63 -14.62 -30.81 -15.92
CA TRP E 63 -15.31 -30.39 -17.13
C TRP E 63 -14.32 -30.08 -18.24
N CYS E 64 -14.58 -30.63 -19.42
CA CYS E 64 -13.63 -30.53 -20.52
C CYS E 64 -14.22 -29.90 -21.78
N GLY E 65 -15.17 -29.00 -21.59
CA GLY E 65 -15.74 -28.23 -22.70
C GLY E 65 -15.02 -26.92 -22.88
N THR E 66 -15.57 -26.08 -23.77
CA THR E 66 -15.00 -24.77 -24.05
C THR E 66 -16.11 -23.75 -24.27
N GLY E 67 -15.74 -22.48 -24.45
CA GLY E 67 -16.70 -21.43 -24.69
C GLY E 67 -17.05 -21.28 -26.16
N LYS E 68 -17.31 -20.04 -26.56
CA LYS E 68 -17.62 -19.71 -27.95
C LYS E 68 -16.43 -19.98 -28.86
N GLN E 69 -16.71 -20.56 -30.02
CA GLN E 69 -15.67 -20.87 -31.00
C GLN E 69 -15.93 -20.12 -32.31
N SER E 70 -17.02 -19.36 -32.35
CA SER E 70 -17.43 -18.58 -33.51
C SER E 70 -18.43 -17.51 -33.11
N HIS E 71 -18.71 -16.57 -34.01
CA HIS E 71 -19.71 -15.52 -33.76
C HIS E 71 -21.12 -15.95 -34.19
N GLY E 72 -21.20 -17.00 -35.01
CA GLY E 72 -22.48 -17.54 -35.47
C GLY E 72 -22.48 -17.81 -36.97
N LYS E 90 -24.97 -17.49 -22.99
CA LYS E 90 -24.66 -18.12 -24.27
C LYS E 90 -24.99 -17.21 -25.46
N LEU E 91 -25.20 -15.92 -25.19
CA LEU E 91 -25.28 -14.89 -26.23
C LEU E 91 -24.39 -13.71 -25.82
N GLN E 92 -23.38 -14.01 -25.00
CA GLN E 92 -22.38 -13.01 -24.59
C GLN E 92 -20.98 -13.63 -24.76
N PRO E 93 -19.94 -12.77 -24.90
CA PRO E 93 -18.59 -13.27 -25.22
C PRO E 93 -17.92 -14.02 -24.06
N ASN E 94 -18.18 -15.32 -23.95
CA ASN E 94 -17.51 -16.16 -22.96
C ASN E 94 -16.47 -17.09 -23.60
N LEU E 95 -15.21 -16.68 -23.53
CA LEU E 95 -14.11 -17.46 -24.09
C LEU E 95 -13.35 -18.18 -22.98
N ARG E 96 -12.99 -19.44 -23.22
CA ARG E 96 -12.21 -20.21 -22.26
C ARG E 96 -10.78 -19.68 -22.22
N THR E 97 -10.37 -19.20 -21.05
CA THR E 97 -9.06 -18.58 -20.88
C THR E 97 -8.05 -19.47 -20.14
N THR E 98 -8.45 -20.71 -19.88
CA THR E 98 -7.58 -21.67 -19.21
C THR E 98 -7.30 -22.88 -20.11
N PRO E 99 -6.06 -23.39 -20.10
CA PRO E 99 -5.73 -24.58 -20.88
C PRO E 99 -6.29 -25.85 -20.24
N PHE E 100 -6.01 -27.00 -20.86
CA PHE E 100 -6.45 -28.28 -20.31
C PHE E 100 -5.29 -28.96 -19.61
N VAL E 101 -5.41 -29.10 -18.30
CA VAL E 101 -4.33 -29.61 -17.46
C VAL E 101 -4.42 -31.12 -17.23
N LEU E 102 -5.62 -31.67 -17.37
CA LEU E 102 -5.85 -33.11 -17.17
C LEU E 102 -6.57 -33.72 -18.38
N ASP E 103 -6.02 -34.82 -18.88
CA ASP E 103 -6.64 -35.60 -19.94
C ASP E 103 -7.54 -36.66 -19.32
N PRO E 104 -8.87 -36.57 -19.54
CA PRO E 104 -9.80 -37.54 -18.99
C PRO E 104 -9.61 -38.95 -19.57
N PHE E 105 -9.18 -39.02 -20.83
CA PHE E 105 -8.94 -40.29 -21.50
C PHE E 105 -7.56 -40.86 -21.18
N ALA E 106 -6.98 -40.41 -20.07
CA ALA E 106 -5.75 -40.96 -19.54
C ALA E 106 -5.93 -41.38 -18.08
N ILE E 107 -7.10 -41.06 -17.53
CA ILE E 107 -7.47 -41.45 -16.16
C ILE E 107 -7.55 -42.97 -16.06
N ARG E 108 -6.89 -43.52 -15.03
CA ARG E 108 -6.92 -44.96 -14.79
C ARG E 108 -7.57 -45.28 -13.44
N GLN E 109 -6.90 -44.86 -12.35
CA GLN E 109 -7.41 -45.06 -11.00
C GLN E 109 -8.39 -43.96 -10.59
N ILE E 110 -9.58 -44.39 -10.17
CA ILE E 110 -10.61 -43.49 -9.63
C ILE E 110 -11.56 -44.29 -8.74
N ASP E 111 -12.04 -43.67 -7.68
CA ASP E 111 -12.95 -44.35 -6.75
C ASP E 111 -14.34 -43.71 -6.71
N ALA E 112 -14.49 -42.56 -7.36
CA ALA E 112 -15.78 -41.85 -7.43
C ALA E 112 -15.75 -40.69 -8.42
N VAL E 113 -16.90 -40.46 -9.07
CA VAL E 113 -17.09 -39.30 -9.94
C VAL E 113 -18.23 -38.46 -9.38
N LEU E 114 -17.96 -37.21 -9.07
CA LEU E 114 -18.97 -36.33 -8.48
C LEU E 114 -19.25 -35.08 -9.30
N ALA E 115 -20.50 -34.65 -9.25
CA ALA E 115 -20.94 -33.38 -9.84
C ALA E 115 -21.76 -32.63 -8.80
N THR E 116 -21.64 -31.30 -8.81
CA THR E 116 -22.37 -30.46 -7.86
C THR E 116 -23.75 -30.06 -8.37
N HIS E 117 -23.85 -29.77 -9.68
CA HIS E 117 -25.13 -29.46 -10.31
C HIS E 117 -25.13 -29.72 -11.83
N ASP E 118 -26.30 -29.57 -12.45
CA ASP E 118 -26.53 -30.01 -13.83
C ASP E 118 -26.10 -29.03 -14.93
N HIS E 119 -25.87 -27.77 -14.57
CA HIS E 119 -25.44 -26.74 -15.52
C HIS E 119 -24.20 -27.17 -16.31
N ASN E 120 -24.18 -26.80 -17.58
CA ASN E 120 -23.21 -27.27 -18.58
C ASN E 120 -21.74 -27.28 -18.14
N ASP E 121 -21.34 -26.28 -17.34
CA ASP E 121 -19.94 -26.09 -16.94
C ASP E 121 -19.42 -27.03 -15.85
N HIS E 122 -20.25 -27.97 -15.40
CA HIS E 122 -19.89 -28.84 -14.27
C HIS E 122 -19.98 -30.34 -14.58
N ILE E 123 -21.03 -30.73 -15.31
CA ILE E 123 -21.17 -32.11 -15.77
C ILE E 123 -20.72 -32.20 -17.24
N ASP E 124 -20.06 -33.31 -17.57
CA ASP E 124 -19.44 -33.47 -18.88
C ASP E 124 -19.62 -34.88 -19.42
N VAL E 125 -19.93 -34.98 -20.71
CA VAL E 125 -20.16 -36.28 -21.36
C VAL E 125 -18.85 -37.01 -21.63
N ASN E 126 -17.88 -36.29 -22.20
CA ASN E 126 -16.57 -36.85 -22.56
C ASN E 126 -15.79 -37.41 -21.36
N VAL E 127 -15.95 -36.77 -20.20
CA VAL E 127 -15.36 -37.24 -18.96
C VAL E 127 -16.06 -38.53 -18.51
N ALA E 128 -17.39 -38.48 -18.47
CA ALA E 128 -18.21 -39.64 -18.10
C ALA E 128 -17.89 -40.86 -18.95
N ALA E 129 -17.71 -40.64 -20.25
CA ALA E 129 -17.36 -41.70 -21.20
C ALA E 129 -15.99 -42.30 -20.92
N ALA E 130 -15.03 -41.44 -20.55
CA ALA E 130 -13.65 -41.84 -20.31
C ALA E 130 -13.51 -42.75 -19.09
N VAL E 131 -14.31 -42.49 -18.06
CA VAL E 131 -14.28 -43.28 -16.83
C VAL E 131 -14.91 -44.67 -17.03
N MSE E 132 -15.92 -44.74 -17.88
CA MSE E 132 -16.58 -46.00 -18.19
C MSE E 132 -15.69 -46.91 -19.05
O MSE E 132 -15.68 -48.13 -18.86
CB MSE E 132 -17.90 -45.76 -18.90
CG MSE E 132 -18.99 -46.75 -18.53
SE MSE E 132 -19.83 -46.27 -16.83
CE MSE E 132 -20.33 -44.44 -17.30
N GLN E 133 -14.99 -46.30 -20.00
CA GLN E 133 -14.17 -47.04 -20.97
C GLN E 133 -12.82 -47.45 -20.40
N ASN E 134 -12.17 -46.54 -19.69
CA ASN E 134 -10.79 -46.76 -19.23
C ASN E 134 -10.69 -47.27 -17.80
N CYS E 135 -11.55 -46.75 -16.92
CA CYS E 135 -11.47 -47.07 -15.50
C CYS E 135 -12.22 -48.33 -15.13
N ALA E 136 -11.80 -48.95 -14.03
CA ALA E 136 -12.34 -50.22 -13.58
C ALA E 136 -13.83 -50.13 -13.22
N ASP E 137 -14.40 -51.30 -12.91
CA ASP E 137 -15.77 -51.40 -12.43
C ASP E 137 -15.88 -50.84 -11.00
N ASP E 138 -17.09 -50.85 -10.44
CA ASP E 138 -17.37 -50.38 -9.07
C ASP E 138 -17.48 -48.85 -8.94
N VAL E 139 -16.87 -48.12 -9.87
CA VAL E 139 -16.78 -46.66 -9.81
C VAL E 139 -18.17 -45.99 -9.90
N PRO E 140 -18.59 -45.32 -8.81
CA PRO E 140 -19.90 -44.68 -8.76
C PRO E 140 -19.93 -43.26 -9.33
N PHE E 141 -21.09 -42.87 -9.85
CA PHE E 141 -21.34 -41.52 -10.31
C PHE E 141 -22.29 -40.83 -9.33
N ILE E 142 -21.71 -40.10 -8.39
CA ILE E 142 -22.48 -39.45 -7.34
C ILE E 142 -22.82 -38.01 -7.72
N GLY E 143 -24.11 -37.68 -7.65
CA GLY E 143 -24.59 -36.34 -7.96
C GLY E 143 -26.04 -36.20 -7.54
N PRO E 144 -26.58 -34.96 -7.60
CA PRO E 144 -28.00 -34.75 -7.34
C PRO E 144 -28.89 -35.42 -8.38
N LYS E 145 -30.20 -35.46 -8.11
CA LYS E 145 -31.20 -36.15 -8.94
C LYS E 145 -31.08 -35.86 -10.44
N THR E 146 -30.92 -34.58 -10.78
CA THR E 146 -30.88 -34.15 -12.17
C THR E 146 -29.62 -34.59 -12.94
N CYS E 147 -28.50 -34.71 -12.22
CA CYS E 147 -27.24 -35.15 -12.83
C CYS E 147 -27.26 -36.64 -13.11
N VAL E 148 -28.04 -37.37 -12.31
CA VAL E 148 -28.26 -38.80 -12.50
C VAL E 148 -29.06 -39.04 -13.79
N ASP E 149 -30.08 -38.21 -14.02
CA ASP E 149 -30.90 -38.26 -15.23
C ASP E 149 -30.06 -38.10 -16.50
N LEU E 150 -29.04 -37.25 -16.41
CA LEU E 150 -28.13 -37.01 -17.54
C LEU E 150 -27.16 -38.18 -17.74
N TRP E 151 -26.60 -38.70 -16.65
CA TRP E 151 -25.71 -39.85 -16.71
C TRP E 151 -26.42 -41.07 -17.31
N ILE E 152 -27.59 -41.39 -16.77
CA ILE E 152 -28.44 -42.46 -17.32
C ILE E 152 -28.79 -42.16 -18.77
N GLY E 153 -29.12 -40.89 -19.05
CA GLY E 153 -29.44 -40.42 -20.40
C GLY E 153 -28.29 -40.56 -21.38
N TRP E 154 -27.06 -40.52 -20.88
CA TRP E 154 -25.87 -40.71 -21.71
C TRP E 154 -25.44 -42.18 -21.79
N GLY E 155 -25.97 -43.00 -20.89
CA GLY E 155 -25.70 -44.43 -20.90
C GLY E 155 -24.91 -44.97 -19.72
N VAL E 156 -25.03 -44.30 -18.58
CA VAL E 156 -24.46 -44.80 -17.33
C VAL E 156 -25.53 -45.66 -16.65
N PRO E 157 -25.22 -46.94 -16.39
CA PRO E 157 -26.18 -47.82 -15.70
C PRO E 157 -26.64 -47.24 -14.37
N LYS E 158 -27.95 -47.32 -14.12
CA LYS E 158 -28.54 -46.81 -12.88
C LYS E 158 -27.94 -47.46 -11.62
N GLU E 159 -27.30 -48.61 -11.82
CA GLU E 159 -26.62 -49.35 -10.76
C GLU E 159 -25.36 -48.59 -10.30
N ARG E 160 -24.86 -47.73 -11.17
CA ARG E 160 -23.63 -46.98 -10.92
C ARG E 160 -23.86 -45.57 -10.37
N CYS E 161 -25.08 -45.06 -10.49
CA CYS E 161 -25.41 -43.70 -10.06
C CYS E 161 -25.97 -43.66 -8.63
N ILE E 162 -25.47 -42.72 -7.83
CA ILE E 162 -25.98 -42.50 -6.48
C ILE E 162 -26.63 -41.11 -6.37
N VAL E 163 -27.94 -41.10 -6.22
CA VAL E 163 -28.70 -39.86 -6.03
C VAL E 163 -28.49 -39.36 -4.60
N VAL E 164 -28.04 -38.12 -4.46
CA VAL E 164 -27.84 -37.51 -3.14
C VAL E 164 -28.66 -36.24 -2.95
N LYS E 165 -29.21 -36.10 -1.74
CA LYS E 165 -29.88 -34.88 -1.31
C LYS E 165 -29.10 -34.30 -0.13
N PRO E 166 -29.37 -33.03 0.24
CA PRO E 166 -28.78 -32.50 1.47
C PRO E 166 -29.09 -33.38 2.68
N GLY E 167 -28.04 -33.92 3.29
CA GLY E 167 -28.17 -34.81 4.43
C GLY E 167 -27.58 -36.19 4.19
N ASP E 168 -27.40 -36.53 2.91
CA ASP E 168 -26.87 -37.84 2.53
C ASP E 168 -25.37 -37.98 2.83
N VAL E 169 -24.97 -39.19 3.23
CA VAL E 169 -23.58 -39.51 3.48
C VAL E 169 -23.20 -40.73 2.63
N VAL E 170 -22.16 -40.58 1.82
CA VAL E 170 -21.65 -41.68 1.02
C VAL E 170 -20.19 -41.95 1.40
N LYS E 171 -19.92 -43.16 1.84
CA LYS E 171 -18.56 -43.57 2.19
C LYS E 171 -17.84 -44.18 1.00
N VAL E 172 -16.75 -43.55 0.59
CA VAL E 172 -15.90 -44.06 -0.47
C VAL E 172 -14.53 -44.34 0.13
N LYS E 173 -14.30 -45.61 0.51
CA LYS E 173 -13.12 -46.03 1.25
C LYS E 173 -12.94 -45.19 2.52
N ASP E 174 -11.79 -44.54 2.66
CA ASP E 174 -11.53 -43.67 3.82
C ASP E 174 -12.04 -42.23 3.65
N ILE E 175 -12.63 -41.93 2.50
CA ILE E 175 -13.27 -40.63 2.28
C ILE E 175 -14.76 -40.70 2.60
N GLU E 176 -15.19 -39.80 3.47
CA GLU E 176 -16.59 -39.70 3.88
C GLU E 176 -17.21 -38.45 3.25
N ILE E 177 -18.02 -38.66 2.22
CA ILE E 177 -18.62 -37.54 1.48
C ILE E 177 -19.96 -37.10 2.08
N HIS E 178 -20.03 -35.82 2.43
CA HIS E 178 -21.26 -35.23 2.98
C HIS E 178 -21.93 -34.31 1.96
N ALA E 179 -23.12 -34.69 1.53
CA ALA E 179 -23.92 -33.87 0.64
C ALA E 179 -24.69 -32.84 1.46
N LEU E 180 -24.42 -31.57 1.19
CA LEU E 180 -25.04 -30.46 1.92
C LEU E 180 -25.82 -29.55 0.98
N ASP E 181 -26.51 -28.55 1.54
CA ASP E 181 -27.30 -27.60 0.78
C ASP E 181 -26.45 -26.75 -0.16
N ALA E 182 -26.94 -26.56 -1.38
CA ALA E 182 -26.31 -25.66 -2.35
C ALA E 182 -27.07 -24.35 -2.41
N PHE E 183 -26.46 -23.34 -3.03
CA PHE E 183 -27.03 -22.00 -3.07
C PHE E 183 -26.94 -21.36 -4.46
N ASP E 184 -27.40 -22.10 -5.47
CA ASP E 184 -27.42 -21.62 -6.85
C ASP E 184 -28.68 -20.77 -7.14
N ARG E 185 -28.56 -19.87 -8.13
CA ARG E 185 -29.69 -19.07 -8.62
C ARG E 185 -30.46 -18.33 -7.52
N MSE E 205 -34.85 -26.71 -6.15
CA MSE E 205 -33.53 -27.17 -5.74
C MSE E 205 -33.61 -28.55 -5.05
O MSE E 205 -34.60 -29.26 -5.21
CB MSE E 205 -32.86 -26.12 -4.85
CG MSE E 205 -31.34 -26.25 -4.78
SE MSE E 205 -30.41 -24.53 -4.81
CE MSE E 205 -31.23 -23.68 -3.25
N ASP E 206 -32.55 -28.91 -4.31
CA ASP E 206 -32.38 -30.23 -3.68
C ASP E 206 -32.19 -31.35 -4.69
N ASP E 207 -33.00 -31.33 -5.75
CA ASP E 207 -32.87 -32.27 -6.85
C ASP E 207 -31.86 -31.75 -7.87
N ARG E 208 -31.68 -30.43 -7.91
CA ARG E 208 -30.87 -29.77 -8.94
C ARG E 208 -29.41 -29.53 -8.55
N ALA E 209 -29.18 -29.20 -7.28
CA ALA E 209 -27.84 -28.81 -6.83
C ALA E 209 -27.53 -29.24 -5.39
N VAL E 210 -26.29 -29.66 -5.17
CA VAL E 210 -25.77 -29.97 -3.84
C VAL E 210 -24.34 -29.43 -3.65
N ASN E 211 -24.02 -29.05 -2.41
CA ASN E 211 -22.63 -28.78 -2.02
C ASN E 211 -22.04 -30.00 -1.34
N TYR E 212 -20.73 -30.18 -1.46
CA TYR E 212 -20.06 -31.35 -0.90
C TYR E 212 -19.08 -31.00 0.21
N LEU E 213 -18.97 -31.90 1.19
CA LEU E 213 -17.93 -31.83 2.21
C LEU E 213 -17.21 -33.16 2.33
N PHE E 214 -15.95 -33.17 1.91
CA PHE E 214 -15.15 -34.39 1.86
C PHE E 214 -14.34 -34.58 3.13
N LYS E 215 -14.65 -35.63 3.87
CA LYS E 215 -13.95 -35.92 5.12
C LYS E 215 -12.93 -37.05 4.97
N THR E 216 -11.65 -36.67 4.95
CA THR E 216 -10.56 -37.64 4.92
C THR E 216 -9.89 -37.65 6.29
N PRO E 217 -9.19 -38.77 6.64
CA PRO E 217 -8.43 -38.82 7.90
C PRO E 217 -7.45 -37.66 8.07
N GLY E 218 -6.91 -37.16 6.96
CA GLY E 218 -5.96 -36.04 6.98
C GLY E 218 -6.60 -34.68 7.22
N GLY E 219 -7.76 -34.46 6.63
CA GLY E 219 -8.50 -33.21 6.77
C GLY E 219 -9.77 -33.17 5.95
N SER E 220 -10.46 -32.04 5.99
CA SER E 220 -11.74 -31.89 5.30
C SER E 220 -11.67 -30.85 4.19
N LEU E 221 -12.49 -31.04 3.16
CA LEU E 221 -12.57 -30.11 2.04
C LEU E 221 -14.02 -29.74 1.73
N TYR E 222 -14.31 -28.44 1.78
CA TYR E 222 -15.63 -27.93 1.43
C TYR E 222 -15.64 -27.43 -0.02
N HIS E 223 -16.52 -28.01 -0.83
CA HIS E 223 -16.66 -27.66 -2.23
C HIS E 223 -18.07 -27.14 -2.45
N SER E 224 -18.18 -25.86 -2.80
CA SER E 224 -19.47 -25.19 -2.90
C SER E 224 -19.99 -25.11 -4.33
N GLY E 225 -19.30 -25.80 -5.25
CA GLY E 225 -19.67 -25.81 -6.66
C GLY E 225 -19.80 -24.40 -7.24
N ASP E 226 -21.01 -24.08 -7.71
CA ASP E 226 -21.28 -22.81 -8.39
C ASP E 226 -22.24 -21.93 -7.57
N SER E 227 -22.32 -22.19 -6.27
CA SER E 227 -23.26 -21.48 -5.40
C SER E 227 -22.91 -20.01 -5.21
N HIS E 228 -23.95 -19.19 -5.05
CA HIS E 228 -23.78 -17.80 -4.65
C HIS E 228 -23.68 -17.78 -3.12
N TYR E 229 -23.59 -16.59 -2.52
CA TYR E 229 -23.52 -16.50 -1.07
C TYR E 229 -24.88 -16.77 -0.43
N SER E 230 -24.85 -17.50 0.70
CA SER E 230 -26.03 -17.70 1.52
C SER E 230 -25.67 -17.78 2.99
N ASN E 231 -26.65 -17.46 3.84
CA ASN E 231 -26.51 -17.48 5.28
C ASN E 231 -26.39 -18.90 5.86
N TYR E 232 -26.66 -19.90 5.03
CA TYR E 232 -26.60 -21.29 5.44
C TYR E 232 -25.19 -21.89 5.39
N TYR E 233 -24.20 -21.08 5.00
CA TYR E 233 -22.79 -21.45 5.13
C TYR E 233 -22.43 -21.55 6.60
N ALA E 234 -23.02 -20.66 7.40
CA ALA E 234 -22.86 -20.66 8.85
C ALA E 234 -23.39 -21.94 9.48
N LYS E 235 -24.48 -22.48 8.94
CA LYS E 235 -25.07 -23.73 9.40
C LYS E 235 -24.09 -24.89 9.27
N HIS E 236 -23.41 -24.96 8.12
CA HIS E 236 -22.43 -26.02 7.85
C HIS E 236 -21.15 -25.86 8.68
N GLY E 237 -20.78 -24.61 8.96
CA GLY E 237 -19.59 -24.31 9.76
C GLY E 237 -19.75 -24.65 11.23
N ASN E 238 -20.98 -24.55 11.73
CA ASN E 238 -21.30 -24.89 13.11
C ASN E 238 -21.35 -26.41 13.33
N GLU E 239 -21.88 -27.11 12.33
CA GLU E 239 -22.14 -28.54 12.44
C GLU E 239 -20.95 -29.42 12.05
N HIS E 240 -20.01 -28.85 11.30
CA HIS E 240 -18.87 -29.61 10.77
C HIS E 240 -17.55 -28.87 10.94
N GLN E 241 -16.47 -29.64 10.98
CA GLN E 241 -15.11 -29.09 11.06
C GLN E 241 -14.56 -28.93 9.64
N ILE E 242 -14.53 -27.69 9.16
CA ILE E 242 -14.09 -27.39 7.80
C ILE E 242 -12.67 -26.81 7.77
N ASP E 243 -11.79 -27.43 6.98
CA ASP E 243 -10.40 -27.02 6.87
C ASP E 243 -10.15 -26.13 5.66
N VAL E 244 -10.42 -26.66 4.47
CA VAL E 244 -10.24 -25.94 3.23
C VAL E 244 -11.59 -25.65 2.58
N ALA E 245 -11.79 -24.41 2.14
CA ALA E 245 -13.04 -24.00 1.50
C ALA E 245 -12.82 -23.44 0.10
N LEU E 246 -13.62 -23.93 -0.85
CA LEU E 246 -13.56 -23.46 -2.23
C LEU E 246 -14.88 -22.80 -2.63
N GLY E 247 -14.78 -21.59 -3.17
CA GLY E 247 -15.96 -20.84 -3.61
C GLY E 247 -15.80 -20.26 -5.01
N SER E 248 -16.89 -20.21 -5.75
CA SER E 248 -16.89 -19.64 -7.09
C SER E 248 -16.66 -18.14 -7.03
N TYR E 249 -15.54 -17.71 -7.60
CA TYR E 249 -15.15 -16.30 -7.62
C TYR E 249 -15.13 -15.79 -9.06
N GLY E 250 -15.34 -14.49 -9.23
CA GLY E 250 -15.31 -13.89 -10.55
C GLY E 250 -15.78 -12.45 -10.57
N GLU E 251 -15.49 -11.76 -11.66
CA GLU E 251 -15.94 -10.39 -11.85
C GLU E 251 -17.27 -10.39 -12.58
N ASN E 252 -18.34 -10.09 -11.85
CA ASN E 252 -19.67 -10.00 -12.43
C ASN E 252 -19.77 -8.84 -13.40
N PRO E 253 -20.20 -9.13 -14.66
CA PRO E 253 -20.49 -8.08 -15.62
C PRO E 253 -21.65 -7.23 -15.15
N ARG E 254 -21.83 -6.08 -15.79
CA ARG E 254 -22.91 -5.16 -15.43
C ARG E 254 -24.27 -5.85 -15.60
N GLY E 255 -25.09 -5.78 -14.56
CA GLY E 255 -26.44 -6.35 -14.58
C GLY E 255 -26.51 -7.87 -14.47
N ILE E 256 -25.42 -8.48 -14.00
CA ILE E 256 -25.37 -9.93 -13.80
C ILE E 256 -24.81 -10.26 -12.41
N THR E 257 -25.46 -11.20 -11.73
CA THR E 257 -24.94 -11.80 -10.51
C THR E 257 -24.87 -13.30 -10.75
N ASP E 258 -23.66 -13.82 -10.84
CA ASP E 258 -23.44 -15.23 -11.17
C ASP E 258 -22.27 -15.80 -10.39
N LYS E 259 -21.37 -14.92 -9.95
CA LYS E 259 -20.20 -15.30 -9.16
C LYS E 259 -20.14 -14.49 -7.86
N MSE E 260 -19.42 -15.01 -6.87
CA MSE E 260 -19.23 -14.31 -5.60
C MSE E 260 -18.16 -13.22 -5.68
O MSE E 260 -17.14 -13.41 -6.34
CB MSE E 260 -18.84 -15.30 -4.50
CG MSE E 260 -19.93 -15.69 -3.53
SE MSE E 260 -19.32 -17.28 -2.58
CE MSE E 260 -19.78 -16.79 -0.77
N THR E 261 -18.40 -12.11 -5.00
CA THR E 261 -17.43 -11.01 -4.93
C THR E 261 -16.38 -11.30 -3.87
N SER E 262 -15.23 -10.62 -3.96
CA SER E 262 -14.11 -10.82 -3.04
C SER E 262 -14.50 -10.74 -1.57
N ALA E 263 -15.41 -9.82 -1.25
CA ALA E 263 -15.90 -9.64 0.11
C ALA E 263 -16.73 -10.83 0.57
N ASP E 264 -17.52 -11.40 -0.33
CA ASP E 264 -18.35 -12.57 -0.03
C ASP E 264 -17.51 -13.82 0.17
N MSE E 265 -16.36 -13.86 -0.49
CA MSE E 265 -15.38 -14.93 -0.32
C MSE E 265 -14.87 -14.99 1.12
O MSE E 265 -14.63 -16.07 1.66
CB MSE E 265 -14.20 -14.71 -1.28
CG MSE E 265 -13.52 -15.98 -1.78
SE MSE E 265 -14.64 -17.06 -2.97
CE MSE E 265 -15.55 -15.65 -3.93
N LEU E 266 -14.73 -13.81 1.73
CA LEU E 266 -14.27 -13.69 3.10
C LEU E 266 -15.38 -14.03 4.09
N ARG E 267 -16.60 -13.64 3.75
CA ARG E 267 -17.79 -13.93 4.56
C ARG E 267 -18.04 -15.44 4.62
N MSE E 268 -17.76 -16.13 3.50
CA MSE E 268 -17.87 -17.57 3.43
C MSE E 268 -16.85 -18.26 4.33
O MSE E 268 -17.16 -19.23 5.02
CB MSE E 268 -17.70 -18.04 1.99
CG MSE E 268 -17.93 -19.52 1.79
SE MSE E 268 -17.13 -20.19 0.16
CE MSE E 268 -15.24 -19.93 0.58
N GLY E 269 -15.61 -17.76 4.30
CA GLY E 269 -14.54 -18.30 5.14
C GLY E 269 -14.87 -18.20 6.61
N GLU E 270 -15.44 -17.07 7.01
CA GLU E 270 -15.86 -16.82 8.38
C GLU E 270 -17.04 -17.71 8.78
N ALA E 271 -17.99 -17.84 7.87
CA ALA E 271 -19.20 -18.63 8.11
C ALA E 271 -18.89 -20.12 8.26
N LEU E 272 -18.00 -20.62 7.42
CA LEU E 272 -17.66 -22.05 7.42
C LEU E 272 -16.66 -22.44 8.50
N ASN E 273 -16.06 -21.44 9.15
CA ASN E 273 -14.98 -21.65 10.12
C ASN E 273 -13.81 -22.41 9.51
N ALA E 274 -13.47 -22.05 8.27
CA ALA E 274 -12.38 -22.69 7.53
C ALA E 274 -11.03 -22.23 8.05
N LYS E 275 -9.98 -22.90 7.62
CA LYS E 275 -8.61 -22.49 7.92
C LYS E 275 -7.96 -21.88 6.68
N VAL E 276 -8.46 -22.30 5.51
CA VAL E 276 -7.95 -21.86 4.22
C VAL E 276 -9.10 -21.62 3.25
N VAL E 277 -9.13 -20.42 2.67
CA VAL E 277 -10.13 -20.08 1.65
C VAL E 277 -9.45 -19.90 0.30
N ILE E 278 -9.83 -20.75 -0.65
CA ILE E 278 -9.27 -20.72 -2.00
C ILE E 278 -10.35 -20.42 -3.03
N PRO E 279 -10.22 -19.31 -3.77
CA PRO E 279 -11.14 -19.04 -4.86
C PRO E 279 -10.89 -19.93 -6.09
N PHE E 280 -11.98 -20.38 -6.72
CA PHE E 280 -11.90 -20.96 -8.05
C PHE E 280 -13.02 -20.43 -8.96
N HIS E 281 -13.09 -20.95 -10.19
CA HIS E 281 -14.07 -20.54 -11.20
C HIS E 281 -13.69 -19.23 -11.93
N HIS E 282 -12.87 -18.39 -11.28
CA HIS E 282 -12.44 -17.11 -11.84
C HIS E 282 -11.49 -17.25 -13.04
N ASP E 283 -10.98 -18.46 -13.24
CA ASP E 283 -9.99 -18.75 -14.28
C ASP E 283 -10.60 -18.93 -15.67
N ILE E 284 -11.84 -19.43 -15.72
CA ILE E 284 -12.37 -20.09 -16.91
C ILE E 284 -12.89 -19.15 -18.01
N TRP E 285 -13.65 -18.12 -17.64
CA TRP E 285 -14.34 -17.28 -18.63
C TRP E 285 -13.75 -15.90 -18.79
N SER E 286 -13.46 -15.53 -20.04
CA SER E 286 -12.88 -14.24 -20.38
C SER E 286 -13.66 -13.06 -19.80
N ASN E 287 -14.98 -13.09 -19.97
CA ASN E 287 -15.85 -12.02 -19.47
C ASN E 287 -15.99 -11.96 -17.94
N PHE E 288 -15.50 -13.00 -17.25
CA PHE E 288 -15.51 -13.03 -15.78
C PHE E 288 -14.12 -12.84 -15.16
N GLN E 289 -13.12 -12.57 -16.00
CA GLN E 289 -11.74 -12.29 -15.57
C GLN E 289 -11.71 -11.45 -14.29
N ALA E 290 -11.11 -12.01 -13.24
CA ALA E 290 -11.08 -11.37 -11.93
C ALA E 290 -9.69 -11.41 -11.30
N ASP E 291 -9.45 -10.51 -10.34
CA ASP E 291 -8.19 -10.47 -9.62
C ASP E 291 -8.38 -11.02 -8.21
N PRO E 292 -7.91 -12.26 -7.97
CA PRO E 292 -7.99 -12.89 -6.65
C PRO E 292 -7.21 -12.14 -5.56
N GLN E 293 -6.36 -11.21 -5.97
CA GLN E 293 -5.61 -10.36 -5.03
C GLN E 293 -6.51 -9.41 -4.25
N GLU E 294 -7.75 -9.23 -4.72
CA GLU E 294 -8.75 -8.43 -4.00
C GLU E 294 -9.12 -9.09 -2.68
N ILE E 295 -9.19 -10.42 -2.70
CA ILE E 295 -9.48 -11.22 -1.51
C ILE E 295 -8.39 -11.04 -0.45
N ARG E 296 -7.13 -11.00 -0.90
CA ARG E 296 -6.00 -10.82 0.00
C ARG E 296 -5.97 -9.43 0.61
N VAL E 297 -6.18 -8.42 -0.22
CA VAL E 297 -6.13 -7.02 0.21
C VAL E 297 -7.22 -6.70 1.24
N LEU E 298 -8.43 -7.19 0.99
CA LEU E 298 -9.56 -7.00 1.91
C LEU E 298 -9.33 -7.77 3.22
N TRP E 299 -8.67 -8.91 3.11
CA TRP E 299 -8.34 -9.74 4.26
C TRP E 299 -7.35 -9.05 5.20
N GLU E 300 -6.36 -8.35 4.62
CA GLU E 300 -5.35 -7.65 5.41
C GLU E 300 -5.95 -6.51 6.23
N MSE E 301 -7.08 -5.98 5.75
CA MSE E 301 -7.78 -4.87 6.39
C MSE E 301 -8.77 -5.31 7.46
O MSE E 301 -9.06 -4.56 8.39
CB MSE E 301 -8.52 -4.04 5.34
CG MSE E 301 -7.62 -3.42 4.28
SE MSE E 301 -8.66 -2.51 2.91
CE MSE E 301 -9.12 -0.89 3.89
N LYS E 302 -9.30 -6.53 7.32
CA LYS E 302 -10.38 -7.01 8.18
C LYS E 302 -9.94 -8.07 9.20
N LYS E 303 -8.88 -8.80 8.88
CA LYS E 303 -8.44 -9.97 9.66
C LYS E 303 -8.36 -9.73 11.18
N ASP E 304 -7.74 -8.63 11.57
CA ASP E 304 -7.58 -8.28 12.98
C ASP E 304 -8.89 -7.84 13.61
N ARG E 305 -9.57 -6.88 12.97
CA ARG E 305 -10.83 -6.33 13.45
C ARG E 305 -11.95 -7.37 13.56
N LEU E 306 -12.00 -8.28 12.59
CA LEU E 306 -13.05 -9.29 12.53
C LEU E 306 -12.60 -10.66 13.05
N LYS E 307 -11.35 -10.72 13.50
CA LYS E 307 -10.75 -11.93 14.06
C LYS E 307 -10.95 -13.16 13.18
N TYR E 308 -10.60 -13.04 11.90
CA TYR E 308 -10.64 -14.15 10.97
C TYR E 308 -9.71 -15.25 11.43
N GLY E 309 -10.18 -16.50 11.36
CA GLY E 309 -9.39 -17.67 11.74
C GLY E 309 -8.92 -18.48 10.55
N PHE E 310 -8.90 -17.83 9.38
CA PHE E 310 -8.46 -18.46 8.14
C PHE E 310 -7.45 -17.62 7.39
N LYS E 311 -6.90 -18.18 6.32
CA LYS E 311 -6.03 -17.46 5.40
C LYS E 311 -6.53 -17.63 3.96
N PRO E 312 -6.50 -16.55 3.15
CA PRO E 312 -6.75 -16.67 1.71
C PRO E 312 -5.60 -17.37 1.02
N PHE E 313 -5.90 -18.04 -0.10
CA PHE E 313 -4.86 -18.73 -0.88
C PHE E 313 -5.15 -18.67 -2.38
N ILE E 314 -4.23 -18.07 -3.12
CA ILE E 314 -4.37 -17.93 -4.57
C ILE E 314 -3.69 -19.09 -5.29
N TRP E 315 -4.51 -19.94 -5.89
CA TRP E 315 -4.06 -21.14 -6.59
C TRP E 315 -3.84 -20.87 -8.08
N GLN E 316 -3.25 -21.84 -8.77
CA GLN E 316 -3.13 -21.82 -10.23
C GLN E 316 -3.61 -23.15 -10.79
N VAL E 317 -4.25 -23.11 -11.96
CA VAL E 317 -4.85 -24.31 -12.59
C VAL E 317 -3.78 -25.35 -12.92
N GLY E 318 -4.05 -26.60 -12.53
CA GLY E 318 -3.09 -27.69 -12.64
C GLY E 318 -2.18 -27.77 -11.43
N GLY E 319 -2.39 -26.86 -10.47
CA GLY E 319 -1.57 -26.80 -9.27
C GLY E 319 -1.97 -27.83 -8.23
N LYS E 320 -1.05 -28.11 -7.32
CA LYS E 320 -1.29 -29.04 -6.22
C LYS E 320 -1.38 -28.27 -4.90
N PHE E 321 -2.25 -28.75 -4.01
CA PHE E 321 -2.35 -28.20 -2.66
C PHE E 321 -2.35 -29.32 -1.61
N THR E 322 -1.49 -29.18 -0.62
CA THR E 322 -1.35 -30.17 0.44
C THR E 322 -1.76 -29.58 1.78
N TRP E 323 -2.92 -29.99 2.28
CA TRP E 323 -3.34 -29.66 3.63
C TRP E 323 -2.67 -30.64 4.62
N PRO E 324 -2.18 -30.14 5.76
CA PRO E 324 -2.10 -28.73 6.15
C PRO E 324 -0.76 -28.08 5.83
N LEU E 325 0.08 -28.77 5.05
CA LEU E 325 1.43 -28.29 4.76
CA LEU E 325 1.44 -28.32 4.72
C LEU E 325 1.47 -26.93 4.07
N ASP E 326 0.48 -26.65 3.22
CA ASP E 326 0.45 -25.43 2.42
C ASP E 326 -0.46 -24.30 2.95
N LYS E 327 -1.06 -24.51 4.12
CA LYS E 327 -2.07 -23.59 4.66
C LYS E 327 -1.61 -22.14 4.92
N ASP E 328 -0.31 -21.91 4.94
CA ASP E 328 0.24 -20.59 5.27
C ASP E 328 1.03 -19.95 4.13
N ASN E 329 0.99 -20.56 2.94
CA ASN E 329 1.76 -20.11 1.79
C ASN E 329 1.22 -18.84 1.12
N PHE E 330 -0.08 -18.58 1.26
CA PHE E 330 -0.78 -17.45 0.65
C PHE E 330 -0.94 -17.53 -0.87
N GLU E 331 0.14 -17.86 -1.58
CA GLU E 331 0.13 -17.93 -3.03
C GLU E 331 0.84 -19.18 -3.55
N TYR E 332 0.36 -19.70 -4.67
CA TYR E 332 0.96 -20.85 -5.32
C TYR E 332 1.84 -20.44 -6.50
N HIS E 333 2.93 -21.18 -6.68
CA HIS E 333 3.73 -21.09 -7.90
C HIS E 333 3.97 -22.50 -8.43
N TYR E 334 3.97 -22.63 -9.76
CA TYR E 334 4.33 -23.90 -10.41
C TYR E 334 5.80 -24.21 -10.12
N PRO E 335 6.16 -25.52 -10.11
CA PRO E 335 7.57 -25.89 -9.98
C PRO E 335 8.43 -25.24 -11.06
N ARG E 336 9.67 -24.90 -10.70
CA ARG E 336 10.56 -24.17 -11.62
C ARG E 336 11.72 -25.01 -12.16
N GLY E 337 11.94 -26.18 -11.57
CA GLY E 337 13.00 -27.09 -12.01
C GLY E 337 14.40 -26.66 -11.59
N PHE E 338 15.41 -27.33 -12.15
CA PHE E 338 16.84 -27.08 -11.89
C PHE E 338 17.23 -27.27 -10.42
N MSE F 1 -57.02 9.15 21.53
CA MSE F 1 -56.01 10.12 21.13
C MSE F 1 -54.94 9.48 20.23
O MSE F 1 -54.38 8.44 20.55
CB MSE F 1 -55.35 10.75 22.36
CG MSE F 1 -54.65 12.07 22.09
SE MSE F 1 -53.81 12.81 23.70
CE MSE F 1 -53.35 14.58 23.01
N SER F 2 -54.68 10.13 19.10
CA SER F 2 -53.69 9.65 18.13
C SER F 2 -52.26 9.96 18.58
N LYS F 3 -51.29 9.20 18.05
CA LYS F 3 -49.89 9.35 18.43
C LYS F 3 -49.23 10.63 17.91
N VAL F 4 -49.63 11.10 16.74
CA VAL F 4 -49.11 12.35 16.18
C VAL F 4 -49.48 13.58 17.01
N LYS F 5 -50.45 13.42 17.92
CA LYS F 5 -50.92 14.51 18.76
C LYS F 5 -50.55 14.33 20.24
N SER F 6 -50.39 13.08 20.67
CA SER F 6 -50.05 12.79 22.07
C SER F 6 -48.56 12.99 22.35
N ILE F 7 -47.73 12.75 21.34
CA ILE F 7 -46.28 12.91 21.46
C ILE F 7 -45.89 14.38 21.51
N THR F 8 -45.04 14.73 22.47
CA THR F 8 -44.42 16.05 22.56
C THR F 8 -42.91 15.92 22.40
N ARG F 9 -42.24 17.05 22.18
CA ARG F 9 -40.78 17.09 22.05
C ARG F 9 -40.09 16.46 23.27
N GLU F 10 -40.61 16.79 24.45
CA GLU F 10 -40.07 16.27 25.71
C GLU F 10 -40.32 14.78 25.93
N SER F 11 -41.43 14.25 25.39
CA SER F 11 -41.74 12.83 25.54
C SER F 11 -40.85 11.97 24.63
N TRP F 12 -40.47 12.51 23.47
CA TRP F 12 -39.54 11.84 22.56
C TRP F 12 -38.12 11.80 23.13
N ILE F 13 -37.65 12.95 23.59
CA ILE F 13 -36.31 13.09 24.17
C ILE F 13 -36.14 12.16 25.38
N LEU F 14 -37.15 12.09 26.23
CA LEU F 14 -37.07 11.34 27.48
C LEU F 14 -37.10 9.82 27.34
N SER F 15 -37.53 9.34 26.17
CA SER F 15 -37.58 7.90 25.88
C SER F 15 -36.47 7.43 24.93
N THR F 16 -35.75 8.38 24.34
CA THR F 16 -34.71 8.05 23.37
C THR F 16 -33.30 8.22 23.95
N PHE F 17 -33.14 9.20 24.84
CA PHE F 17 -31.81 9.57 25.33
C PHE F 17 -31.61 9.22 26.81
N PRO F 18 -30.37 8.85 27.20
CA PRO F 18 -29.19 8.65 26.34
C PRO F 18 -29.31 7.42 25.45
N GLU F 19 -28.64 7.44 24.29
CA GLU F 19 -28.81 6.44 23.24
C GLU F 19 -28.71 4.99 23.69
N TRP F 20 -27.77 4.70 24.57
CA TRP F 20 -27.49 3.33 25.00
C TRP F 20 -28.29 2.93 26.24
N GLY F 21 -29.03 3.88 26.80
CA GLY F 21 -29.77 3.67 28.05
C GLY F 21 -28.84 3.28 29.17
N SER F 22 -29.18 2.20 29.88
CA SER F 22 -28.34 1.66 30.94
C SER F 22 -27.65 0.36 30.53
N TRP F 23 -27.57 0.13 29.22
CA TRP F 23 -26.91 -1.05 28.65
C TRP F 23 -25.47 -1.21 29.16
N LEU F 24 -24.66 -0.16 29.02
CA LEU F 24 -23.27 -0.20 29.44
C LEU F 24 -23.14 -0.18 30.96
N ASN F 25 -24.03 0.58 31.61
CA ASN F 25 -24.14 0.55 33.07
C ASN F 25 -24.32 -0.87 33.61
N GLU F 26 -25.15 -1.65 32.92
CA GLU F 26 -25.38 -3.05 33.26
C GLU F 26 -24.15 -3.92 32.97
N GLU F 27 -23.53 -3.72 31.81
CA GLU F 27 -22.38 -4.52 31.37
C GLU F 27 -21.20 -4.38 32.33
N ILE F 28 -20.92 -3.14 32.72
CA ILE F 28 -19.85 -2.83 33.65
C ILE F 28 -20.12 -3.44 35.03
N GLU F 29 -21.35 -3.29 35.52
CA GLU F 29 -21.76 -3.81 36.82
C GLU F 29 -21.59 -5.32 36.91
N GLN F 30 -21.91 -6.02 35.82
CA GLN F 30 -21.89 -7.48 35.79
C GLN F 30 -20.56 -8.08 35.34
N GLU F 31 -19.66 -7.24 34.82
CA GLU F 31 -18.35 -7.71 34.36
C GLU F 31 -17.51 -8.21 35.51
N GLN F 32 -17.05 -9.47 35.39
CA GLN F 32 -16.23 -10.10 36.42
C GLN F 32 -14.79 -10.18 35.93
N VAL F 33 -13.99 -9.17 36.31
CA VAL F 33 -12.61 -9.05 35.85
C VAL F 33 -11.74 -10.17 36.41
N ALA F 34 -11.17 -10.96 35.50
CA ALA F 34 -10.30 -12.09 35.85
C ALA F 34 -9.05 -11.64 36.61
N PRO F 35 -8.53 -12.50 37.51
CA PRO F 35 -7.26 -12.19 38.18
C PRO F 35 -6.09 -12.16 37.19
N GLY F 36 -5.20 -11.18 37.36
CA GLY F 36 -4.09 -10.97 36.45
C GLY F 36 -4.44 -10.08 35.27
N THR F 37 -5.65 -9.52 35.28
CA THR F 37 -6.15 -8.69 34.20
C THR F 37 -6.88 -7.46 34.74
N PHE F 38 -7.02 -6.43 33.90
CA PHE F 38 -7.97 -5.34 34.19
C PHE F 38 -8.87 -5.00 33.00
N ALA F 39 -10.09 -4.56 33.29
CA ALA F 39 -11.06 -4.20 32.26
C ALA F 39 -11.23 -2.69 32.16
N MSE F 40 -11.63 -2.22 30.99
CA MSE F 40 -11.65 -0.81 30.66
C MSE F 40 -12.72 -0.48 29.64
O MSE F 40 -12.90 -1.22 28.66
CB MSE F 40 -10.27 -0.42 30.12
CG MSE F 40 -10.10 1.03 29.78
SE MSE F 40 -8.26 1.43 29.34
CE MSE F 40 -8.05 0.52 27.63
N TRP F 41 -13.42 0.63 29.86
CA TRP F 41 -14.43 1.10 28.90
C TRP F 41 -14.20 2.56 28.53
N TRP F 42 -14.39 2.87 27.24
CA TRP F 42 -14.27 4.22 26.72
C TRP F 42 -15.64 4.89 26.74
N LEU F 43 -15.72 6.04 27.40
CA LEU F 43 -17.01 6.71 27.63
C LEU F 43 -17.21 7.95 26.75
N GLY F 44 -16.37 8.07 25.72
CA GLY F 44 -16.38 9.24 24.85
C GLY F 44 -15.39 10.27 25.34
N CYS F 45 -14.87 11.08 24.42
CA CYS F 45 -13.85 12.08 24.73
C CYS F 45 -12.67 11.41 25.46
N THR F 46 -12.35 11.86 26.67
CA THR F 46 -11.30 11.23 27.48
C THR F 46 -11.86 10.50 28.69
N GLY F 47 -13.17 10.22 28.66
CA GLY F 47 -13.85 9.52 29.74
C GLY F 47 -13.55 8.03 29.74
N ILE F 48 -13.08 7.53 30.88
CA ILE F 48 -12.67 6.13 31.03
C ILE F 48 -13.25 5.52 32.30
N TRP F 49 -13.81 4.33 32.18
CA TRP F 49 -14.21 3.54 33.34
C TRP F 49 -13.24 2.38 33.47
N LEU F 50 -12.70 2.22 34.68
CA LEU F 50 -11.71 1.18 34.95
C LEU F 50 -12.17 0.26 36.08
N LYS F 51 -12.09 -1.05 35.84
CA LYS F 51 -12.50 -2.04 36.82
C LYS F 51 -11.39 -3.07 37.07
N SER F 52 -10.93 -3.13 38.32
CA SER F 52 -9.83 -4.02 38.71
C SER F 52 -10.31 -5.44 38.95
N GLU F 53 -9.36 -6.35 39.19
CA GLU F 53 -9.67 -7.75 39.51
C GLU F 53 -10.34 -7.91 40.87
N GLY F 54 -10.17 -6.91 41.74
CA GLY F 54 -10.81 -6.89 43.05
C GLY F 54 -12.12 -6.13 43.04
N GLY F 55 -12.61 -5.84 41.83
CA GLY F 55 -13.90 -5.19 41.65
C GLY F 55 -13.96 -3.72 41.99
N THR F 56 -12.80 -3.06 42.03
CA THR F 56 -12.74 -1.63 42.28
C THR F 56 -13.17 -0.86 41.03
N ASN F 57 -14.17 0.01 41.18
CA ASN F 57 -14.70 0.78 40.06
C ASN F 57 -14.27 2.24 40.08
N VAL F 58 -13.49 2.63 39.08
CA VAL F 58 -12.94 3.98 39.01
C VAL F 58 -13.33 4.67 37.70
N CYS F 59 -13.73 5.94 37.83
CA CYS F 59 -14.22 6.74 36.71
C CYS F 59 -13.38 8.00 36.55
N VAL F 60 -12.87 8.24 35.33
CA VAL F 60 -12.01 9.39 35.03
C VAL F 60 -12.57 10.21 33.86
N ASP F 61 -12.56 11.53 34.03
CA ASP F 61 -12.93 12.51 32.98
C ASP F 61 -14.29 12.29 32.32
N PHE F 62 -15.21 11.64 33.03
CA PHE F 62 -16.53 11.34 32.48
C PHE F 62 -17.30 12.62 32.17
N TRP F 63 -17.48 12.87 30.89
CA TRP F 63 -18.16 14.08 30.43
C TRP F 63 -19.52 13.75 29.84
N CYS F 64 -20.52 14.55 30.20
CA CYS F 64 -21.88 14.32 29.74
C CYS F 64 -22.55 15.60 29.24
N GLY F 65 -21.74 16.51 28.71
CA GLY F 65 -22.23 17.71 28.05
C GLY F 65 -22.24 17.52 26.54
N THR F 66 -22.53 18.60 25.83
CA THR F 66 -22.50 18.58 24.37
C THR F 66 -21.84 19.85 23.84
N GLY F 67 -21.74 19.97 22.52
CA GLY F 67 -21.21 21.17 21.90
C GLY F 67 -22.31 22.14 21.54
N LYS F 68 -22.07 22.95 20.52
CA LYS F 68 -23.02 23.95 20.04
C LYS F 68 -24.41 23.34 19.78
N GLN F 69 -25.44 24.04 20.22
CA GLN F 69 -26.82 23.64 19.98
C GLN F 69 -27.57 24.65 19.12
N SER F 70 -26.93 25.80 18.87
CA SER F 70 -27.47 26.86 18.01
C SER F 70 -26.37 27.82 17.55
N HIS F 71 -26.70 28.61 16.52
CA HIS F 71 -25.75 29.57 15.96
C HIS F 71 -25.64 30.85 16.79
N GLY F 72 -26.64 31.08 17.65
CA GLY F 72 -26.64 32.25 18.53
C GLY F 72 -27.87 32.34 19.41
N LYS F 90 -19.30 30.50 21.19
CA LYS F 90 -18.38 31.53 20.69
C LYS F 90 -17.50 31.03 19.53
N LEU F 91 -17.82 31.56 18.34
CA LEU F 91 -17.06 31.31 17.10
C LEU F 91 -17.03 29.84 16.62
N GLN F 92 -16.16 29.03 17.23
CA GLN F 92 -15.86 27.67 16.74
C GLN F 92 -17.09 26.75 16.57
N PRO F 93 -17.17 26.06 15.41
CA PRO F 93 -18.28 25.16 15.13
C PRO F 93 -18.02 23.74 15.66
N ASN F 94 -17.78 23.64 16.96
CA ASN F 94 -17.55 22.34 17.60
C ASN F 94 -18.88 21.65 17.93
N LEU F 95 -19.13 20.53 17.26
CA LEU F 95 -20.34 19.76 17.46
C LEU F 95 -19.99 18.36 17.90
N ARG F 96 -20.70 17.88 18.93
CA ARG F 96 -20.48 16.55 19.47
C ARG F 96 -20.87 15.48 18.46
N THR F 97 -19.92 14.62 18.11
CA THR F 97 -20.12 13.61 17.08
C THR F 97 -20.21 12.19 17.63
N THR F 98 -20.19 12.07 18.96
CA THR F 98 -20.30 10.77 19.62
C THR F 98 -21.55 10.71 20.52
N PRO F 99 -22.32 9.61 20.43
CA PRO F 99 -23.51 9.45 21.27
C PRO F 99 -23.14 9.23 22.73
N PHE F 100 -24.15 9.17 23.60
CA PHE F 100 -23.93 8.94 25.02
C PHE F 100 -24.08 7.46 25.33
N VAL F 101 -22.96 6.83 25.68
CA VAL F 101 -22.92 5.38 25.86
C VAL F 101 -23.21 4.91 27.29
N LEU F 102 -23.09 5.83 28.25
CA LEU F 102 -23.30 5.51 29.66
C LEU F 102 -24.22 6.53 30.31
N ASP F 103 -25.25 6.05 30.99
CA ASP F 103 -26.15 6.90 31.76
C ASP F 103 -25.55 7.18 33.13
N PRO F 104 -25.19 8.45 33.41
CA PRO F 104 -24.58 8.81 34.69
C PRO F 104 -25.53 8.64 35.88
N PHE F 105 -26.82 8.86 35.64
CA PHE F 105 -27.84 8.70 36.68
C PHE F 105 -28.22 7.24 36.91
N ALA F 106 -27.52 6.34 36.22
CA ALA F 106 -27.69 4.90 36.40
C ALA F 106 -26.47 4.29 37.09
N ILE F 107 -25.45 5.11 37.33
CA ILE F 107 -24.26 4.70 38.06
C ILE F 107 -24.63 4.34 39.50
N ARG F 108 -24.24 3.15 39.94
CA ARG F 108 -24.54 2.71 41.29
C ARG F 108 -23.29 2.31 42.05
N GLN F 109 -22.57 1.31 41.56
CA GLN F 109 -21.36 0.82 42.21
C GLN F 109 -20.12 1.56 41.72
N ILE F 110 -19.65 2.51 42.53
CA ILE F 110 -18.44 3.29 42.21
C ILE F 110 -17.57 3.46 43.45
N ASP F 111 -16.26 3.58 43.24
CA ASP F 111 -15.30 3.71 44.34
C ASP F 111 -14.55 5.04 44.33
N ALA F 112 -14.37 5.63 43.16
CA ALA F 112 -13.68 6.92 43.02
C ALA F 112 -14.07 7.67 41.75
N VAL F 113 -14.10 8.99 41.82
CA VAL F 113 -14.40 9.86 40.68
C VAL F 113 -13.24 10.82 40.45
N LEU F 114 -12.66 10.77 39.25
CA LEU F 114 -11.45 11.51 38.96
C LEU F 114 -11.59 12.48 37.78
N ALA F 115 -10.77 13.52 37.79
CA ALA F 115 -10.72 14.51 36.71
C ALA F 115 -9.28 14.98 36.51
N THR F 116 -8.86 15.08 35.25
CA THR F 116 -7.49 15.47 34.92
C THR F 116 -7.27 16.98 35.02
N HIS F 117 -8.24 17.76 34.54
CA HIS F 117 -8.20 19.22 34.66
C HIS F 117 -9.60 19.88 34.58
N ASP F 118 -9.64 21.17 34.88
CA ASP F 118 -10.89 21.93 34.99
C ASP F 118 -11.56 22.27 33.67
N HIS F 119 -10.94 21.88 32.55
CA HIS F 119 -11.48 22.13 31.22
C HIS F 119 -12.91 21.61 31.03
N ASN F 120 -13.63 22.22 30.09
CA ASN F 120 -15.02 21.89 29.81
C ASN F 120 -15.28 20.39 29.59
N ASP F 121 -14.46 19.78 28.74
CA ASP F 121 -14.68 18.40 28.29
C ASP F 121 -14.25 17.32 29.29
N HIS F 122 -13.90 17.74 30.51
CA HIS F 122 -13.30 16.82 31.48
C HIS F 122 -13.97 16.81 32.86
N ILE F 123 -14.71 17.88 33.17
CA ILE F 123 -15.40 17.99 34.46
C ILE F 123 -16.88 18.36 34.26
N ASP F 124 -17.76 17.55 34.84
CA ASP F 124 -19.19 17.63 34.57
C ASP F 124 -20.04 17.71 35.84
N VAL F 125 -20.95 18.68 35.87
CA VAL F 125 -21.83 18.92 37.02
C VAL F 125 -22.83 17.79 37.21
N ASN F 126 -23.38 17.29 36.10
CA ASN F 126 -24.44 16.27 36.14
C ASN F 126 -23.92 14.91 36.59
N VAL F 127 -22.67 14.62 36.27
CA VAL F 127 -22.03 13.38 36.70
C VAL F 127 -21.79 13.42 38.21
N ALA F 128 -21.31 14.57 38.70
CA ALA F 128 -21.10 14.80 40.13
C ALA F 128 -22.41 14.70 40.89
N ALA F 129 -23.44 15.37 40.37
CA ALA F 129 -24.78 15.37 40.96
C ALA F 129 -25.35 13.95 41.06
N ALA F 130 -25.16 13.17 40.00
CA ALA F 130 -25.62 11.79 39.95
C ALA F 130 -24.94 10.91 41.00
N VAL F 131 -23.63 11.08 41.16
CA VAL F 131 -22.84 10.33 42.13
C VAL F 131 -23.26 10.66 43.56
N MSE F 132 -23.53 11.94 43.82
CA MSE F 132 -23.96 12.40 45.14
C MSE F 132 -25.34 11.87 45.52
O MSE F 132 -25.57 11.49 46.66
CB MSE F 132 -23.96 13.93 45.19
CG MSE F 132 -22.57 14.56 45.12
SE MSE F 132 -21.46 14.20 46.68
CE MSE F 132 -22.61 14.96 48.06
N GLN F 133 -26.24 11.84 44.54
CA GLN F 133 -27.64 11.43 44.77
C GLN F 133 -27.82 9.92 44.83
N ASN F 134 -27.00 9.19 44.08
CA ASN F 134 -27.22 7.76 43.85
C ASN F 134 -26.19 6.81 44.46
N CYS F 135 -25.00 7.34 44.76
CA CYS F 135 -23.90 6.50 45.28
C CYS F 135 -23.64 6.74 46.77
N ALA F 136 -22.71 5.96 47.31
CA ALA F 136 -22.34 6.04 48.72
C ALA F 136 -21.64 7.37 49.06
N ASP F 137 -21.84 7.83 50.29
CA ASP F 137 -21.13 9.00 50.82
C ASP F 137 -19.65 8.71 51.06
N ASP F 138 -19.26 7.48 50.74
CA ASP F 138 -17.90 6.97 50.93
C ASP F 138 -16.98 7.41 49.78
N VAL F 139 -17.57 7.69 48.62
CA VAL F 139 -16.84 7.89 47.35
C VAL F 139 -16.14 9.25 47.27
N PRO F 140 -14.79 9.24 47.15
CA PRO F 140 -14.01 10.47 47.03
C PRO F 140 -13.96 11.05 45.61
N PHE F 141 -13.97 12.38 45.54
CA PHE F 141 -13.73 13.11 44.30
C PHE F 141 -12.27 13.55 44.27
N ILE F 142 -11.55 13.12 43.25
CA ILE F 142 -10.10 13.32 43.18
C ILE F 142 -9.73 14.18 41.96
N GLY F 143 -8.90 15.20 42.19
CA GLY F 143 -8.44 16.09 41.12
C GLY F 143 -7.58 17.23 41.64
N PRO F 144 -7.01 18.04 40.71
CA PRO F 144 -6.21 19.20 41.10
C PRO F 144 -7.03 20.27 41.84
N LYS F 145 -6.34 21.23 42.45
CA LYS F 145 -6.98 22.30 43.22
C LYS F 145 -8.09 23.02 42.47
N THR F 146 -7.89 23.27 41.18
CA THR F 146 -8.89 23.94 40.35
C THR F 146 -10.19 23.15 40.16
N CYS F 147 -10.07 21.82 40.18
CA CYS F 147 -11.22 20.93 40.00
C CYS F 147 -12.09 20.83 41.25
N VAL F 148 -11.46 20.73 42.42
CA VAL F 148 -12.20 20.69 43.69
C VAL F 148 -12.91 22.03 43.96
N ASP F 149 -12.30 23.13 43.54
CA ASP F 149 -12.91 24.46 43.64
C ASP F 149 -14.20 24.55 42.84
N LEU F 150 -14.28 23.78 41.75
CA LEU F 150 -15.52 23.65 40.98
C LEU F 150 -16.53 22.77 41.74
N TRP F 151 -16.08 21.59 42.17
CA TRP F 151 -16.91 20.64 42.90
C TRP F 151 -17.52 21.22 44.18
N ILE F 152 -16.70 21.91 44.96
CA ILE F 152 -17.16 22.55 46.20
C ILE F 152 -18.19 23.64 45.90
N GLY F 153 -17.89 24.48 44.90
CA GLY F 153 -18.80 25.54 44.46
C GLY F 153 -20.09 25.03 43.82
N TRP F 154 -20.10 23.76 43.44
CA TRP F 154 -21.28 23.13 42.85
C TRP F 154 -22.19 22.51 43.91
N GLY F 155 -21.59 22.05 45.01
CA GLY F 155 -22.35 21.45 46.10
C GLY F 155 -21.73 20.19 46.70
N VAL F 156 -20.58 19.78 46.17
CA VAL F 156 -19.83 18.66 46.72
C VAL F 156 -19.07 19.16 47.94
N PRO F 157 -19.37 18.58 49.13
CA PRO F 157 -18.67 18.98 50.35
C PRO F 157 -17.17 18.74 50.28
N LYS F 158 -16.41 19.66 50.86
CA LYS F 158 -14.93 19.64 50.86
C LYS F 158 -14.33 18.36 51.47
N GLU F 159 -15.05 17.67 52.32
CA GLU F 159 -14.50 16.49 52.97
C GLU F 159 -14.52 15.32 52.07
N ARG F 160 -15.32 15.41 51.05
CA ARG F 160 -15.40 14.35 50.05
C ARG F 160 -14.28 14.43 49.01
N CYS F 161 -13.68 15.62 48.88
CA CYS F 161 -12.67 15.88 47.86
C CYS F 161 -11.24 15.64 48.33
N ILE F 162 -10.39 15.18 47.41
CA ILE F 162 -8.96 15.07 47.64
C ILE F 162 -8.22 15.87 46.57
N VAL F 163 -7.49 16.89 47.00
CA VAL F 163 -6.65 17.68 46.11
C VAL F 163 -5.37 16.90 45.83
N VAL F 164 -5.01 16.77 44.55
CA VAL F 164 -3.79 16.06 44.17
C VAL F 164 -2.81 16.92 43.37
N LYS F 165 -1.55 16.49 43.37
CA LYS F 165 -0.45 17.14 42.68
C LYS F 165 0.49 16.07 42.12
N PRO F 166 1.37 16.43 41.17
CA PRO F 166 2.40 15.47 40.78
C PRO F 166 3.21 15.00 41.99
N GLY F 167 3.32 13.68 42.14
CA GLY F 167 3.98 13.10 43.31
C GLY F 167 3.00 12.38 44.23
N ASP F 168 1.78 12.93 44.35
CA ASP F 168 0.73 12.38 45.21
C ASP F 168 0.29 10.99 44.79
N VAL F 169 0.14 10.11 45.78
CA VAL F 169 -0.35 8.75 45.56
C VAL F 169 -1.60 8.50 46.41
N VAL F 170 -2.69 8.11 45.74
CA VAL F 170 -3.96 7.82 46.41
C VAL F 170 -4.31 6.35 46.20
N LYS F 171 -4.49 5.63 47.31
CA LYS F 171 -4.89 4.23 47.27
C LYS F 171 -6.40 4.08 47.38
N VAL F 172 -7.00 3.54 46.32
CA VAL F 172 -8.44 3.25 46.32
C VAL F 172 -8.63 1.73 46.18
N LYS F 173 -8.83 1.09 47.34
CA LYS F 173 -8.96 -0.36 47.45
C LYS F 173 -7.87 -1.11 46.68
N ASP F 174 -8.22 -1.68 45.53
CA ASP F 174 -7.30 -2.47 44.73
C ASP F 174 -6.40 -1.59 43.85
N ILE F 175 -6.92 -0.42 43.47
CA ILE F 175 -6.22 0.47 42.53
C ILE F 175 -5.41 1.54 43.24
N GLU F 176 -4.15 1.70 42.80
CA GLU F 176 -3.28 2.76 43.28
C GLU F 176 -3.19 3.85 42.22
N ILE F 177 -3.52 5.09 42.60
CA ILE F 177 -3.55 6.20 41.67
C ILE F 177 -2.34 7.11 41.84
N HIS F 178 -1.52 7.19 40.79
CA HIS F 178 -0.34 8.06 40.78
C HIS F 178 -0.62 9.32 39.97
N ALA F 179 -0.72 10.44 40.67
CA ALA F 179 -0.85 11.74 40.02
C ALA F 179 0.53 12.19 39.52
N LEU F 180 0.62 12.40 38.21
CA LEU F 180 1.87 12.76 37.57
C LEU F 180 1.77 14.12 36.86
N ASP F 181 2.89 14.60 36.35
CA ASP F 181 2.97 15.89 35.68
C ASP F 181 2.13 15.91 34.41
N ALA F 182 1.33 16.97 34.25
CA ALA F 182 0.54 17.17 33.04
C ALA F 182 1.17 18.25 32.17
N PHE F 183 0.98 18.12 30.87
CA PHE F 183 1.60 19.02 29.89
C PHE F 183 0.52 19.70 29.06
N ASP F 184 -0.35 20.44 29.74
CA ASP F 184 -1.55 21.01 29.12
C ASP F 184 -1.27 22.21 28.22
N ARG F 185 -0.16 22.90 28.47
CA ARG F 185 0.24 24.08 27.71
C ARG F 185 1.77 24.23 27.64
N MSE F 205 0.16 25.46 36.71
CA MSE F 205 0.45 24.12 36.17
C MSE F 205 -0.01 23.01 37.10
O MSE F 205 -0.92 22.24 36.75
CB MSE F 205 1.95 23.99 35.88
CG MSE F 205 2.41 24.66 34.59
SE MSE F 205 4.35 24.59 34.37
CE MSE F 205 4.47 24.94 32.44
N ASP F 206 0.59 22.92 38.29
CA ASP F 206 0.30 21.87 39.27
C ASP F 206 -1.07 22.03 39.92
N ASP F 207 -1.54 23.27 40.03
CA ASP F 207 -2.88 23.56 40.54
C ASP F 207 -3.94 23.32 39.47
N ARG F 208 -3.51 23.39 38.20
CA ARG F 208 -4.41 23.35 37.05
C ARG F 208 -4.72 21.93 36.54
N ALA F 209 -3.69 21.09 36.43
CA ALA F 209 -3.84 19.79 35.76
C ALA F 209 -2.89 18.72 36.28
N VAL F 210 -3.31 17.46 36.15
CA VAL F 210 -2.48 16.29 36.47
C VAL F 210 -2.69 15.16 35.45
N ASN F 211 -1.65 14.35 35.26
CA ASN F 211 -1.79 13.08 34.56
C ASN F 211 -1.98 11.95 35.57
N TYR F 212 -2.62 10.87 35.16
CA TYR F 212 -2.87 9.74 36.05
C TYR F 212 -2.20 8.47 35.58
N LEU F 213 -1.71 7.68 36.54
CA LEU F 213 -1.28 6.32 36.28
C LEU F 213 -1.95 5.41 37.31
N PHE F 214 -2.73 4.45 36.81
CA PHE F 214 -3.49 3.55 37.66
C PHE F 214 -2.82 2.19 37.76
N LYS F 215 -2.34 1.86 38.95
CA LYS F 215 -1.73 0.56 39.21
C LYS F 215 -2.73 -0.40 39.83
N THR F 216 -3.03 -1.47 39.09
CA THR F 216 -3.87 -2.56 39.55
C THR F 216 -3.01 -3.82 39.60
N PRO F 217 -3.48 -4.89 40.27
CA PRO F 217 -2.73 -6.15 40.23
C PRO F 217 -2.64 -6.77 38.84
N GLY F 218 -3.59 -6.42 37.97
CA GLY F 218 -3.62 -6.92 36.60
C GLY F 218 -2.69 -6.17 35.66
N GLY F 219 -2.41 -4.91 35.99
CA GLY F 219 -1.55 -4.06 35.17
C GLY F 219 -1.81 -2.57 35.37
N SER F 220 -1.08 -1.75 34.62
CA SER F 220 -1.17 -0.30 34.76
C SER F 220 -1.80 0.40 33.55
N LEU F 221 -2.39 1.57 33.78
CA LEU F 221 -3.02 2.37 32.73
C LEU F 221 -2.63 3.84 32.84
N TYR F 222 -2.03 4.37 31.78
CA TYR F 222 -1.62 5.78 31.75
C TYR F 222 -2.69 6.63 31.07
N HIS F 223 -3.19 7.63 31.82
CA HIS F 223 -4.20 8.53 31.34
C HIS F 223 -3.63 9.94 31.27
N SER F 224 -3.31 10.38 30.05
CA SER F 224 -2.63 11.66 29.85
C SER F 224 -3.57 12.86 29.74
N GLY F 225 -4.87 12.63 29.96
CA GLY F 225 -5.87 13.68 29.85
C GLY F 225 -5.80 14.36 28.49
N ASP F 226 -5.75 15.70 28.51
CA ASP F 226 -5.65 16.48 27.27
C ASP F 226 -4.26 17.13 27.14
N SER F 227 -3.23 16.38 27.54
CA SER F 227 -1.85 16.86 27.49
C SER F 227 -1.29 16.92 26.07
N HIS F 228 -0.57 18.00 25.79
CA HIS F 228 0.27 18.10 24.59
C HIS F 228 1.48 17.20 24.78
N TYR F 229 2.27 17.01 23.72
CA TYR F 229 3.47 16.19 23.84
C TYR F 229 4.54 16.88 24.66
N SER F 230 5.16 16.12 25.56
CA SER F 230 6.31 16.58 26.34
C SER F 230 7.34 15.47 26.49
N ASN F 231 8.58 15.87 26.71
CA ASN F 231 9.69 14.93 26.91
C ASN F 231 9.56 14.15 28.22
N TYR F 232 8.82 14.70 29.18
CA TYR F 232 8.66 14.08 30.50
C TYR F 232 7.83 12.80 30.48
N TYR F 233 7.34 12.40 29.31
CA TYR F 233 6.78 11.06 29.15
C TYR F 233 7.88 10.03 29.36
N ALA F 234 9.09 10.36 28.92
CA ALA F 234 10.26 9.52 29.11
C ALA F 234 10.61 9.38 30.60
N LYS F 235 10.46 10.48 31.33
CA LYS F 235 10.64 10.49 32.78
C LYS F 235 9.68 9.51 33.44
N HIS F 236 8.40 9.56 33.07
CA HIS F 236 7.37 8.67 33.60
C HIS F 236 7.58 7.23 33.14
N GLY F 237 8.16 7.06 31.96
CA GLY F 237 8.44 5.74 31.41
C GLY F 237 9.63 5.06 32.06
N ASN F 238 10.57 5.86 32.54
CA ASN F 238 11.75 5.36 33.24
C ASN F 238 11.43 4.93 34.67
N GLU F 239 10.64 5.75 35.36
CA GLU F 239 10.34 5.56 36.79
C GLU F 239 9.24 4.53 37.04
N HIS F 240 8.29 4.45 36.11
CA HIS F 240 7.13 3.56 36.28
C HIS F 240 7.04 2.52 35.17
N GLN F 241 6.33 1.42 35.46
CA GLN F 241 5.99 0.44 34.45
C GLN F 241 4.61 0.77 33.90
N ILE F 242 4.54 0.97 32.58
CA ILE F 242 3.29 1.35 31.92
C ILE F 242 2.88 0.30 30.89
N ASP F 243 1.67 -0.22 31.02
CA ASP F 243 1.17 -1.25 30.13
C ASP F 243 0.34 -0.64 28.98
N VAL F 244 -0.74 0.04 29.34
CA VAL F 244 -1.62 0.68 28.37
C VAL F 244 -1.54 2.20 28.55
N ALA F 245 -1.41 2.92 27.43
CA ALA F 245 -1.32 4.37 27.46
C ALA F 245 -2.34 5.03 26.56
N LEU F 246 -3.04 6.02 27.10
CA LEU F 246 -4.04 6.77 26.36
C LEU F 246 -3.55 8.19 26.11
N GLY F 247 -3.76 8.67 24.88
CA GLY F 247 -3.33 10.00 24.48
C GLY F 247 -4.35 10.77 23.65
N SER F 248 -4.47 12.06 23.92
CA SER F 248 -5.39 12.94 23.20
C SER F 248 -4.96 13.13 21.75
N TYR F 249 -5.76 12.56 20.84
CA TYR F 249 -5.50 12.62 19.42
C TYR F 249 -6.57 13.47 18.74
N GLY F 250 -6.23 14.01 17.57
CA GLY F 250 -7.17 14.82 16.80
C GLY F 250 -6.52 15.53 15.63
N GLU F 251 -7.36 16.01 14.71
CA GLU F 251 -6.89 16.77 13.57
C GLU F 251 -6.97 18.27 13.88
N ASN F 252 -5.83 18.85 14.21
CA ASN F 252 -5.75 20.27 14.53
C ASN F 252 -6.16 21.15 13.35
N PRO F 253 -7.12 22.06 13.56
CA PRO F 253 -7.47 23.05 12.55
C PRO F 253 -6.28 23.98 12.28
N ARG F 254 -6.26 24.59 11.10
CA ARG F 254 -5.19 25.48 10.69
C ARG F 254 -4.91 26.56 11.73
N GLY F 255 -3.65 26.65 12.18
CA GLY F 255 -3.25 27.65 13.17
C GLY F 255 -3.66 27.35 14.61
N ILE F 256 -3.89 26.07 14.90
CA ILE F 256 -4.23 25.62 16.24
C ILE F 256 -3.42 24.37 16.63
N THR F 257 -2.89 24.37 17.86
CA THR F 257 -2.21 23.20 18.43
C THR F 257 -2.88 22.83 19.75
N ASP F 258 -3.81 21.88 19.68
CA ASP F 258 -4.65 21.54 20.81
C ASP F 258 -4.67 20.04 21.08
N LYS F 259 -4.44 19.27 20.03
CA LYS F 259 -4.40 17.81 20.12
C LYS F 259 -3.10 17.31 19.51
N MSE F 260 -2.72 16.08 19.85
CA MSE F 260 -1.50 15.49 19.33
C MSE F 260 -1.66 14.93 17.93
O MSE F 260 -2.75 14.51 17.53
CB MSE F 260 -0.97 14.41 20.25
CG MSE F 260 -0.15 14.92 21.40
SE MSE F 260 0.08 13.51 22.70
CE MSE F 260 1.83 12.85 22.21
N THR F 261 -0.55 14.92 17.21
CA THR F 261 -0.48 14.34 15.88
C THR F 261 -0.34 12.82 15.97
N SER F 262 -0.50 12.14 14.85
CA SER F 262 -0.32 10.70 14.75
C SER F 262 1.11 10.27 15.05
N ALA F 263 2.06 11.14 14.71
CA ALA F 263 3.49 10.89 14.95
C ALA F 263 3.84 11.06 16.42
N ASP F 264 3.21 12.05 17.06
CA ASP F 264 3.38 12.30 18.49
C ASP F 264 2.86 11.14 19.34
N MSE F 265 1.80 10.48 18.86
CA MSE F 265 1.22 9.32 19.53
C MSE F 265 2.21 8.17 19.63
O MSE F 265 2.26 7.47 20.64
CB MSE F 265 -0.03 8.86 18.80
CG MSE F 265 -1.23 9.78 18.94
SE MSE F 265 -2.18 9.56 20.62
CE MSE F 265 -0.95 10.44 21.84
N LEU F 266 3.01 7.99 18.59
CA LEU F 266 4.03 6.95 18.55
C LEU F 266 5.22 7.31 19.44
N ARG F 267 5.53 8.60 19.51
CA ARG F 267 6.60 9.10 20.36
C ARG F 267 6.25 8.97 21.84
N MSE F 268 4.98 9.22 22.15
CA MSE F 268 4.46 9.07 23.51
C MSE F 268 4.56 7.61 23.96
O MSE F 268 5.00 7.34 25.10
CB MSE F 268 3.00 9.53 23.59
CG MSE F 268 2.45 9.61 25.00
SE MSE F 268 0.51 9.43 25.11
CE MSE F 268 0.34 7.57 24.52
N GLY F 269 4.17 6.68 23.10
CA GLY F 269 4.24 5.26 23.39
C GLY F 269 5.64 4.74 23.60
N GLU F 270 6.59 5.33 22.85
CA GLU F 270 7.99 4.97 22.95
C GLU F 270 8.62 5.50 24.25
N ALA F 271 8.24 6.73 24.62
CA ALA F 271 8.77 7.38 25.81
C ALA F 271 8.24 6.76 27.10
N LEU F 272 6.96 6.36 27.09
CA LEU F 272 6.33 5.75 28.25
C LEU F 272 6.68 4.26 28.38
N ASN F 273 7.38 3.74 27.38
CA ASN F 273 7.69 2.30 27.29
C ASN F 273 6.46 1.42 27.45
N ALA F 274 5.36 1.87 26.84
CA ALA F 274 4.08 1.17 26.90
C ALA F 274 4.10 -0.08 26.04
N LYS F 275 3.07 -0.91 26.18
CA LYS F 275 2.90 -2.09 25.33
C LYS F 275 1.72 -1.88 24.39
N VAL F 276 0.79 -1.02 24.82
CA VAL F 276 -0.37 -0.65 24.01
C VAL F 276 -0.54 0.86 24.03
N VAL F 277 -0.70 1.45 22.85
CA VAL F 277 -0.98 2.88 22.71
C VAL F 277 -2.36 3.06 22.07
N ILE F 278 -3.22 3.85 22.72
CA ILE F 278 -4.60 4.04 22.28
C ILE F 278 -4.96 5.52 22.20
N PRO F 279 -5.38 5.99 21.02
CA PRO F 279 -5.86 7.36 20.89
C PRO F 279 -7.28 7.51 21.42
N PHE F 280 -7.55 8.68 22.00
CA PHE F 280 -8.91 9.09 22.35
C PHE F 280 -9.06 10.62 22.26
N HIS F 281 -10.26 11.13 22.50
CA HIS F 281 -10.60 12.56 22.31
C HIS F 281 -10.87 12.94 20.85
N HIS F 282 -10.38 12.14 19.91
CA HIS F 282 -10.58 12.40 18.48
C HIS F 282 -12.02 12.10 18.04
N ASP F 283 -12.78 11.47 18.92
CA ASP F 283 -14.15 11.06 18.65
C ASP F 283 -15.15 12.20 18.78
N ILE F 284 -14.88 13.11 19.72
CA ILE F 284 -15.89 14.02 20.26
C ILE F 284 -16.24 15.25 19.42
N TRP F 285 -15.24 15.89 18.82
CA TRP F 285 -15.48 17.17 18.13
C TRP F 285 -15.42 17.12 16.61
N SER F 286 -16.50 17.57 15.98
CA SER F 286 -16.65 17.60 14.52
C SER F 286 -15.45 18.23 13.81
N ASN F 287 -15.01 19.38 14.31
CA ASN F 287 -13.90 20.12 13.71
C ASN F 287 -12.50 19.54 14.02
N PHE F 288 -12.46 18.52 14.87
CA PHE F 288 -11.21 17.84 15.20
C PHE F 288 -11.17 16.39 14.69
N GLN F 289 -12.17 16.03 13.88
CA GLN F 289 -12.29 14.70 13.28
C GLN F 289 -10.99 14.24 12.61
N ALA F 290 -10.44 13.14 13.11
CA ALA F 290 -9.16 12.61 12.62
C ALA F 290 -9.29 11.16 12.15
N ASP F 291 -8.25 10.66 11.48
CA ASP F 291 -8.19 9.27 11.05
C ASP F 291 -7.20 8.49 11.89
N PRO F 292 -7.70 7.64 12.82
CA PRO F 292 -6.84 6.86 13.70
C PRO F 292 -5.91 5.88 12.99
N GLN F 293 -6.23 5.53 11.74
CA GLN F 293 -5.38 4.65 10.91
C GLN F 293 -4.03 5.29 10.61
N GLU F 294 -4.00 6.62 10.62
CA GLU F 294 -2.78 7.41 10.44
C GLU F 294 -1.66 6.94 11.38
N ILE F 295 -2.05 6.59 12.60
CA ILE F 295 -1.14 6.07 13.63
C ILE F 295 -0.61 4.68 13.25
N ARG F 296 -1.49 3.81 12.78
CA ARG F 296 -1.12 2.46 12.36
C ARG F 296 -0.13 2.46 11.19
N VAL F 297 -0.39 3.30 10.19
CA VAL F 297 0.46 3.37 8.99
C VAL F 297 1.87 3.85 9.34
N LEU F 298 1.95 4.93 10.13
CA LEU F 298 3.23 5.45 10.60
C LEU F 298 3.97 4.43 11.45
N TRP F 299 3.21 3.67 12.25
CA TRP F 299 3.75 2.59 13.06
C TRP F 299 4.42 1.52 12.19
N GLU F 300 3.70 1.04 11.18
CA GLU F 300 4.22 0.01 10.26
C GLU F 300 5.53 0.41 9.59
N MSE F 301 5.65 1.68 9.24
CA MSE F 301 6.85 2.21 8.61
C MSE F 301 8.03 2.32 9.57
O MSE F 301 9.18 2.16 9.17
CB MSE F 301 6.57 3.59 7.99
CG MSE F 301 5.55 3.57 6.85
SE MSE F 301 5.12 5.37 6.22
CE MSE F 301 6.73 5.72 5.16
N LYS F 302 7.73 2.58 10.85
CA LYS F 302 8.77 2.86 11.85
C LYS F 302 9.17 1.67 12.71
N LYS F 303 8.23 0.73 12.93
CA LYS F 303 8.34 -0.26 14.00
C LYS F 303 9.66 -1.03 14.11
N ASP F 304 10.21 -1.45 12.96
CA ASP F 304 11.44 -2.23 12.93
C ASP F 304 12.67 -1.35 13.14
N ARG F 305 12.72 -0.25 12.40
CA ARG F 305 13.85 0.67 12.43
C ARG F 305 14.03 1.30 13.81
N LEU F 306 12.93 1.67 14.45
CA LEU F 306 12.97 2.34 15.74
C LEU F 306 12.77 1.39 16.92
N LYS F 307 12.58 0.11 16.60
CA LYS F 307 12.45 -0.98 17.58
C LYS F 307 11.31 -0.73 18.56
N TYR F 308 10.16 -0.29 18.05
CA TYR F 308 9.00 0.02 18.90
C TYR F 308 8.57 -1.21 19.70
N GLY F 309 8.43 -1.03 21.01
CA GLY F 309 8.05 -2.11 21.91
C GLY F 309 6.56 -2.12 22.23
N PHE F 310 5.78 -1.39 21.44
CA PHE F 310 4.34 -1.28 21.64
C PHE F 310 3.56 -1.50 20.35
N LYS F 311 2.26 -1.77 20.50
CA LYS F 311 1.34 -1.79 19.37
C LYS F 311 0.28 -0.71 19.54
N PRO F 312 -0.12 -0.06 18.42
CA PRO F 312 -1.27 0.83 18.49
C PRO F 312 -2.57 0.03 18.59
N PHE F 313 -3.61 0.68 19.11
CA PHE F 313 -4.92 0.06 19.20
C PHE F 313 -6.00 1.09 18.91
N ILE F 314 -6.81 0.81 17.88
CA ILE F 314 -7.91 1.70 17.53
C ILE F 314 -9.19 1.21 18.20
N TRP F 315 -9.70 2.02 19.11
CA TRP F 315 -10.81 1.69 19.98
C TRP F 315 -12.06 2.40 19.48
N GLN F 316 -13.23 1.93 19.93
CA GLN F 316 -14.49 2.60 19.64
C GLN F 316 -15.22 2.95 20.92
N VAL F 317 -15.92 4.09 20.91
CA VAL F 317 -16.65 4.59 22.08
C VAL F 317 -17.68 3.58 22.56
N GLY F 318 -17.74 3.38 23.89
CA GLY F 318 -18.63 2.41 24.49
C GLY F 318 -18.04 1.01 24.47
N GLY F 319 -16.84 0.89 23.92
CA GLY F 319 -16.19 -0.40 23.77
C GLY F 319 -15.38 -0.80 24.99
N LYS F 320 -15.09 -2.08 25.09
CA LYS F 320 -14.33 -2.62 26.21
C LYS F 320 -12.93 -3.02 25.77
N PHE F 321 -11.96 -2.82 26.65
CA PHE F 321 -10.61 -3.34 26.48
C PHE F 321 -10.21 -4.10 27.74
N THR F 322 -9.61 -5.26 27.55
CA THR F 322 -9.11 -6.06 28.65
C THR F 322 -7.60 -6.27 28.48
N TRP F 323 -6.82 -5.66 29.37
CA TRP F 323 -5.39 -5.91 29.43
C TRP F 323 -5.13 -7.21 30.20
N PRO F 324 -4.26 -8.09 29.68
CA PRO F 324 -3.51 -8.01 28.43
C PRO F 324 -4.14 -8.76 27.25
N LEU F 325 -5.37 -9.23 27.43
CA LEU F 325 -6.06 -10.07 26.44
C LEU F 325 -6.12 -9.47 25.05
N ASP F 326 -6.37 -8.16 24.97
CA ASP F 326 -6.62 -7.47 23.70
C ASP F 326 -5.41 -6.68 23.18
N LYS F 327 -4.25 -6.89 23.77
CA LYS F 327 -3.06 -6.09 23.44
C LYS F 327 -2.55 -6.25 22.00
N ASP F 328 -2.83 -7.40 21.38
CA ASP F 328 -2.37 -7.70 20.02
C ASP F 328 -3.47 -7.59 18.96
N ASN F 329 -4.59 -6.98 19.33
CA ASN F 329 -5.77 -6.94 18.45
C ASN F 329 -5.75 -5.91 17.31
N PHE F 330 -4.96 -4.86 17.48
CA PHE F 330 -4.87 -3.72 16.54
C PHE F 330 -6.14 -2.86 16.46
N GLU F 331 -7.28 -3.50 16.26
CA GLU F 331 -8.55 -2.79 16.08
C GLU F 331 -9.69 -3.41 16.88
N TYR F 332 -10.45 -2.56 17.56
CA TYR F 332 -11.66 -3.00 18.27
C TYR F 332 -12.83 -3.11 17.30
N HIS F 333 -13.70 -4.09 17.55
CA HIS F 333 -15.01 -4.16 16.91
C HIS F 333 -16.07 -4.49 17.95
N TYR F 334 -17.21 -3.81 17.86
CA TYR F 334 -18.35 -4.06 18.73
C TYR F 334 -18.82 -5.51 18.59
N PRO F 335 -19.35 -6.10 19.68
CA PRO F 335 -19.97 -7.42 19.59
C PRO F 335 -20.98 -7.49 18.45
N ARG F 336 -20.95 -8.57 17.68
CA ARG F 336 -21.79 -8.69 16.48
C ARG F 336 -23.05 -9.54 16.65
N GLY F 337 -23.05 -10.43 17.65
CA GLY F 337 -24.15 -11.36 17.85
C GLY F 337 -24.04 -12.58 16.95
N PHE F 338 -24.95 -13.54 17.16
CA PHE F 338 -24.93 -14.84 16.46
C PHE F 338 -23.60 -15.58 16.60
C1 GOL G . -22.22 20.26 9.28
O1 GOL G . -22.42 20.59 7.92
C2 GOL G . -21.84 21.50 10.07
O2 GOL G . -22.94 21.94 10.83
C3 GOL G . -20.69 21.19 11.01
O3 GOL G . -20.05 22.38 11.39
C1 GOL H . -41.89 9.90 9.01
O1 GOL H . -42.18 8.80 9.84
C2 GOL H . -40.48 9.75 8.43
O2 GOL H . -39.56 9.51 9.48
C3 GOL H . -40.44 8.62 7.41
O3 GOL H . -39.11 8.31 7.07
C1 GOL I . -54.90 -0.86 5.77
O1 GOL I . -54.95 -1.09 4.37
C2 GOL I . -54.94 -2.19 6.52
O2 GOL I . -54.05 -3.11 5.94
C3 GOL I . -54.56 -1.95 7.98
O3 GOL I . -53.16 -1.87 8.13
C1 GOL J . -10.92 -10.88 -27.07
O1 GOL J . -10.27 -10.07 -28.01
C2 GOL J . -12.43 -10.70 -27.20
O2 GOL J . -12.84 -11.06 -28.50
C3 GOL J . -13.13 -11.60 -26.18
O3 GOL J . -14.48 -11.23 -26.07
C1 GOL K . 6.81 -17.77 -37.71
O1 GOL K . 7.01 -17.21 -36.44
C2 GOL K . 5.77 -18.89 -37.62
O2 GOL K . 4.58 -18.37 -37.07
C3 GOL K . 5.48 -19.43 -39.02
O3 GOL K . 6.42 -20.42 -39.34
C FOR L . 46.86 38.02 19.19
O FOR L . 47.35 38.27 18.09
C1 GOL M . 40.68 -2.06 14.71
O1 GOL M . 40.84 -2.26 16.10
C2 GOL M . 41.30 -0.72 14.34
O2 GOL M . 42.62 -0.93 13.89
C3 GOL M . 40.47 -0.06 13.26
O3 GOL M . 40.76 1.33 13.27
C1 GOL N . 27.78 5.03 16.60
O1 GOL N . 26.83 5.97 17.04
C2 GOL N . 27.43 4.53 15.20
O2 GOL N . 26.98 5.62 14.41
C3 GOL N . 28.65 3.90 14.54
O3 GOL N . 28.23 2.75 13.83
C1 GOL O . 43.98 -0.97 -0.05
O1 GOL O . 44.55 -0.54 -1.27
C2 GOL O . 42.48 -1.20 -0.19
O2 GOL O . 41.87 -0.09 -0.82
C3 GOL O . 42.22 -2.45 -1.00
O3 GOL O . 40.84 -2.76 -0.96
C1 GOL P . 14.81 -17.76 8.37
O1 GOL P . 13.55 -17.92 7.75
C2 GOL P . 15.63 -16.70 7.64
O2 GOL P . 16.98 -16.85 7.96
C3 GOL P . 15.16 -15.32 8.07
O3 GOL P . 14.16 -14.85 7.18
C1 GOL Q . 29.01 31.34 -7.17
O1 GOL Q . 28.52 32.59 -7.54
C2 GOL Q . 30.20 31.52 -6.23
O2 GOL Q . 29.79 32.27 -5.11
C3 GOL Q . 30.74 30.17 -5.79
O3 GOL Q . 29.92 29.61 -4.79
C1 GOL R . 15.46 27.33 -16.76
O1 GOL R . 14.31 27.57 -15.99
C2 GOL R . 16.37 26.35 -16.02
O2 GOL R . 17.72 26.60 -16.35
C3 GOL R . 16.00 24.93 -16.42
O3 GOL R . 15.61 24.21 -15.27
C1 GOL S . 23.29 19.05 -9.31
O1 GOL S . 23.58 19.74 -8.11
C2 GOL S . 24.52 18.31 -9.81
O2 GOL S . 25.68 19.11 -9.74
C3 GOL S . 24.75 17.03 -9.02
O3 GOL S . 25.27 16.05 -9.89
C1 GOL T . 25.89 31.98 8.53
O1 GOL T . 24.84 31.06 8.61
C2 GOL T . 27.23 31.25 8.58
O2 GOL T . 27.33 30.42 7.44
C3 GOL T . 28.38 32.26 8.55
O3 GOL T . 28.96 32.35 9.83
C1 GOL U . -19.01 -36.13 -15.40
O1 GOL U . -18.13 -37.20 -15.60
C2 GOL U . -18.31 -35.05 -14.60
O2 GOL U . -18.21 -33.87 -15.38
C3 GOL U . -19.13 -34.77 -13.34
O3 GOL U . -18.86 -33.48 -12.84
C1 GOL V . -5.56 -39.61 -12.79
O1 GOL V . -4.86 -39.82 -14.00
C2 GOL V . -5.65 -40.91 -12.00
O2 GOL V . -6.01 -42.00 -12.82
C3 GOL V . -4.31 -41.21 -11.32
O3 GOL V . -4.50 -42.22 -10.36
C1 GOL W . -3.62 -20.68 10.65
O1 GOL W . -4.16 -21.87 10.12
C2 GOL W . -4.43 -19.47 10.17
O2 GOL W . -5.80 -19.79 10.18
C3 GOL W . -4.16 -18.30 11.11
O3 GOL W . -5.06 -17.25 10.83
C1 GOL X . -5.37 -11.09 -12.99
O1 GOL X . -5.09 -11.35 -14.35
C2 GOL X . -5.50 -9.58 -12.73
O2 GOL X . -4.23 -8.97 -12.80
C3 GOL X . -6.45 -8.92 -13.72
O3 GOL X . -7.78 -9.26 -13.39
C FOR Y . -58.90 8.27 24.11
O FOR Y . -58.61 7.78 23.02
C1 GOL Z . -15.30 14.67 36.32
O1 GOL Z . -14.70 13.40 36.34
C2 GOL Z . -16.83 14.54 36.19
O2 GOL Z . -17.16 13.30 35.60
C3 GOL Z . -17.48 14.64 37.56
O3 GOL Z . -17.62 16.00 37.93
C1 GOL AA . 4.18 -5.20 21.36
O1 GOL AA . 4.87 -5.70 20.23
C2 GOL AA . 3.89 -6.36 22.31
O2 GOL AA . 5.10 -6.80 22.88
C3 GOL AA . 2.95 -5.88 23.42
O3 GOL AA . 1.61 -5.91 22.96
C1 GOL BA . -11.61 10.35 8.81
O1 GOL BA . -12.34 10.58 10.00
C2 GOL BA . -11.94 8.95 8.30
O2 GOL BA . -11.54 8.00 9.26
C3 GOL BA . -11.21 8.69 6.99
O3 GOL BA . -12.04 9.04 5.91
#